data_4C91
#
_entry.id   4C91
#
_cell.length_a   72.040
_cell.length_b   130.290
_cell.length_c   190.170
_cell.angle_alpha   90.00
_cell.angle_beta   90.00
_cell.angle_gamma   90.00
#
_symmetry.space_group_name_H-M   'P 21 21 21'
#
loop_
_entity.id
_entity.type
_entity.pdbx_description
1 polymer 'ALPHA-GLUCURONIDASE GH115'
2 non-polymer 'CITRATE ANION'
3 non-polymer 'D-glucuronic acid'
4 water water
#
_entity_poly.entity_id   1
_entity_poly.type   'polypeptide(L)'
_entity_poly.pdbx_seq_one_letter_code
;MINNKLLNIETMKKLFLFFYLSVVSIAAFAAEQFVIFTPAGNHFPLVANGVPCPIYIDSSEDKGVMIAAGNLQQDILQVC
GKKPELLTSTSSKRCIIAGTYGTPFIKKLMSAGKIDKKELDGKNEKYILQVIANPCEGIDEAVVIIGSDRRGTIYGIYEL
SEQMGVSPWYWWADVPVMKQANVYIKPGQYSDGEPAVTYRGIFLNDEAPCLTRWVKHTYGTNYGDHRFYARVCELILRLK
GNFLWPAMWSWAFYADDPQNSKTASEMGVIIGTSHHEPMARNHQEWSRKRKEYGAWDYTTNQKVIDQFFREGIERMQGTE
DIVTIGMRGDGDAAMSKSTNVKLLENVVKNQRKIIEEVTKRPAKETPQVWALYKEVLDYYDKGMRVPDDVIMLLCDDNWG
NVCRLPNAKERKHPGGWGMYYHVDYVGAPRNSKWLNVTPIQNMWEQLQLTYDYGVEKLWILNVGDLKPMEYPITLFMDMA
WNPKQFNVSNLLDHPRRFCAQQFGEDQADEAMRILNLYSKYNGRVTGEMLDRNTYNLETGEWKQVSDEYLKLEAEALRQY
ISLKPEYKDAYKQLILFPVQAMANLYEMYYAQAMNHKLYKENNPQANEWADKVEQAFARDKALSDDYNNIMSGGKWKNMM
IQKHIGYTSWNDNFPADTLPKIYRIENPEKAVGGYVFTGQDGYIAIEAEHYYSAKAAPDTEWTVIPYMGRTLSGMALMPY
TQPTDGASISYKIKLPKGIDKVTVHVIVKSTLAFHDRKGHEYSIGFEGGKDQTINFNHNLNELPENVYSIYYPTVARRIV
EKKAKLNVPNTSDGMQTITFKPLDPGIVLEKLVVDYGGYKKSYLFMNESKSKRESR
;
_entity_poly.pdbx_strand_id   A,B
#
# COMPACT_ATOMS: atom_id res chain seq x y z
N GLU A 32 -2.96 15.16 35.57
CA GLU A 32 -3.07 15.68 34.17
C GLU A 32 -4.55 15.68 33.77
N GLN A 33 -5.13 14.50 33.51
CA GLN A 33 -6.48 14.46 32.94
C GLN A 33 -7.57 14.72 33.98
N PHE A 34 -8.25 15.84 33.87
CA PHE A 34 -9.26 16.20 34.87
C PHE A 34 -10.68 16.15 34.33
N VAL A 35 -10.84 16.08 33.00
CA VAL A 35 -12.13 15.89 32.39
C VAL A 35 -12.43 14.41 32.19
N ILE A 36 -13.61 13.98 32.56
CA ILE A 36 -14.06 12.62 32.23
C ILE A 36 -15.41 12.82 31.59
N PHE A 37 -15.93 11.78 30.98
CA PHE A 37 -17.07 11.93 30.13
C PHE A 37 -18.24 11.12 30.62
N THR A 38 -18.23 10.82 31.90
CA THR A 38 -19.41 10.24 32.54
C THR A 38 -19.70 10.95 33.84
N PRO A 39 -20.96 10.87 34.29
CA PRO A 39 -21.26 11.38 35.61
C PRO A 39 -20.64 10.48 36.67
N ALA A 40 -20.37 11.09 37.81
CA ALA A 40 -19.68 10.43 38.89
C ALA A 40 -19.85 11.41 40.05
N GLY A 41 -20.03 10.89 41.25
CA GLY A 41 -20.18 11.71 42.42
C GLY A 41 -18.87 12.37 42.76
N ASN A 42 -18.97 13.47 43.52
CA ASN A 42 -17.86 14.41 43.79
C ASN A 42 -17.11 14.85 42.52
N HIS A 43 -17.79 14.77 41.36
CA HIS A 43 -17.30 15.28 40.08
C HIS A 43 -18.21 16.39 39.59
N PHE A 44 -17.64 17.49 39.14
CA PHE A 44 -18.41 18.65 38.76
C PHE A 44 -19.05 18.43 37.41
N PRO A 45 -20.36 18.69 37.30
CA PRO A 45 -21.03 18.55 36.01
C PRO A 45 -20.86 19.80 35.16
N LEU A 46 -19.88 19.78 34.28
CA LEU A 46 -19.65 20.91 33.38
C LEU A 46 -20.68 20.83 32.30
N VAL A 47 -20.86 19.64 31.75
CA VAL A 47 -21.99 19.38 30.87
C VAL A 47 -22.70 18.20 31.47
N ALA A 48 -24.00 18.31 31.63
CA ALA A 48 -24.81 17.18 32.10
C ALA A 48 -26.07 17.17 31.28
N ASN A 49 -26.43 16.00 30.77
CA ASN A 49 -27.63 15.85 29.95
C ASN A 49 -27.60 16.68 28.71
N GLY A 50 -26.41 16.95 28.17
CA GLY A 50 -26.32 17.79 26.98
C GLY A 50 -26.35 19.24 27.31
N VAL A 51 -26.44 19.60 28.59
CA VAL A 51 -26.61 20.97 28.99
C VAL A 51 -25.36 21.50 29.70
N PRO A 52 -24.74 22.54 29.14
CA PRO A 52 -23.51 23.03 29.73
C PRO A 52 -23.76 24.02 30.83
N CYS A 53 -22.92 24.03 31.84
CA CYS A 53 -23.05 24.99 32.88
C CYS A 53 -22.54 26.30 32.31
N PRO A 54 -22.88 27.42 32.97
CA PRO A 54 -22.52 28.66 32.35
C PRO A 54 -21.10 29.06 32.72
N ILE A 55 -20.63 30.17 32.15
CA ILE A 55 -19.30 30.65 32.38
C ILE A 55 -19.37 32.02 32.98
N TYR A 56 -18.66 32.18 34.10
CA TYR A 56 -18.55 33.50 34.68
C TYR A 56 -17.09 33.95 34.54
N ILE A 57 -16.90 35.07 33.87
CA ILE A 57 -15.63 35.75 33.88
C ILE A 57 -15.88 37.14 34.43
N ASP A 58 -15.07 37.55 35.40
CA ASP A 58 -15.27 38.84 35.96
C ASP A 58 -14.93 39.89 34.93
N SER A 59 -15.63 41.01 35.01
CA SER A 59 -15.43 42.12 34.11
C SER A 59 -14.05 42.69 34.21
N SER A 60 -13.37 42.45 35.31
CA SER A 60 -12.01 42.95 35.50
C SER A 60 -10.99 42.26 34.59
N GLU A 61 -11.33 41.13 34.01
CA GLU A 61 -10.36 40.34 33.24
C GLU A 61 -9.88 41.02 31.96
N ASP A 62 -8.64 40.77 31.59
CA ASP A 62 -8.14 41.19 30.26
C ASP A 62 -9.05 40.61 29.15
N LYS A 63 -9.15 41.37 28.08
CA LYS A 63 -9.81 40.97 26.86
C LYS A 63 -9.31 39.61 26.33
N GLY A 64 -8.03 39.33 26.50
CA GLY A 64 -7.47 38.04 26.12
C GLY A 64 -8.21 36.91 26.79
N VAL A 65 -8.49 37.08 28.08
CA VAL A 65 -9.17 36.04 28.83
C VAL A 65 -10.57 35.92 28.30
N MET A 66 -11.15 37.07 28.02
CA MET A 66 -12.48 37.13 27.47
C MET A 66 -12.54 36.42 26.13
N ILE A 67 -11.52 36.68 25.32
CA ILE A 67 -11.48 36.05 23.99
C ILE A 67 -11.42 34.56 24.18
N ALA A 68 -10.55 34.13 25.08
CA ALA A 68 -10.43 32.74 25.35
C ALA A 68 -11.73 32.16 25.88
N ALA A 69 -12.36 32.86 26.83
CA ALA A 69 -13.66 32.37 27.37
C ALA A 69 -14.70 32.27 26.28
N GLY A 70 -14.65 33.21 25.35
CA GLY A 70 -15.54 33.14 24.21
C GLY A 70 -15.30 31.91 23.36
N ASN A 71 -14.03 31.56 23.19
CA ASN A 71 -13.72 30.31 22.44
C ASN A 71 -14.13 29.10 23.25
N LEU A 72 -13.94 29.18 24.56
CA LEU A 72 -14.40 28.12 25.41
C LEU A 72 -15.89 27.88 25.21
N GLN A 73 -16.65 28.98 25.18
CA GLN A 73 -18.08 28.87 24.96
C GLN A 73 -18.37 28.11 23.68
N GLN A 74 -17.66 28.47 22.63
CA GLN A 74 -17.82 27.83 21.32
C GLN A 74 -17.42 26.41 21.37
N ASP A 75 -16.34 26.14 22.06
CA ASP A 75 -15.84 24.79 22.13
C ASP A 75 -16.82 23.88 22.84
N ILE A 76 -17.38 24.39 23.94
CA ILE A 76 -18.39 23.65 24.65
C ILE A 76 -19.58 23.43 23.74
N LEU A 77 -19.91 24.43 22.96
CA LEU A 77 -21.00 24.29 22.04
C LEU A 77 -20.70 23.18 21.07
N GLN A 78 -19.46 23.09 20.62
CA GLN A 78 -19.08 22.05 19.68
C GLN A 78 -19.23 20.75 20.36
N VAL A 79 -18.81 20.67 21.60
CA VAL A 79 -18.80 19.38 22.28
C VAL A 79 -20.21 18.88 22.58
N CYS A 80 -21.07 19.72 23.18
CA CYS A 80 -22.33 19.23 23.69
C CYS A 80 -23.52 19.65 22.88
N GLY A 81 -23.33 20.55 21.93
CA GLY A 81 -24.43 21.00 21.15
C GLY A 81 -25.17 22.19 21.67
N LYS A 82 -24.86 22.69 22.87
CA LYS A 82 -25.54 23.87 23.42
C LYS A 82 -24.49 24.84 23.92
N LYS A 83 -24.73 26.11 23.69
CA LYS A 83 -23.78 27.17 23.97
C LYS A 83 -23.94 27.57 25.43
N PRO A 84 -22.90 27.44 26.25
CA PRO A 84 -23.06 27.95 27.62
C PRO A 84 -23.36 29.46 27.70
N GLU A 85 -24.10 29.88 28.73
CA GLU A 85 -24.29 31.32 28.93
C GLU A 85 -23.04 31.93 29.50
N LEU A 86 -22.69 33.11 29.03
CA LEU A 86 -21.72 33.94 29.68
C LEU A 86 -22.47 34.75 30.69
N LEU A 87 -22.31 34.41 31.95
CA LEU A 87 -23.00 35.06 33.03
C LEU A 87 -22.60 36.51 33.23
N THR A 88 -23.64 37.37 33.37
CA THR A 88 -23.48 38.77 33.80
C THR A 88 -22.95 38.91 35.21
N SER A 89 -23.29 37.94 36.06
CA SER A 89 -23.00 38.03 37.47
C SER A 89 -22.91 36.67 38.13
N THR A 90 -22.40 36.66 39.36
CA THR A 90 -22.12 35.43 40.07
C THR A 90 -23.42 34.82 40.60
N SER A 91 -24.24 34.34 39.67
CA SER A 91 -25.51 33.77 40.05
C SER A 91 -25.87 32.58 39.20
N SER A 92 -25.47 31.41 39.67
CA SER A 92 -25.85 30.13 39.06
C SER A 92 -25.38 29.03 40.01
N LYS A 93 -26.12 27.94 40.13
CA LYS A 93 -25.74 26.86 41.06
C LYS A 93 -24.33 26.34 40.75
N ARG A 94 -24.12 25.94 39.50
CA ARG A 94 -22.85 25.40 39.03
C ARG A 94 -22.42 26.30 37.89
N CYS A 95 -21.17 26.76 37.87
CA CYS A 95 -20.65 27.39 36.66
C CYS A 95 -19.16 27.25 36.51
N ILE A 96 -18.62 27.74 35.40
CA ILE A 96 -17.18 27.79 35.21
C ILE A 96 -16.79 29.18 35.58
N ILE A 97 -15.75 29.33 36.35
CA ILE A 97 -15.24 30.63 36.65
C ILE A 97 -13.77 30.64 36.26
N ALA A 98 -13.39 31.61 35.47
CA ALA A 98 -11.99 31.78 35.11
C ALA A 98 -11.59 33.19 35.37
N GLY A 99 -10.42 33.37 35.96
CA GLY A 99 -9.88 34.69 36.08
C GLY A 99 -8.44 34.60 36.45
N THR A 100 -7.87 35.78 36.67
CA THR A 100 -6.44 35.98 36.72
C THR A 100 -6.10 36.51 38.08
N TYR A 101 -5.16 35.86 38.74
CA TYR A 101 -4.59 36.38 39.92
C TYR A 101 -4.42 37.90 39.93
N GLY A 102 -4.75 38.51 41.06
CA GLY A 102 -4.52 39.95 41.22
C GLY A 102 -5.75 40.76 41.08
N THR A 103 -6.85 40.21 40.55
CA THR A 103 -8.10 40.99 40.52
C THR A 103 -8.72 40.82 41.90
N PRO A 104 -9.48 41.81 42.37
CA PRO A 104 -10.08 41.62 43.70
C PRO A 104 -11.04 40.46 43.67
N PHE A 105 -11.83 40.35 42.62
CA PHE A 105 -12.73 39.20 42.49
C PHE A 105 -12.02 37.88 42.72
N ILE A 106 -10.82 37.72 42.16
CA ILE A 106 -10.03 36.49 42.30
C ILE A 106 -9.40 36.39 43.66
N LYS A 107 -9.00 37.54 44.18
CA LYS A 107 -8.48 37.61 45.55
C LYS A 107 -9.53 36.97 46.47
N LYS A 108 -10.75 37.56 46.45
CA LYS A 108 -11.89 37.06 47.27
C LYS A 108 -12.08 35.57 47.03
N LEU A 109 -11.96 35.17 45.77
CA LEU A 109 -12.21 33.78 45.42
C LEU A 109 -11.16 32.81 45.95
N MET A 110 -9.89 33.20 45.96
CA MET A 110 -8.86 32.27 46.42
C MET A 110 -8.86 32.17 47.95
N SER A 111 -9.08 33.28 48.62
CA SER A 111 -9.14 33.31 50.08
C SER A 111 -10.47 32.73 50.55
N ALA A 112 -10.96 31.76 49.79
CA ALA A 112 -12.16 31.00 50.13
C ALA A 112 -12.01 29.65 49.51
N GLY A 113 -11.33 28.77 50.23
CA GLY A 113 -11.32 27.36 49.92
C GLY A 113 -10.55 27.09 48.65
N LYS A 114 -9.28 26.76 48.75
CA LYS A 114 -8.43 26.96 49.94
C LYS A 114 -7.05 27.23 49.36
N ILE A 115 -6.99 28.09 48.34
CA ILE A 115 -5.87 28.16 47.43
C ILE A 115 -4.86 29.19 47.92
N ASP A 116 -3.63 28.73 48.15
CA ASP A 116 -2.60 29.60 48.68
C ASP A 116 -2.17 30.56 47.56
N LYS A 117 -2.12 31.84 47.91
CA LYS A 117 -1.55 32.89 47.07
C LYS A 117 -0.22 32.43 46.42
N LYS A 118 0.59 31.71 47.19
CA LYS A 118 1.93 31.33 46.73
C LYS A 118 1.90 30.38 45.53
N GLU A 119 0.77 29.71 45.31
CA GLU A 119 0.61 28.82 44.15
C GLU A 119 0.70 29.62 42.84
N LEU A 120 0.32 30.89 42.86
CA LEU A 120 0.30 31.70 41.68
C LEU A 120 1.08 33.01 41.77
N ASP A 121 1.31 33.52 42.96
CA ASP A 121 1.88 34.87 43.12
C ASP A 121 3.25 34.88 42.47
N GLY A 122 3.41 35.79 41.53
CA GLY A 122 4.66 35.91 40.78
C GLY A 122 4.97 34.77 39.82
N LYS A 123 4.07 33.79 39.68
CA LYS A 123 4.33 32.71 38.75
C LYS A 123 4.07 33.17 37.32
N ASN A 124 4.81 32.59 36.38
CA ASN A 124 4.65 32.91 34.99
C ASN A 124 3.77 31.93 34.26
N GLU A 125 2.72 32.43 33.61
CA GLU A 125 1.90 31.62 32.69
C GLU A 125 1.45 30.30 33.24
N LYS A 126 1.01 30.35 34.50
CA LYS A 126 0.54 29.19 35.25
C LYS A 126 -0.95 29.31 35.51
N TYR A 127 -1.65 28.20 35.48
CA TYR A 127 -3.01 28.20 36.00
C TYR A 127 -3.15 27.15 37.08
N ILE A 128 -4.17 27.36 37.90
CA ILE A 128 -4.71 26.35 38.73
C ILE A 128 -6.14 26.14 38.31
N LEU A 129 -6.47 24.89 38.12
CA LEU A 129 -7.83 24.54 37.78
C LEU A 129 -8.31 23.63 38.89
N GLN A 130 -9.46 23.97 39.49
CA GLN A 130 -9.94 23.26 40.67
C GLN A 130 -11.45 23.46 40.84
N VAL A 131 -12.14 22.35 41.06
CA VAL A 131 -13.52 22.37 41.52
C VAL A 131 -13.54 22.91 42.93
N ILE A 132 -14.37 23.91 43.15
CA ILE A 132 -14.46 24.64 44.39
C ILE A 132 -15.93 24.82 44.74
N ALA A 133 -16.24 24.48 45.99
CA ALA A 133 -17.57 24.59 46.52
C ALA A 133 -17.77 25.97 47.09
N ASN A 134 -18.95 26.52 46.90
CA ASN A 134 -19.30 27.90 47.29
C ASN A 134 -18.19 28.88 47.04
N PRO A 135 -17.76 28.99 45.78
CA PRO A 135 -16.64 29.86 45.46
C PRO A 135 -16.89 31.33 45.76
N CYS A 136 -18.13 31.75 45.61
CA CYS A 136 -18.52 33.10 45.87
C CYS A 136 -20.02 33.16 46.05
N GLU A 137 -20.46 34.27 46.68
CA GLU A 137 -21.83 34.63 46.85
C GLU A 137 -22.55 34.33 45.56
N GLY A 138 -23.51 33.43 45.65
CA GLY A 138 -24.47 33.17 44.56
C GLY A 138 -24.13 32.00 43.64
N ILE A 139 -23.03 31.30 43.94
CA ILE A 139 -22.60 30.14 43.15
C ILE A 139 -22.34 28.99 44.10
N ASP A 140 -23.06 27.88 43.92
CA ASP A 140 -22.94 26.76 44.85
C ASP A 140 -21.61 26.05 44.62
N GLU A 141 -21.24 25.90 43.36
CA GLU A 141 -20.07 25.08 43.01
C GLU A 141 -19.55 25.52 41.66
N ALA A 142 -18.24 25.57 41.50
CA ALA A 142 -17.68 25.95 40.24
C ALA A 142 -16.40 25.22 39.93
N VAL A 143 -16.17 25.00 38.65
CA VAL A 143 -14.80 24.69 38.24
C VAL A 143 -14.14 26.03 38.02
N VAL A 144 -13.02 26.20 38.70
CA VAL A 144 -12.39 27.47 38.76
C VAL A 144 -11.00 27.39 38.14
N ILE A 145 -10.71 28.34 37.27
CA ILE A 145 -9.44 28.40 36.57
C ILE A 145 -8.85 29.71 36.91
N ILE A 146 -7.67 29.67 37.54
CA ILE A 146 -7.04 30.90 37.95
C ILE A 146 -5.64 30.92 37.41
N GLY A 147 -5.36 31.91 36.61
CA GLY A 147 -4.05 32.06 36.00
C GLY A 147 -3.25 33.03 36.85
N SER A 148 -1.93 32.84 36.85
CA SER A 148 -1.02 33.71 37.53
C SER A 148 -0.96 35.04 36.81
N ASP A 149 -1.37 35.04 35.55
CA ASP A 149 -1.41 36.18 34.68
C ASP A 149 -2.35 35.77 33.53
N ARG A 150 -2.59 36.66 32.60
CA ARG A 150 -3.69 36.48 31.70
C ARG A 150 -3.45 35.30 30.80
N ARG A 151 -2.18 35.05 30.44
CA ARG A 151 -1.87 33.89 29.60
C ARG A 151 -2.10 32.60 30.34
N GLY A 152 -1.78 32.62 31.63
CA GLY A 152 -2.03 31.47 32.48
C GLY A 152 -3.50 31.12 32.46
N THR A 153 -4.31 32.15 32.66
CA THR A 153 -5.75 31.96 32.63
C THR A 153 -6.15 31.38 31.27
N ILE A 154 -5.60 31.94 30.20
CA ILE A 154 -5.98 31.55 28.86
C ILE A 154 -5.62 30.09 28.67
N TYR A 155 -4.43 29.73 29.10
CA TYR A 155 -3.94 28.38 29.00
C TYR A 155 -4.74 27.43 29.80
N GLY A 156 -5.19 27.89 30.97
CA GLY A 156 -6.20 27.13 31.80
C GLY A 156 -7.44 26.84 30.99
N ILE A 157 -7.97 27.89 30.42
CA ILE A 157 -9.17 27.79 29.67
C ILE A 157 -8.99 26.77 28.56
N TYR A 158 -7.89 26.89 27.82
CA TYR A 158 -7.68 26.04 26.67
C TYR A 158 -7.30 24.65 27.05
N GLU A 159 -6.77 24.50 28.28
CA GLU A 159 -6.57 23.16 28.81
C GLU A 159 -7.90 22.46 29.01
N LEU A 160 -8.84 23.22 29.59
CA LEU A 160 -10.18 22.71 29.72
C LEU A 160 -10.79 22.39 28.35
N SER A 161 -10.66 23.29 27.37
CA SER A 161 -11.13 22.99 25.99
C SER A 161 -10.52 21.71 25.46
N GLU A 162 -9.21 21.59 25.64
CA GLU A 162 -8.49 20.50 25.06
C GLU A 162 -8.89 19.19 25.70
N GLN A 163 -8.99 19.19 27.02
CA GLN A 163 -9.36 17.96 27.72
C GLN A 163 -10.82 17.59 27.47
N MET A 164 -11.64 18.54 27.08
CA MET A 164 -13.03 18.21 26.72
C MET A 164 -13.09 17.63 25.32
N GLY A 165 -11.98 17.71 24.58
CA GLY A 165 -11.87 17.09 23.25
C GLY A 165 -11.74 18.08 22.09
N VAL A 166 -11.46 19.35 22.38
CA VAL A 166 -11.16 20.33 21.32
C VAL A 166 -9.65 20.45 21.14
N SER A 167 -9.14 19.77 20.13
CA SER A 167 -7.74 19.81 19.84
C SER A 167 -7.39 21.21 19.43
N PRO A 168 -6.18 21.61 19.74
CA PRO A 168 -5.63 22.84 19.13
C PRO A 168 -5.79 22.85 17.65
N TRP A 169 -5.81 21.65 17.06
CA TRP A 169 -5.90 21.47 15.63
C TRP A 169 -7.33 21.32 15.11
N TYR A 170 -8.33 21.65 15.94
CA TYR A 170 -9.72 21.55 15.52
C TYR A 170 -9.97 22.32 14.22
N TRP A 171 -9.32 23.46 14.06
CA TRP A 171 -9.50 24.23 12.84
C TRP A 171 -8.37 24.02 11.87
N TRP A 172 -7.16 24.16 12.36
CA TRP A 172 -5.98 24.13 11.52
C TRP A 172 -5.66 22.77 10.91
N ALA A 173 -6.18 21.67 11.46
CA ALA A 173 -6.14 20.41 10.77
C ALA A 173 -7.44 19.64 10.83
N ASP A 174 -8.53 20.36 10.95
CA ASP A 174 -9.89 19.83 10.86
C ASP A 174 -10.13 18.64 11.77
N VAL A 175 -9.52 18.65 12.95
CA VAL A 175 -9.69 17.58 13.87
C VAL A 175 -11.03 17.69 14.54
N PRO A 176 -11.80 16.60 14.49
CA PRO A 176 -13.15 16.68 14.96
C PRO A 176 -13.27 16.74 16.47
N VAL A 177 -14.34 17.39 16.92
CA VAL A 177 -14.67 17.48 18.35
C VAL A 177 -15.70 16.39 18.62
N MET A 178 -15.30 15.38 19.36
CA MET A 178 -16.16 14.28 19.73
C MET A 178 -17.29 14.84 20.60
N LYS A 179 -18.54 14.67 20.13
CA LYS A 179 -19.76 15.11 20.85
C LYS A 179 -19.84 14.41 22.19
N GLN A 180 -20.30 15.12 23.22
CA GLN A 180 -20.47 14.53 24.55
C GLN A 180 -21.71 15.08 25.17
N ALA A 181 -22.51 14.18 25.73
CA ALA A 181 -23.69 14.59 26.52
C ALA A 181 -23.28 15.02 27.92
N ASN A 182 -22.20 14.42 28.42
CA ASN A 182 -21.77 14.63 29.77
C ASN A 182 -20.28 14.80 29.89
N VAL A 183 -19.89 15.82 30.65
CA VAL A 183 -18.52 16.20 30.80
C VAL A 183 -18.39 16.57 32.22
N TYR A 184 -17.57 15.82 32.93
CA TYR A 184 -17.41 16.04 34.37
C TYR A 184 -16.01 16.32 34.69
N ILE A 185 -15.78 17.09 35.75
CA ILE A 185 -14.43 17.47 36.15
C ILE A 185 -14.06 16.78 37.46
N LYS A 186 -12.93 16.12 37.44
CA LYS A 186 -12.36 15.45 38.60
C LYS A 186 -12.04 16.50 39.64
N PRO A 187 -12.28 16.17 40.92
CA PRO A 187 -11.82 17.04 41.99
C PRO A 187 -10.31 17.00 42.01
N GLY A 188 -9.71 17.94 42.70
CA GLY A 188 -8.26 18.00 42.76
C GLY A 188 -7.85 19.33 42.17
N GLN A 189 -6.57 19.65 42.27
CA GLN A 189 -6.07 20.88 41.78
C GLN A 189 -5.19 20.53 40.60
N TYR A 190 -5.38 21.22 39.48
CA TYR A 190 -4.71 20.89 38.20
C TYR A 190 -3.95 22.13 37.67
N SER A 191 -2.77 21.88 37.15
CA SER A 191 -1.88 22.95 36.69
C SER A 191 -0.92 22.37 35.68
N ASP A 192 -0.45 23.18 34.71
CA ASP A 192 0.70 22.74 33.93
C ASP A 192 1.96 23.38 34.45
N GLY A 193 1.84 24.05 35.57
CA GLY A 193 2.97 24.73 36.12
C GLY A 193 3.31 25.94 35.28
N GLU A 194 4.57 26.33 35.37
CA GLU A 194 5.11 27.39 34.59
C GLU A 194 5.85 26.78 33.44
N PRO A 195 5.85 27.45 32.29
CA PRO A 195 6.55 26.97 31.14
C PRO A 195 8.03 27.10 31.38
N ALA A 196 8.78 26.10 30.94
CA ALA A 196 10.23 26.11 31.05
C ALA A 196 10.87 27.22 30.23
N VAL A 197 10.27 27.52 29.09
CA VAL A 197 10.83 28.45 28.18
C VAL A 197 9.90 29.64 28.13
N THR A 198 10.46 30.83 28.29
CA THR A 198 9.68 31.99 28.47
C THR A 198 8.81 32.38 27.28
N TYR A 199 9.40 32.41 26.09
CA TYR A 199 8.74 32.82 24.88
C TYR A 199 8.81 31.65 23.96
N ARG A 200 7.66 31.21 23.47
CA ARG A 200 7.51 29.95 22.75
C ARG A 200 6.67 30.25 21.53
N GLY A 201 7.28 30.16 20.37
CA GLY A 201 6.74 30.76 19.18
C GLY A 201 6.95 30.05 17.88
N ILE A 202 6.16 30.47 16.89
CA ILE A 202 6.35 30.02 15.53
C ILE A 202 6.61 31.20 14.62
N PHE A 203 7.37 30.90 13.58
CA PHE A 203 7.64 31.87 12.54
C PHE A 203 7.04 31.36 11.24
N LEU A 204 6.03 32.08 10.76
CA LEU A 204 5.45 31.82 9.43
C LEU A 204 6.45 32.32 8.44
N ASN A 205 6.94 31.44 7.59
CA ASN A 205 8.03 31.81 6.68
C ASN A 205 8.03 30.94 5.43
N ASP A 206 8.80 31.33 4.42
CA ASP A 206 8.80 30.55 3.15
C ASP A 206 7.34 30.41 2.70
N GLU A 207 6.58 31.45 2.99
CA GLU A 207 5.13 31.37 3.03
C GLU A 207 4.49 31.46 1.65
N ALA A 208 5.24 31.92 0.65
CA ALA A 208 4.78 31.93 -0.72
C ALA A 208 5.35 30.73 -1.39
N PRO A 209 4.57 30.12 -2.29
CA PRO A 209 3.22 30.59 -2.67
C PRO A 209 2.09 30.04 -1.81
N CYS A 210 2.36 29.13 -0.89
CA CYS A 210 1.25 28.36 -0.33
C CYS A 210 0.39 29.15 0.66
N LEU A 211 0.99 29.56 1.75
CA LEU A 211 0.26 30.28 2.75
C LEU A 211 -0.30 31.57 2.14
N THR A 212 0.52 32.26 1.36
CA THR A 212 0.10 33.51 0.82
C THR A 212 -1.13 33.31 -0.07
N ARG A 213 -1.12 32.31 -0.94
CA ARG A 213 -2.26 32.14 -1.79
C ARG A 213 -3.44 31.59 -1.05
N TRP A 214 -3.17 30.73 -0.06
CA TRP A 214 -4.22 30.19 0.75
C TRP A 214 -4.94 31.30 1.52
N VAL A 215 -4.17 32.20 2.10
CA VAL A 215 -4.72 33.36 2.77
C VAL A 215 -5.57 34.20 1.85
N LYS A 216 -5.00 34.58 0.72
CA LYS A 216 -5.71 35.35 -0.31
C LYS A 216 -7.02 34.63 -0.66
N HIS A 217 -6.93 33.34 -0.83
CA HIS A 217 -8.10 32.56 -1.19
C HIS A 217 -9.09 32.54 -0.03
N THR A 218 -8.63 32.40 1.21
CA THR A 218 -9.54 32.16 2.35
C THR A 218 -10.09 33.48 2.91
N TYR A 219 -9.23 34.47 3.03
CA TYR A 219 -9.57 35.74 3.68
C TYR A 219 -9.85 36.84 2.70
N GLY A 220 -9.54 36.61 1.44
CA GLY A 220 -9.88 37.61 0.46
C GLY A 220 -9.06 38.85 0.74
N THR A 221 -7.81 38.63 1.13
CA THR A 221 -6.82 39.69 1.29
C THR A 221 -5.51 39.32 0.62
N ASN A 222 -4.80 40.34 0.18
CA ASN A 222 -3.48 40.22 -0.39
C ASN A 222 -2.38 40.19 0.67
N TYR A 223 -2.79 40.14 1.91
CA TYR A 223 -1.85 40.12 3.01
C TYR A 223 -2.53 39.39 4.13
N GLY A 224 -1.74 39.05 5.14
CA GLY A 224 -2.25 38.46 6.36
C GLY A 224 -2.91 39.53 7.18
N ASP A 225 -4.23 39.45 7.29
CA ASP A 225 -4.97 40.41 8.10
C ASP A 225 -5.27 39.86 9.48
N HIS A 226 -5.97 40.63 10.27
CA HIS A 226 -6.12 40.26 11.67
C HIS A 226 -7.02 39.09 11.85
N ARG A 227 -7.85 38.80 10.89
CA ARG A 227 -8.65 37.61 11.00
C ARG A 227 -7.82 36.37 10.83
N PHE A 228 -6.87 36.40 9.90
CA PHE A 228 -5.94 35.34 9.73
C PHE A 228 -5.06 35.23 10.95
N TYR A 229 -4.51 36.35 11.41
CA TYR A 229 -3.64 36.27 12.55
C TYR A 229 -4.40 35.87 13.81
N ALA A 230 -5.70 36.12 13.86
CA ALA A 230 -6.49 35.66 15.01
C ALA A 230 -6.49 34.13 14.99
N ARG A 231 -6.56 33.46 13.85
CA ARG A 231 -6.50 32.01 13.82
C ARG A 231 -5.16 31.49 14.20
N VAL A 232 -4.14 32.14 13.71
CA VAL A 232 -2.78 31.75 14.08
C VAL A 232 -2.61 31.88 15.61
N CYS A 233 -2.98 33.03 16.13
CA CYS A 233 -2.81 33.34 17.52
C CYS A 233 -3.62 32.39 18.41
N GLU A 234 -4.84 32.08 17.97
CA GLU A 234 -5.67 31.10 18.67
C GLU A 234 -4.96 29.75 18.71
N LEU A 235 -4.36 29.35 17.61
CA LEU A 235 -3.62 28.10 17.57
C LEU A 235 -2.43 28.16 18.52
N ILE A 236 -1.64 29.24 18.44
CA ILE A 236 -0.49 29.34 19.30
C ILE A 236 -0.89 29.21 20.76
N LEU A 237 -1.92 29.95 21.17
CA LEU A 237 -2.37 29.94 22.56
C LEU A 237 -2.96 28.61 22.98
N ARG A 238 -3.68 27.94 22.09
CA ARG A 238 -4.20 26.63 22.43
C ARG A 238 -3.10 25.61 22.57
N LEU A 239 -1.99 25.79 21.82
CA LEU A 239 -0.81 24.94 21.94
C LEU A 239 0.00 25.38 23.15
N LYS A 240 -0.41 26.46 23.82
CA LYS A 240 0.28 27.00 24.96
C LYS A 240 1.57 27.78 24.61
N GLY A 241 1.67 28.26 23.38
CA GLY A 241 2.75 29.14 22.99
C GLY A 241 2.31 30.54 23.33
N ASN A 242 3.19 31.50 23.10
CA ASN A 242 2.86 32.89 23.32
C ASN A 242 3.51 33.86 22.36
N PHE A 243 4.06 33.36 21.27
CA PHE A 243 5.01 34.15 20.52
C PHE A 243 4.87 33.86 19.04
N LEU A 244 5.12 34.89 18.23
CA LEU A 244 4.90 34.79 16.83
C LEU A 244 5.81 35.74 16.10
N TRP A 245 6.50 35.20 15.10
CA TRP A 245 7.10 36.03 14.07
C TRP A 245 6.21 35.90 12.85
N PRO A 246 5.54 36.97 12.48
CA PRO A 246 4.60 36.86 11.37
C PRO A 246 5.28 36.75 10.02
N ALA A 247 4.48 36.45 9.00
CA ALA A 247 4.95 36.27 7.64
C ALA A 247 5.48 37.60 7.21
N MET A 248 6.64 37.57 6.56
CA MET A 248 7.36 38.81 6.24
C MET A 248 7.95 38.86 4.85
N TRP A 249 7.68 37.86 3.99
CA TRP A 249 8.23 37.83 2.62
C TRP A 249 7.62 38.91 1.74
N SER A 250 6.31 38.94 1.68
CA SER A 250 5.66 39.96 0.94
C SER A 250 4.63 40.69 1.78
N TRP A 251 4.52 40.34 3.05
CA TRP A 251 3.60 41.03 3.94
C TRP A 251 4.38 41.78 5.01
N ALA A 252 3.65 42.66 5.70
CA ALA A 252 4.20 43.45 6.81
C ALA A 252 3.14 43.47 7.89
N PHE A 253 3.29 42.57 8.82
CA PHE A 253 2.28 42.37 9.84
C PHE A 253 1.78 43.67 10.44
N TYR A 254 2.69 44.54 10.84
CA TYR A 254 2.27 45.73 11.54
C TYR A 254 1.58 46.69 10.63
N ALA A 255 2.01 46.76 9.39
CA ALA A 255 1.52 47.78 8.49
C ALA A 255 0.27 47.40 7.69
N ASP A 256 0.11 46.13 7.36
CA ASP A 256 -0.90 45.75 6.41
C ASP A 256 -2.28 45.88 6.98
N ASP A 257 -2.42 45.59 8.25
CA ASP A 257 -3.69 45.70 8.86
C ASP A 257 -3.42 46.28 10.21
N PRO A 258 -3.96 47.46 10.48
CA PRO A 258 -3.68 48.09 11.78
C PRO A 258 -4.25 47.26 12.95
N GLN A 259 -5.11 46.30 12.63
CA GLN A 259 -5.68 45.47 13.67
C GLN A 259 -4.81 44.28 13.98
N ASN A 260 -3.78 44.04 13.16
CA ASN A 260 -2.93 42.89 13.40
C ASN A 260 -2.37 42.88 14.78
N SER A 261 -1.65 43.92 15.11
CA SER A 261 -0.98 44.00 16.37
C SER A 261 -1.95 43.97 17.54
N LYS A 262 -3.05 44.71 17.42
CA LYS A 262 -4.04 44.78 18.48
C LYS A 262 -4.59 43.42 18.71
N THR A 263 -4.81 42.67 17.63
CA THR A 263 -5.42 41.38 17.76
C THR A 263 -4.53 40.47 18.50
N ALA A 264 -3.27 40.40 18.10
CA ALA A 264 -2.32 39.56 18.79
C ALA A 264 -2.24 39.99 20.23
N SER A 265 -2.17 41.29 20.41
CA SER A 265 -1.82 41.85 21.68
C SER A 265 -2.93 41.59 22.65
N GLU A 266 -4.14 41.78 22.19
CA GLU A 266 -5.27 41.56 23.07
C GLU A 266 -5.53 40.10 23.30
N MET A 267 -5.26 39.25 22.31
CA MET A 267 -5.34 37.82 22.55
C MET A 267 -4.31 37.29 23.51
N GLY A 268 -3.16 37.93 23.53
CA GLY A 268 -2.08 37.55 24.41
C GLY A 268 -0.90 36.90 23.72
N VAL A 269 -0.79 37.06 22.38
CA VAL A 269 0.38 36.60 21.67
C VAL A 269 1.37 37.75 21.54
N ILE A 270 2.59 37.49 21.96
CA ILE A 270 3.69 38.40 21.80
C ILE A 270 4.17 38.32 20.38
N ILE A 271 4.35 39.48 19.76
CA ILE A 271 4.85 39.56 18.43
C ILE A 271 6.29 39.97 18.42
N GLY A 272 7.04 39.36 17.51
CA GLY A 272 8.40 39.69 17.28
C GLY A 272 8.59 39.79 15.80
N THR A 273 9.80 40.15 15.39
CA THR A 273 10.15 40.06 13.98
C THR A 273 11.29 39.12 13.88
N SER A 274 11.57 38.72 12.64
CA SER A 274 12.66 37.77 12.40
C SER A 274 13.97 38.51 12.59
N HIS A 275 15.07 37.75 12.58
CA HIS A 275 16.33 38.26 13.05
C HIS A 275 16.94 39.32 12.14
N HIS A 276 16.46 39.44 10.90
CA HIS A 276 16.87 40.45 9.93
C HIS A 276 15.90 41.63 9.85
N GLU A 277 15.01 41.75 10.82
CA GLU A 277 13.97 42.80 10.78
C GLU A 277 14.08 43.60 12.04
N PRO A 278 15.07 44.47 12.10
CA PRO A 278 15.26 45.13 13.37
C PRO A 278 14.18 46.14 13.69
N MET A 279 13.99 46.34 14.98
CA MET A 279 13.34 47.49 15.54
C MET A 279 11.86 47.52 15.17
N ALA A 280 11.24 46.35 15.21
CA ALA A 280 9.79 46.25 15.09
C ALA A 280 9.26 46.81 13.79
N ARG A 281 10.07 46.74 12.75
CA ARG A 281 9.63 47.06 11.43
C ARG A 281 9.65 45.77 10.65
N ASN A 282 8.66 45.58 9.81
CA ASN A 282 8.65 44.43 8.96
C ASN A 282 9.47 44.78 7.74
N HIS A 283 10.23 43.79 7.28
CA HIS A 283 11.15 43.98 6.19
C HIS A 283 10.48 44.70 5.00
N GLN A 284 9.29 44.28 4.67
CA GLN A 284 8.62 44.85 3.54
C GLN A 284 8.27 46.32 3.70
N GLU A 285 8.20 46.82 4.91
CA GLU A 285 7.95 48.25 5.07
C GLU A 285 9.10 49.05 4.48
N TRP A 286 10.29 48.48 4.52
CA TRP A 286 11.42 49.12 3.88
C TRP A 286 11.33 48.91 2.38
N SER A 287 11.11 47.68 1.95
CA SER A 287 11.19 47.33 0.55
C SER A 287 10.19 48.07 -0.23
N ARG A 288 9.00 48.19 0.31
CA ARG A 288 7.93 48.86 -0.39
C ARG A 288 8.18 50.34 -0.57
N LYS A 289 9.10 50.93 0.18
CA LYS A 289 9.38 52.36 0.03
C LYS A 289 10.88 52.51 -0.25
N ARG A 290 11.46 51.51 -0.93
CA ARG A 290 12.91 51.48 -1.18
C ARG A 290 13.35 52.70 -2.00
N LYS A 291 12.53 53.13 -2.97
CA LYS A 291 12.86 54.35 -3.77
C LYS A 291 12.99 55.57 -2.85
N GLU A 292 12.04 55.70 -1.94
CA GLU A 292 12.03 56.83 -1.03
C GLU A 292 13.16 56.71 -0.01
N TYR A 293 13.59 55.47 0.32
CA TYR A 293 14.29 55.27 1.60
C TYR A 293 15.80 55.58 1.73
N GLY A 294 16.75 55.15 0.90
CA GLY A 294 16.63 54.18 -0.15
C GLY A 294 17.57 53.00 0.19
N ALA A 295 18.85 53.25 0.55
CA ALA A 295 19.81 52.18 0.74
C ALA A 295 19.76 51.70 2.15
N TRP A 296 19.66 50.39 2.30
CA TRP A 296 19.75 49.76 3.59
C TRP A 296 21.21 49.68 4.04
N ASP A 297 21.75 50.84 4.40
CA ASP A 297 23.15 50.97 4.72
C ASP A 297 23.28 51.96 5.82
N TYR A 298 23.70 51.50 6.98
CA TYR A 298 23.73 52.34 8.12
C TYR A 298 24.78 53.43 8.02
N THR A 299 25.84 53.12 7.30
CA THR A 299 26.96 54.06 7.21
C THR A 299 26.61 55.26 6.33
N THR A 300 25.74 55.06 5.34
CA THR A 300 25.36 56.12 4.42
C THR A 300 23.93 56.61 4.54
N ASN A 301 23.02 55.84 5.12
CA ASN A 301 21.61 56.24 5.18
C ASN A 301 21.08 56.25 6.59
N GLN A 302 21.90 56.67 7.53
CA GLN A 302 21.58 56.47 8.92
C GLN A 302 20.36 57.24 9.42
N LYS A 303 20.22 58.49 9.00
CA LYS A 303 19.13 59.35 9.43
C LYS A 303 17.78 58.70 9.11
N VAL A 304 17.66 58.16 7.91
CA VAL A 304 16.44 57.57 7.46
C VAL A 304 16.18 56.25 8.18
N ILE A 305 17.22 55.46 8.35
CA ILE A 305 17.14 54.17 8.99
C ILE A 305 16.83 54.35 10.46
N ASP A 306 17.50 55.27 11.12
CA ASP A 306 17.15 55.59 12.51
C ASP A 306 15.71 55.98 12.68
N GLN A 307 15.18 56.73 11.74
CA GLN A 307 13.79 57.16 11.82
C GLN A 307 12.84 56.00 11.57
N PHE A 308 13.20 55.16 10.62
CA PHE A 308 12.50 53.94 10.31
C PHE A 308 12.42 53.06 11.57
N PHE A 309 13.54 52.97 12.26
CA PHE A 309 13.64 52.28 13.50
C PHE A 309 12.77 52.91 14.57
N ARG A 310 12.89 54.23 14.72
CA ARG A 310 12.18 54.96 15.78
C ARG A 310 10.70 54.74 15.64
N GLU A 311 10.23 54.76 14.41
CA GLU A 311 8.81 54.55 14.17
C GLU A 311 8.35 53.12 14.55
N GLY A 312 9.22 52.13 14.34
CA GLY A 312 8.93 50.77 14.81
C GLY A 312 8.70 50.69 16.29
N ILE A 313 9.56 51.34 17.04
CA ILE A 313 9.49 51.28 18.52
C ILE A 313 8.26 52.09 19.00
N GLU A 314 8.02 53.24 18.39
CA GLU A 314 6.79 54.03 18.70
C GLU A 314 5.58 53.17 18.50
N ARG A 315 5.56 52.44 17.38
CA ARG A 315 4.39 51.65 17.06
C ARG A 315 4.19 50.49 18.01
N MET A 316 5.25 49.90 18.53
CA MET A 316 5.03 48.70 19.36
C MET A 316 4.90 49.03 20.85
N GLN A 317 5.10 50.30 21.22
CA GLN A 317 4.75 50.72 22.59
C GLN A 317 3.37 50.27 22.94
N GLY A 318 3.16 49.86 24.18
CA GLY A 318 1.85 49.44 24.62
C GLY A 318 1.71 47.95 24.48
N THR A 319 2.62 47.30 23.77
CA THR A 319 2.52 45.88 23.55
C THR A 319 3.60 45.16 24.25
N GLU A 320 3.51 43.84 24.21
CA GLU A 320 4.50 43.03 24.85
C GLU A 320 5.53 42.58 23.84
N ASP A 321 5.52 43.21 22.68
CA ASP A 321 6.33 42.75 21.61
C ASP A 321 7.81 42.84 21.91
N ILE A 322 8.57 41.94 21.30
CA ILE A 322 9.99 41.86 21.51
C ILE A 322 10.64 42.47 20.29
N VAL A 323 11.67 43.25 20.56
CA VAL A 323 12.25 44.14 19.60
C VAL A 323 13.53 43.48 19.14
N THR A 324 13.61 43.25 17.84
CA THR A 324 14.79 42.75 17.24
C THR A 324 15.77 43.87 17.12
N ILE A 325 16.99 43.61 17.57
CA ILE A 325 18.05 44.59 17.41
C ILE A 325 19.13 44.02 16.54
N GLY A 326 20.11 44.84 16.23
CA GLY A 326 21.15 44.45 15.31
C GLY A 326 20.68 44.80 13.93
N MET A 327 21.41 44.33 12.94
CA MET A 327 21.19 44.73 11.56
C MET A 327 22.20 43.98 10.74
N ASN A 340 31.19 44.78 9.47
CA ASN A 340 32.15 44.99 10.55
C ASN A 340 31.51 45.01 11.93
N VAL A 341 32.33 44.73 12.91
CA VAL A 341 31.89 44.61 14.25
C VAL A 341 31.65 45.96 14.92
N LYS A 342 32.53 46.93 14.68
CA LYS A 342 32.37 48.27 15.26
C LYS A 342 31.10 48.87 14.69
N LEU A 343 30.81 48.63 13.41
CA LEU A 343 29.55 49.13 12.85
C LEU A 343 28.31 48.55 13.58
N LEU A 344 28.35 47.23 13.83
CA LEU A 344 27.22 46.57 14.42
C LEU A 344 27.01 47.03 15.85
N GLU A 345 28.07 47.28 16.55
CA GLU A 345 27.96 47.80 17.89
C GLU A 345 27.37 49.18 17.88
N ASN A 346 27.75 49.97 16.90
CA ASN A 346 27.24 51.30 16.81
C ASN A 346 25.77 51.28 16.50
N VAL A 347 25.38 50.38 15.59
CA VAL A 347 23.97 50.19 15.30
C VAL A 347 23.22 49.82 16.56
N VAL A 348 23.71 48.82 17.27
CA VAL A 348 23.03 48.42 18.49
C VAL A 348 22.99 49.56 19.50
N LYS A 349 24.13 50.24 19.72
CA LYS A 349 24.16 51.42 20.60
C LYS A 349 23.06 52.42 20.20
N ASN A 350 23.00 52.71 18.92
CA ASN A 350 22.02 53.66 18.41
C ASN A 350 20.59 53.16 18.53
N GLN A 351 20.35 51.89 18.23
CA GLN A 351 19.03 51.31 18.42
C GLN A 351 18.56 51.41 19.84
N ARG A 352 19.47 51.20 20.77
CA ARG A 352 19.08 51.27 22.17
C ARG A 352 18.89 52.71 22.64
N LYS A 353 19.64 53.67 22.09
CA LYS A 353 19.38 55.10 22.34
C LYS A 353 17.95 55.41 21.83
N ILE A 354 17.64 54.93 20.62
CA ILE A 354 16.32 55.17 20.03
C ILE A 354 15.23 54.61 20.88
N ILE A 355 15.44 53.41 21.40
CA ILE A 355 14.48 52.79 22.31
C ILE A 355 14.29 53.66 23.55
N GLU A 356 15.39 54.18 24.09
CA GLU A 356 15.27 55.05 25.26
C GLU A 356 14.56 56.37 24.93
N GLU A 357 14.95 57.02 23.84
CA GLU A 357 14.28 58.24 23.37
C GLU A 357 12.79 58.00 23.20
N VAL A 358 12.42 56.92 22.53
CA VAL A 358 11.01 56.66 22.31
C VAL A 358 10.32 56.35 23.61
N THR A 359 10.89 55.47 24.41
CA THR A 359 10.15 54.95 25.56
C THR A 359 10.27 55.85 26.75
N LYS A 360 11.25 56.75 26.73
CA LYS A 360 11.62 57.55 27.90
C LYS A 360 11.97 56.62 29.05
N ARG A 361 12.47 55.45 28.71
CA ARG A 361 12.87 54.46 29.72
C ARG A 361 14.20 53.88 29.35
N PRO A 362 14.89 53.27 30.32
CA PRO A 362 16.09 52.55 29.96
C PRO A 362 15.76 51.45 28.97
N ALA A 363 16.70 51.28 28.05
CA ALA A 363 16.62 50.31 26.99
C ALA A 363 16.33 48.93 27.55
N LYS A 364 16.85 48.65 28.74
CA LYS A 364 16.71 47.32 29.31
C LYS A 364 15.25 46.92 29.57
N GLU A 365 14.37 47.92 29.66
CA GLU A 365 12.96 47.65 29.93
C GLU A 365 12.24 47.28 28.68
N THR A 366 12.85 47.47 27.52
CA THR A 366 12.22 47.02 26.31
C THR A 366 12.81 45.66 25.94
N PRO A 367 11.95 44.61 25.85
CA PRO A 367 12.49 43.28 25.53
C PRO A 367 13.14 43.32 24.19
N GLN A 368 14.39 42.81 24.13
CA GLN A 368 15.13 42.84 22.87
C GLN A 368 15.75 41.51 22.57
N VAL A 369 15.90 41.23 21.30
CA VAL A 369 16.54 40.01 20.86
C VAL A 369 17.53 40.32 19.78
N TRP A 370 18.68 39.71 19.92
CA TRP A 370 19.75 39.89 19.00
C TRP A 370 20.15 38.52 18.58
N ALA A 371 19.99 38.23 17.29
CA ALA A 371 20.28 36.91 16.76
C ALA A 371 21.78 36.75 16.52
N LEU A 372 22.37 35.70 17.04
CA LEU A 372 23.75 35.34 16.70
C LEU A 372 23.76 34.22 15.68
N TYR A 373 23.84 34.59 14.42
CA TYR A 373 24.23 33.64 13.40
C TYR A 373 25.44 34.25 12.64
N LYS A 374 26.09 33.39 11.84
CA LYS A 374 27.07 33.82 10.85
C LYS A 374 28.15 34.72 11.51
N GLU A 375 28.39 35.92 10.99
CA GLU A 375 29.57 36.71 11.39
C GLU A 375 29.43 37.19 12.84
N VAL A 376 28.22 37.65 13.12
CA VAL A 376 27.79 38.11 14.44
C VAL A 376 28.20 37.16 15.55
N LEU A 377 27.98 35.87 15.33
CA LEU A 377 28.43 34.89 16.30
C LEU A 377 29.95 34.96 16.48
N ASP A 378 30.69 34.97 15.36
CA ASP A 378 32.12 35.21 15.46
C ASP A 378 32.40 36.52 16.25
N TYR A 379 31.67 37.59 15.95
CA TYR A 379 31.87 38.86 16.69
C TYR A 379 31.72 38.65 18.19
N TYR A 380 30.65 37.98 18.56
CA TYR A 380 30.39 37.66 19.95
C TYR A 380 31.54 36.85 20.56
N ASP A 381 31.98 35.78 19.89
CA ASP A 381 33.18 35.03 20.31
C ASP A 381 34.39 35.98 20.37
N LYS A 382 34.72 36.60 19.23
CA LYS A 382 35.83 37.57 19.16
C LYS A 382 35.82 38.66 20.27
N GLY A 383 34.69 38.83 20.97
CA GLY A 383 34.58 39.77 22.13
C GLY A 383 33.58 40.92 22.02
N MET A 384 32.69 40.86 21.04
CA MET A 384 31.61 41.84 20.93
C MET A 384 30.74 41.97 22.17
N ARG A 385 30.65 43.19 22.71
CA ARG A 385 29.86 43.46 23.89
C ARG A 385 28.36 43.50 23.53
N VAL A 386 27.59 42.67 24.22
CA VAL A 386 26.17 42.64 24.04
C VAL A 386 25.55 43.07 25.34
N PRO A 387 24.56 43.95 25.31
CA PRO A 387 24.07 44.35 26.63
C PRO A 387 23.41 43.19 27.35
N ASP A 388 23.39 43.26 28.67
CA ASP A 388 22.99 42.17 29.53
C ASP A 388 21.54 41.74 29.37
N ASP A 389 20.69 42.71 29.09
CA ASP A 389 19.26 42.47 29.10
C ASP A 389 18.73 41.84 27.82
N VAL A 390 19.59 41.72 26.82
CA VAL A 390 19.16 41.30 25.51
C VAL A 390 19.07 39.76 25.40
N ILE A 391 18.04 39.25 24.78
CA ILE A 391 17.96 37.83 24.57
C ILE A 391 18.85 37.52 23.44
N MET A 392 19.77 36.61 23.66
CA MET A 392 20.72 36.24 22.64
C MET A 392 20.12 35.05 21.96
N LEU A 393 19.69 35.24 20.72
CA LEU A 393 19.00 34.19 20.00
C LEU A 393 19.98 33.44 19.17
N LEU A 394 20.26 32.21 19.59
CA LEU A 394 21.10 31.33 18.81
C LEU A 394 20.22 30.68 17.75
N CYS A 395 20.88 30.21 16.69
CA CYS A 395 20.22 29.61 15.57
C CYS A 395 20.64 28.16 15.32
N ASP A 396 19.71 27.33 14.87
CA ASP A 396 20.10 26.01 14.35
C ASP A 396 20.74 26.24 12.99
N ASP A 397 21.17 25.16 12.36
CA ASP A 397 21.83 25.26 11.06
C ASP A 397 20.83 25.29 9.91
N ASN A 398 19.57 25.64 10.21
CA ASN A 398 18.44 25.57 9.29
C ASN A 398 17.94 24.16 9.01
N TRP A 399 18.55 23.16 9.62
CA TRP A 399 18.23 21.76 9.38
C TRP A 399 18.04 21.01 10.69
N GLY A 400 17.82 21.73 11.78
CA GLY A 400 17.40 21.17 13.05
C GLY A 400 18.54 20.84 13.98
N ASN A 401 19.78 21.16 13.58
CA ASN A 401 20.92 21.00 14.46
C ASN A 401 21.38 22.34 15.03
N VAL A 402 21.51 22.42 16.35
CA VAL A 402 22.01 23.62 16.97
C VAL A 402 23.50 23.81 16.63
N CYS A 403 23.86 25.05 16.38
CA CYS A 403 25.17 25.45 15.96
C CYS A 403 26.00 25.79 17.15
N ARG A 404 25.36 26.37 18.14
CA ARG A 404 26.07 26.92 19.23
C ARG A 404 25.14 26.91 20.40
N LEU A 405 25.69 26.55 21.53
CA LEU A 405 24.98 26.66 22.78
C LEU A 405 25.86 27.43 23.73
N PRO A 406 25.27 28.17 24.67
CA PRO A 406 26.11 28.88 25.62
C PRO A 406 26.88 27.93 26.51
N ASN A 407 28.10 28.34 26.84
CA ASN A 407 28.87 27.63 27.85
C ASN A 407 28.47 28.11 29.23
N ALA A 408 29.14 27.57 30.24
CA ALA A 408 28.69 27.74 31.63
C ALA A 408 28.74 29.20 32.04
N LYS A 409 29.75 29.93 31.56
CA LYS A 409 29.82 31.40 31.83
C LYS A 409 28.71 32.16 31.11
N GLU A 410 28.59 31.87 29.82
CA GLU A 410 27.60 32.50 28.97
C GLU A 410 26.18 32.35 29.47
N ARG A 411 25.93 31.23 30.11
CA ARG A 411 24.59 30.86 30.57
C ARG A 411 24.09 31.78 31.66
N LYS A 412 24.97 32.52 32.30
CA LYS A 412 24.57 33.52 33.30
C LYS A 412 24.05 34.82 32.64
N HIS A 413 24.20 34.97 31.31
CA HIS A 413 23.67 36.14 30.59
C HIS A 413 22.25 36.52 31.05
N PRO A 414 22.07 37.70 31.67
CA PRO A 414 20.77 37.88 32.33
C PRO A 414 19.61 37.88 31.34
N GLY A 415 19.81 38.43 30.16
CA GLY A 415 18.76 38.41 29.17
C GLY A 415 18.34 37.02 28.72
N GLY A 416 19.11 36.00 29.03
CA GLY A 416 18.81 34.67 28.57
C GLY A 416 19.20 34.44 27.12
N TRP A 417 18.87 33.25 26.66
CA TRP A 417 19.31 32.71 25.37
C TRP A 417 18.10 32.21 24.61
N GLY A 418 18.19 32.26 23.31
CA GLY A 418 17.10 31.80 22.49
C GLY A 418 17.55 30.74 21.51
N MET A 419 16.60 29.96 20.99
CA MET A 419 16.92 29.05 19.91
C MET A 419 15.93 29.26 18.82
N TYR A 420 16.44 29.49 17.62
CA TYR A 420 15.64 29.59 16.45
C TYR A 420 15.87 28.30 15.72
N TYR A 421 14.82 27.49 15.61
CA TYR A 421 14.87 26.16 15.11
C TYR A 421 14.04 26.03 13.82
N HIS A 422 14.52 25.24 12.87
CA HIS A 422 13.85 25.08 11.56
C HIS A 422 13.27 23.72 11.36
N VAL A 423 12.03 23.67 10.89
CA VAL A 423 11.45 22.48 10.31
C VAL A 423 11.04 22.74 8.85
N ASP A 424 11.44 23.90 8.32
CA ASP A 424 11.21 24.33 6.94
C ASP A 424 12.31 25.30 6.64
N TYR A 425 12.80 25.32 5.42
CA TYR A 425 13.94 26.21 5.06
C TYR A 425 14.02 26.49 3.58
N VAL A 426 14.28 27.75 3.25
CA VAL A 426 14.59 28.15 1.89
C VAL A 426 16.01 28.66 1.89
N GLY A 427 16.89 27.91 1.25
CA GLY A 427 18.29 28.20 1.21
C GLY A 427 19.07 26.96 0.88
N ALA A 428 20.37 27.06 1.10
CA ALA A 428 21.36 26.01 0.89
C ALA A 428 21.19 24.80 1.83
N PRO A 429 21.58 23.61 1.37
CA PRO A 429 21.97 23.33 0.01
C PRO A 429 20.75 23.28 -0.92
N ARG A 430 19.55 23.09 -0.35
CA ARG A 430 18.32 23.12 -1.12
C ARG A 430 17.13 23.34 -0.22
N ASN A 431 16.16 24.09 -0.72
CA ASN A 431 14.97 24.34 0.01
C ASN A 431 14.34 23.05 0.50
N SER A 432 13.82 23.10 1.71
CA SER A 432 12.90 22.09 2.19
C SER A 432 11.69 22.89 2.54
N LYS A 433 10.71 22.90 1.65
CA LYS A 433 9.47 23.60 1.98
C LYS A 433 8.20 22.91 1.57
N TRP A 434 8.37 21.63 1.32
CA TRP A 434 7.31 20.85 0.84
C TRP A 434 6.60 20.17 2.02
N LEU A 435 7.09 19.03 2.46
CA LEU A 435 6.49 18.28 3.55
C LEU A 435 7.32 18.42 4.80
N ASN A 436 6.76 17.92 5.90
CA ASN A 436 7.55 17.73 7.10
C ASN A 436 8.62 16.70 6.79
N VAL A 437 9.86 17.03 7.18
CA VAL A 437 10.99 16.16 6.99
C VAL A 437 11.78 16.00 8.27
N THR A 438 11.19 16.41 9.40
CA THR A 438 11.90 16.42 10.65
C THR A 438 11.58 15.16 11.45
N PRO A 439 12.56 14.27 11.61
CA PRO A 439 12.30 13.15 12.45
C PRO A 439 11.92 13.59 13.85
N ILE A 440 10.99 12.88 14.44
CA ILE A 440 10.55 13.17 15.81
C ILE A 440 11.74 13.15 16.74
N GLN A 441 12.61 12.19 16.53
CA GLN A 441 13.76 11.99 17.41
C GLN A 441 14.70 13.16 17.34
N ASN A 442 14.79 13.79 16.18
CA ASN A 442 15.77 14.80 15.98
C ASN A 442 15.35 16.09 16.63
N MET A 443 14.06 16.39 16.53
CA MET A 443 13.60 17.58 17.18
C MET A 443 13.81 17.40 18.67
N TRP A 444 13.45 16.23 19.18
CA TRP A 444 13.55 15.98 20.61
C TRP A 444 14.97 16.06 21.07
N GLU A 445 15.83 15.42 20.32
CA GLU A 445 17.20 15.24 20.73
C GLU A 445 17.95 16.58 20.83
N GLN A 446 17.67 17.49 19.92
CA GLN A 446 18.36 18.77 19.89
C GLN A 446 17.70 19.74 20.85
N LEU A 447 16.39 19.64 21.00
CA LEU A 447 15.72 20.53 21.92
C LEU A 447 16.01 20.15 23.37
N GLN A 448 16.10 18.86 23.69
CA GLN A 448 16.49 18.49 25.06
C GLN A 448 17.86 19.05 25.31
N LEU A 449 18.75 18.93 24.33
CA LEU A 449 20.11 19.46 24.45
C LEU A 449 20.09 20.96 24.64
N THR A 450 19.28 21.64 23.82
CA THR A 450 19.10 23.07 23.89
C THR A 450 18.70 23.48 25.28
N TYR A 451 17.75 22.77 25.85
CA TYR A 451 17.28 23.16 27.15
C TYR A 451 18.33 22.88 28.22
N ASP A 452 18.96 21.72 28.15
CA ASP A 452 19.96 21.36 29.13
C ASP A 452 21.11 22.30 29.14
N TYR A 453 21.41 22.96 28.02
CA TYR A 453 22.42 23.97 28.02
C TYR A 453 21.89 25.35 28.42
N GLY A 454 20.70 25.42 29.03
CA GLY A 454 20.22 26.66 29.61
C GLY A 454 19.66 27.65 28.61
N VAL A 455 19.19 27.16 27.45
CA VAL A 455 18.58 28.06 26.45
C VAL A 455 17.10 27.96 26.70
N GLU A 456 16.59 28.93 27.43
CA GLU A 456 15.24 28.85 27.89
C GLU A 456 14.46 30.15 27.88
N LYS A 457 14.96 31.21 27.23
CA LYS A 457 14.22 32.44 27.20
C LYS A 457 13.27 32.42 26.02
N LEU A 458 13.72 31.93 24.88
CA LEU A 458 12.98 32.09 23.63
C LEU A 458 13.25 30.93 22.69
N TRP A 459 12.18 30.19 22.37
CA TRP A 459 12.22 29.17 21.30
C TRP A 459 11.25 29.59 20.24
N ILE A 460 11.74 29.67 19.00
CA ILE A 460 11.00 30.13 17.88
C ILE A 460 11.27 29.16 16.75
N LEU A 461 10.19 28.61 16.22
CA LEU A 461 10.23 27.56 15.21
C LEU A 461 9.83 28.09 13.85
N ASN A 462 10.72 27.99 12.88
CA ASN A 462 10.31 28.29 11.53
C ASN A 462 9.39 27.16 11.05
N VAL A 463 8.13 27.48 10.76
CA VAL A 463 7.17 26.48 10.41
C VAL A 463 6.77 26.55 8.99
N GLY A 464 7.45 27.34 8.19
CA GLY A 464 7.03 27.52 6.84
C GLY A 464 5.60 28.01 6.78
N ASP A 465 4.78 27.31 6.01
CA ASP A 465 3.38 27.64 5.80
C ASP A 465 2.51 27.15 6.93
N LEU A 466 3.14 26.69 8.01
CA LEU A 466 2.45 26.15 9.16
C LEU A 466 2.02 24.73 8.84
N LYS A 467 1.12 24.57 7.91
CA LYS A 467 0.83 23.21 7.48
C LYS A 467 1.90 22.93 6.45
N PRO A 468 2.37 21.69 6.34
CA PRO A 468 2.03 20.49 7.08
C PRO A 468 3.00 20.15 8.23
N MET A 469 3.34 21.15 9.04
CA MET A 469 4.26 20.99 10.16
C MET A 469 3.49 20.88 11.46
N GLU A 470 2.26 20.40 11.38
CA GLU A 470 1.39 20.42 12.56
C GLU A 470 2.00 19.63 13.70
N TYR A 471 2.58 18.48 13.39
CA TYR A 471 3.07 17.64 14.46
C TYR A 471 4.37 18.22 15.08
N PRO A 472 5.37 18.54 14.26
CA PRO A 472 6.55 19.14 14.84
C PRO A 472 6.25 20.40 15.66
N ILE A 473 5.33 21.19 15.20
CA ILE A 473 4.92 22.40 15.93
C ILE A 473 4.44 22.03 17.33
N THR A 474 3.63 20.98 17.41
CA THR A 474 3.06 20.53 18.68
C THR A 474 4.13 20.02 19.56
N LEU A 475 4.99 19.19 18.99
CA LEU A 475 6.14 18.68 19.77
C LEU A 475 6.98 19.85 20.26
N PHE A 476 7.26 20.76 19.36
CA PHE A 476 8.09 21.92 19.70
C PHE A 476 7.46 22.66 20.86
N MET A 477 6.17 22.94 20.77
CA MET A 477 5.49 23.74 21.81
C MET A 477 5.40 23.01 23.13
N ASP A 478 5.16 21.71 23.07
CA ASP A 478 5.11 20.91 24.28
C ASP A 478 6.50 20.80 24.95
N MET A 479 7.54 20.68 24.13
CA MET A 479 8.86 20.63 24.66
C MET A 479 9.23 21.95 25.27
N ALA A 480 8.88 23.06 24.62
CA ALA A 480 9.21 24.37 25.19
C ALA A 480 8.49 24.55 26.51
N TRP A 481 7.31 23.95 26.61
CA TRP A 481 6.56 24.07 27.85
C TRP A 481 7.34 23.36 28.95
N ASN A 482 7.66 22.08 28.70
CA ASN A 482 8.32 21.29 29.65
C ASN A 482 9.21 20.20 29.04
N PRO A 483 10.44 20.56 28.69
CA PRO A 483 11.37 19.63 28.11
C PRO A 483 11.70 18.45 29.01
N LYS A 484 11.62 18.63 30.34
CA LYS A 484 12.04 17.60 31.28
C LYS A 484 10.94 16.56 31.43
N GLN A 485 9.78 16.81 30.86
CA GLN A 485 8.73 15.82 30.78
C GLN A 485 9.03 14.72 29.73
N PHE A 486 10.09 14.92 28.94
CA PHE A 486 10.36 14.09 27.80
C PHE A 486 11.66 13.37 27.96
N ASN A 487 11.64 12.08 27.72
CA ASN A 487 12.88 11.35 27.66
C ASN A 487 12.74 10.35 26.57
N VAL A 488 13.83 9.70 26.25
CA VAL A 488 13.89 8.74 25.16
C VAL A 488 12.92 7.58 25.36
N SER A 489 12.63 7.25 26.60
CA SER A 489 11.75 6.14 26.89
C SER A 489 10.27 6.54 26.69
N ASN A 490 9.93 7.81 26.90
CA ASN A 490 8.57 8.17 26.69
C ASN A 490 8.31 9.05 25.46
N LEU A 491 9.34 9.30 24.66
CA LEU A 491 9.18 10.21 23.57
C LEU A 491 7.98 9.86 22.72
N LEU A 492 7.83 8.60 22.35
CA LEU A 492 6.82 8.24 21.39
C LEU A 492 5.45 8.31 21.96
N ASP A 493 5.35 8.44 23.26
CA ASP A 493 4.07 8.72 23.86
C ASP A 493 3.56 10.08 23.43
N HIS A 494 4.47 10.97 23.07
CA HIS A 494 4.02 12.27 22.60
C HIS A 494 3.27 12.19 21.29
N PRO A 495 3.88 11.63 20.22
CA PRO A 495 3.06 11.46 19.03
C PRO A 495 1.86 10.54 19.23
N ARG A 496 1.99 9.59 20.14
CA ARG A 496 0.87 8.74 20.47
CA ARG A 496 0.87 8.74 20.48
C ARG A 496 -0.29 9.59 21.03
N ARG A 497 -0.03 10.43 22.01
CA ARG A 497 -1.10 11.30 22.55
C ARG A 497 -1.63 12.22 21.50
N PHE A 498 -0.73 12.73 20.66
CA PHE A 498 -1.13 13.57 19.55
C PHE A 498 -2.05 12.85 18.61
N CYS A 499 -1.75 11.61 18.33
CA CYS A 499 -2.57 10.87 17.41
C CYS A 499 -3.86 10.49 18.09
N ALA A 500 -3.82 10.17 19.36
CA ALA A 500 -5.07 9.88 20.09
C ALA A 500 -6.05 11.06 20.01
N GLN A 501 -5.47 12.20 20.25
CA GLN A 501 -6.19 13.42 20.26
C GLN A 501 -6.78 13.71 18.88
N GLN A 502 -5.99 13.51 17.83
CA GLN A 502 -6.42 13.89 16.50
C GLN A 502 -7.35 12.83 15.92
N PHE A 503 -7.10 11.56 16.23
CA PHE A 503 -7.81 10.49 15.48
C PHE A 503 -8.54 9.55 16.34
N GLY A 504 -8.49 9.79 17.64
CA GLY A 504 -9.12 8.89 18.62
C GLY A 504 -8.20 7.82 19.14
N GLU A 505 -8.54 7.32 20.29
CA GLU A 505 -7.72 6.43 21.07
C GLU A 505 -7.43 5.17 20.30
N ASP A 506 -8.46 4.69 19.60
CA ASP A 506 -8.36 3.39 18.96
C ASP A 506 -7.46 3.50 17.73
N GLN A 507 -7.13 4.73 17.30
CA GLN A 507 -6.28 4.93 16.11
C GLN A 507 -4.87 5.40 16.47
N ALA A 508 -4.65 5.68 17.73
CA ALA A 508 -3.48 6.41 18.11
C ALA A 508 -2.19 5.61 17.84
N ASP A 509 -2.14 4.37 18.32
CA ASP A 509 -0.92 3.58 18.24
C ASP A 509 -0.43 3.42 16.82
N GLU A 510 -1.34 3.02 15.96
CA GLU A 510 -1.02 2.83 14.55
C GLU A 510 -0.75 4.14 13.81
N ALA A 511 -1.45 5.22 14.17
CA ALA A 511 -1.21 6.50 13.54
C ALA A 511 0.12 7.04 14.00
N MET A 512 0.39 6.88 15.28
CA MET A 512 1.68 7.26 15.79
C MET A 512 2.80 6.50 15.08
N ARG A 513 2.61 5.18 14.89
CA ARG A 513 3.64 4.39 14.27
C ARG A 513 3.96 4.95 12.87
N ILE A 514 2.93 5.35 12.16
CA ILE A 514 3.10 5.81 10.79
C ILE A 514 3.69 7.21 10.81
N LEU A 515 3.22 7.99 11.76
CA LEU A 515 3.72 9.33 11.91
C LEU A 515 5.19 9.29 12.18
N ASN A 516 5.56 8.40 13.05
CA ASN A 516 6.96 8.31 13.43
C ASN A 516 7.80 7.89 12.25
N LEU A 517 7.27 6.95 11.49
CA LEU A 517 8.01 6.36 10.43
C LEU A 517 8.12 7.32 9.26
N TYR A 518 7.03 7.99 8.88
CA TYR A 518 7.10 8.85 7.75
C TYR A 518 8.06 9.99 8.13
N SER A 519 8.00 10.47 9.37
CA SER A 519 8.88 11.55 9.79
C SER A 519 10.33 11.10 9.66
N LYS A 520 10.61 9.86 10.07
CA LYS A 520 11.96 9.29 9.92
C LYS A 520 12.35 9.14 8.49
N TYR A 521 11.51 8.51 7.71
CA TYR A 521 11.80 8.36 6.30
C TYR A 521 12.05 9.68 5.62
N ASN A 522 11.23 10.67 5.91
CA ASN A 522 11.44 11.99 5.33
C ASN A 522 12.71 12.62 5.82
N GLY A 523 13.11 12.27 7.02
CA GLY A 523 14.33 12.83 7.56
C GLY A 523 15.55 12.39 6.81
N ARG A 524 15.46 11.24 6.13
CA ARG A 524 16.59 10.72 5.38
C ARG A 524 17.04 11.67 4.32
N VAL A 525 16.07 12.19 3.59
CA VAL A 525 16.28 13.07 2.47
C VAL A 525 15.00 13.79 2.15
N THR A 526 15.12 15.09 1.94
CA THR A 526 13.98 15.91 1.61
C THR A 526 13.47 15.52 0.24
N GLY A 527 12.19 15.76 -0.01
CA GLY A 527 11.64 15.51 -1.32
C GLY A 527 12.42 16.27 -2.37
N GLU A 528 12.80 17.49 -2.05
CA GLU A 528 13.47 18.33 -3.07
C GLU A 528 14.83 17.77 -3.41
N MET A 529 15.46 17.21 -2.42
CA MET A 529 16.79 16.69 -2.61
C MET A 529 16.77 15.26 -3.06
N LEU A 530 15.63 14.59 -2.93
CA LEU A 530 15.54 13.23 -3.40
C LEU A 530 15.57 13.19 -4.91
N ASP A 531 16.35 12.27 -5.45
CA ASP A 531 16.30 12.03 -6.85
C ASP A 531 16.78 10.61 -7.16
N ARG A 532 16.89 10.29 -8.43
CA ARG A 532 17.16 8.95 -8.84
C ARG A 532 18.47 8.43 -8.27
N ASN A 533 19.37 9.33 -7.87
CA ASN A 533 20.70 8.93 -7.36
C ASN A 533 20.82 8.95 -5.86
N THR A 534 19.75 9.25 -5.14
CA THR A 534 19.88 9.29 -3.70
C THR A 534 20.25 7.94 -3.16
N TYR A 535 19.61 6.91 -3.70
CA TYR A 535 19.75 5.59 -3.11
C TYR A 535 20.51 4.75 -4.04
N ASN A 536 21.03 3.68 -3.54
CA ASN A 536 21.80 2.77 -4.37
C ASN A 536 20.90 1.76 -5.07
N LEU A 537 20.93 1.79 -6.38
CA LEU A 537 20.05 0.94 -7.18
C LEU A 537 20.56 -0.51 -7.23
N GLU A 538 21.84 -0.66 -7.52
CA GLU A 538 22.46 -1.97 -7.73
C GLU A 538 22.36 -2.86 -6.46
N THR A 539 22.44 -2.30 -5.27
CA THR A 539 22.39 -3.16 -4.08
C THR A 539 20.96 -3.54 -3.70
N GLY A 540 19.94 -3.05 -4.39
CA GLY A 540 18.56 -3.25 -3.91
C GLY A 540 18.16 -2.19 -2.91
N GLU A 541 19.01 -1.23 -2.60
CA GLU A 541 18.62 -0.25 -1.57
C GLU A 541 17.45 0.59 -2.05
N TRP A 542 17.47 0.98 -3.31
CA TRP A 542 16.44 1.84 -3.84
C TRP A 542 15.11 1.11 -3.79
N LYS A 543 15.12 -0.11 -4.29
CA LYS A 543 13.92 -0.93 -4.21
C LYS A 543 13.45 -1.08 -2.79
N GLN A 544 14.36 -1.30 -1.89
CA GLN A 544 14.00 -1.49 -0.50
C GLN A 544 13.26 -0.26 0.04
N VAL A 545 13.87 0.91 -0.10
CA VAL A 545 13.23 2.10 0.46
C VAL A 545 11.96 2.45 -0.30
N SER A 546 11.95 2.19 -1.60
CA SER A 546 10.74 2.46 -2.35
C SER A 546 9.63 1.50 -1.87
N ASP A 547 9.90 0.21 -1.88
CA ASP A 547 8.92 -0.77 -1.39
C ASP A 547 8.49 -0.49 0.05
N GLU A 548 9.41 -0.08 0.88
CA GLU A 548 9.07 0.19 2.26
C GLU A 548 8.14 1.37 2.45
N TYR A 549 8.28 2.40 1.61
CA TYR A 549 7.42 3.52 1.73
C TYR A 549 6.03 3.15 1.25
N LEU A 550 5.96 2.30 0.22
CA LEU A 550 4.71 1.87 -0.33
C LEU A 550 4.00 0.96 0.64
N LYS A 551 4.76 0.16 1.37
CA LYS A 551 4.18 -0.64 2.47
C LYS A 551 3.61 0.28 3.51
N LEU A 552 4.32 1.38 3.83
CA LEU A 552 3.81 2.30 4.79
C LEU A 552 2.53 2.90 4.27
N GLU A 553 2.45 3.15 2.97
CA GLU A 553 1.24 3.74 2.38
C GLU A 553 0.06 2.74 2.49
N ALA A 554 0.35 1.48 2.20
CA ALA A 554 -0.64 0.43 2.33
C ALA A 554 -1.22 0.48 3.75
N GLU A 555 -0.35 0.59 4.71
CA GLU A 555 -0.75 0.62 6.08
C GLU A 555 -1.55 1.88 6.43
N ALA A 556 -1.11 3.00 5.89
CA ALA A 556 -1.79 4.24 6.13
C ALA A 556 -3.16 4.19 5.47
N LEU A 557 -3.22 3.58 4.32
CA LEU A 557 -4.48 3.41 3.65
C LEU A 557 -5.46 2.49 4.41
N ARG A 558 -4.94 1.39 4.97
CA ARG A 558 -5.78 0.53 5.83
C ARG A 558 -6.35 1.37 6.95
N GLN A 559 -5.49 2.17 7.54
CA GLN A 559 -5.91 2.93 8.68
C GLN A 559 -6.97 3.93 8.26
N TYR A 560 -6.69 4.61 7.17
CA TYR A 560 -7.56 5.62 6.64
C TYR A 560 -8.95 5.08 6.41
N ILE A 561 -9.04 3.96 5.71
CA ILE A 561 -10.36 3.47 5.39
C ILE A 561 -11.06 2.92 6.64
N SER A 562 -10.33 2.59 7.70
CA SER A 562 -10.93 2.21 8.96
C SER A 562 -11.52 3.39 9.76
N LEU A 563 -11.16 4.62 9.42
CA LEU A 563 -11.55 5.76 10.24
C LEU A 563 -13.02 6.05 10.17
N LYS A 564 -13.58 6.49 11.27
CA LYS A 564 -14.84 7.19 11.28
C LYS A 564 -14.73 8.41 10.38
N PRO A 565 -15.77 8.68 9.63
CA PRO A 565 -15.63 9.62 8.53
C PRO A 565 -15.14 11.05 8.96
N GLU A 566 -15.44 11.43 10.17
CA GLU A 566 -15.08 12.74 10.61
C GLU A 566 -13.57 12.94 10.83
N TYR A 567 -12.79 11.84 10.77
CA TYR A 567 -11.36 11.89 11.02
C TYR A 567 -10.57 11.85 9.75
N LYS A 568 -11.23 11.59 8.64
CA LYS A 568 -10.54 11.38 7.38
C LYS A 568 -9.76 12.58 6.94
N ASP A 569 -10.37 13.77 7.02
CA ASP A 569 -9.66 14.95 6.57
C ASP A 569 -8.44 15.22 7.41
N ALA A 570 -8.57 15.10 8.74
CA ALA A 570 -7.44 15.36 9.59
C ALA A 570 -6.34 14.32 9.34
N TYR A 571 -6.72 13.06 9.16
CA TYR A 571 -5.77 11.99 8.98
C TYR A 571 -5.09 12.20 7.63
N LYS A 572 -5.87 12.56 6.63
CA LYS A 572 -5.24 12.85 5.34
C LYS A 572 -4.17 13.91 5.51
N GLN A 573 -4.47 14.98 6.27
CA GLN A 573 -3.59 16.13 6.34
C GLN A 573 -2.35 15.79 7.11
N LEU A 574 -2.51 14.92 8.08
CA LEU A 574 -1.54 14.70 9.09
C LEU A 574 -0.71 13.45 8.88
N ILE A 575 -1.20 12.54 8.07
CA ILE A 575 -0.60 11.20 8.01
C ILE A 575 -0.64 10.74 6.63
N LEU A 576 -1.84 10.55 6.11
CA LEU A 576 -1.93 9.89 4.79
C LEU A 576 -1.29 10.69 3.68
N PHE A 577 -1.53 11.99 3.60
CA PHE A 577 -1.04 12.72 2.44
C PHE A 577 0.50 12.72 2.43
N PRO A 578 1.12 13.05 3.57
CA PRO A 578 2.57 13.05 3.51
C PRO A 578 3.09 11.67 3.15
N VAL A 579 2.51 10.64 3.73
CA VAL A 579 2.93 9.31 3.41
C VAL A 579 2.76 9.03 1.93
N GLN A 580 1.59 9.28 1.41
CA GLN A 580 1.38 8.97 -0.02
C GLN A 580 2.27 9.83 -0.94
N ALA A 581 2.37 11.10 -0.62
CA ALA A 581 3.12 12.01 -1.46
C ALA A 581 4.55 11.57 -1.49
N MET A 582 5.13 11.26 -0.34
CA MET A 582 6.51 10.80 -0.36
C MET A 582 6.70 9.40 -0.93
N ALA A 583 5.87 8.43 -0.55
CA ALA A 583 5.98 7.08 -1.10
C ALA A 583 5.94 7.11 -2.61
N ASN A 584 5.03 7.92 -3.15
CA ASN A 584 4.94 8.05 -4.58
C ASN A 584 6.18 8.70 -5.17
N LEU A 585 6.69 9.71 -4.50
CA LEU A 585 7.85 10.42 -4.99
C LEU A 585 8.99 9.45 -5.03
N TYR A 586 9.13 8.64 -3.98
CA TYR A 586 10.13 7.60 -3.95
C TYR A 586 10.03 6.70 -5.15
N GLU A 587 8.81 6.28 -5.48
CA GLU A 587 8.62 5.34 -6.58
C GLU A 587 8.90 5.99 -7.90
N MET A 588 8.57 7.27 -8.03
CA MET A 588 8.88 8.00 -9.22
C MET A 588 10.38 7.93 -9.48
N TYR A 589 11.17 8.30 -8.47
CA TYR A 589 12.61 8.35 -8.65
C TYR A 589 13.25 6.98 -8.73
N TYR A 590 12.67 6.03 -8.03
CA TYR A 590 13.10 4.69 -8.13
C TYR A 590 12.86 4.18 -9.55
N ALA A 591 11.66 4.33 -10.06
CA ALA A 591 11.34 3.97 -11.41
C ALA A 591 12.23 4.68 -12.43
N GLN A 592 12.61 5.91 -12.14
CA GLN A 592 13.48 6.64 -13.00
C GLN A 592 14.90 6.05 -13.04
N ALA A 593 15.42 5.69 -11.88
CA ALA A 593 16.68 5.02 -11.82
C ALA A 593 16.64 3.71 -12.59
N MET A 594 15.59 2.91 -12.38
CA MET A 594 15.45 1.66 -13.12
C MET A 594 15.35 1.91 -14.60
N ASN A 595 14.62 2.94 -14.95
CA ASN A 595 14.51 3.28 -16.33
C ASN A 595 15.89 3.54 -16.97
N HIS A 596 16.73 4.31 -16.26
CA HIS A 596 18.04 4.70 -16.78
C HIS A 596 18.90 3.47 -16.84
N LYS A 597 18.87 2.64 -15.80
CA LYS A 597 19.66 1.45 -15.78
C LYS A 597 19.32 0.60 -16.97
N LEU A 598 18.04 0.36 -17.15
CA LEU A 598 17.62 -0.55 -18.20
C LEU A 598 17.77 0.01 -19.59
N TYR A 599 17.55 1.32 -19.71
CA TYR A 599 17.81 1.97 -20.95
C TYR A 599 19.28 1.80 -21.36
N LYS A 600 20.24 2.02 -20.46
CA LYS A 600 21.67 1.86 -20.77
C LYS A 600 21.94 0.44 -21.21
N GLU A 601 21.22 -0.50 -20.59
CA GLU A 601 21.34 -1.88 -20.99
C GLU A 601 20.66 -2.21 -22.31
N ASN A 602 20.03 -1.22 -22.92
CA ASN A 602 19.19 -1.41 -24.12
C ASN A 602 18.10 -2.44 -23.94
N ASN A 603 17.53 -2.45 -22.75
CA ASN A 603 16.58 -3.44 -22.39
C ASN A 603 15.22 -2.75 -22.43
N PRO A 604 14.29 -3.28 -23.26
CA PRO A 604 13.00 -2.65 -23.42
C PRO A 604 12.11 -2.61 -22.16
N GLN A 605 12.47 -3.35 -21.12
CA GLN A 605 11.86 -3.13 -19.83
C GLN A 605 11.96 -1.69 -19.37
N ALA A 606 12.92 -0.94 -19.87
CA ALA A 606 13.06 0.45 -19.49
C ALA A 606 11.75 1.17 -19.68
N ASN A 607 10.98 0.73 -20.66
CA ASN A 607 9.78 1.46 -21.05
C ASN A 607 8.69 1.41 -19.99
N GLU A 608 8.61 0.28 -19.34
CA GLU A 608 7.67 0.10 -18.25
C GLU A 608 8.01 1.02 -17.13
N TRP A 609 9.30 1.14 -16.83
CA TRP A 609 9.72 1.99 -15.76
C TRP A 609 9.45 3.44 -16.13
N ALA A 610 9.62 3.77 -17.40
CA ALA A 610 9.28 5.10 -17.88
C ALA A 610 7.80 5.37 -17.65
N ASP A 611 6.94 4.42 -18.01
CA ASP A 611 5.53 4.56 -17.70
C ASP A 611 5.30 4.83 -16.23
N LYS A 612 6.01 4.11 -15.38
CA LYS A 612 5.86 4.32 -13.94
C LYS A 612 6.30 5.73 -13.51
N VAL A 613 7.37 6.27 -14.11
CA VAL A 613 7.75 7.65 -13.81
C VAL A 613 6.61 8.64 -14.21
N GLU A 614 6.10 8.52 -15.41
CA GLU A 614 4.97 9.34 -15.83
C GLU A 614 3.76 9.19 -14.91
N GLN A 615 3.47 7.97 -14.54
CA GLN A 615 2.35 7.72 -13.69
C GLN A 615 2.52 8.29 -12.28
N ALA A 616 3.67 8.06 -11.68
CA ALA A 616 3.93 8.61 -10.37
C ALA A 616 3.96 10.14 -10.44
N PHE A 617 4.42 10.68 -11.55
CA PHE A 617 4.47 12.12 -11.66
C PHE A 617 3.04 12.63 -11.62
N ALA A 618 2.18 11.95 -12.36
CA ALA A 618 0.76 12.31 -12.44
C ALA A 618 0.07 12.06 -11.09
N ARG A 619 0.44 10.97 -10.42
CA ARG A 619 -0.04 10.72 -9.07
C ARG A 619 0.37 11.82 -8.09
N ASP A 620 1.59 12.32 -8.20
CA ASP A 620 1.99 13.41 -7.31
C ASP A 620 1.01 14.59 -7.46
N LYS A 621 0.65 14.88 -8.70
CA LYS A 621 -0.27 15.95 -8.97
C LYS A 621 -1.69 15.63 -8.43
N ALA A 622 -2.14 14.39 -8.58
CA ALA A 622 -3.48 14.01 -8.13
C ALA A 622 -3.57 14.11 -6.63
N LEU A 623 -2.50 13.75 -5.98
CA LEU A 623 -2.44 13.82 -4.53
C LEU A 623 -2.57 15.21 -4.04
N SER A 624 -1.81 16.09 -4.64
CA SER A 624 -1.87 17.48 -4.20
C SER A 624 -3.21 18.11 -4.59
N ASP A 625 -3.74 17.76 -5.77
CA ASP A 625 -5.05 18.33 -6.18
C ASP A 625 -6.13 17.97 -5.19
N ASP A 626 -6.06 16.75 -4.68
CA ASP A 626 -7.01 16.32 -3.72
C ASP A 626 -6.86 17.10 -2.45
N TYR A 627 -5.65 17.29 -1.96
CA TYR A 627 -5.42 18.03 -0.71
C TYR A 627 -5.97 19.44 -0.84
N ASN A 628 -5.59 20.11 -1.93
CA ASN A 628 -6.03 21.45 -2.20
C ASN A 628 -7.55 21.61 -2.44
N ASN A 629 -8.17 20.66 -3.15
CA ASN A 629 -9.49 20.92 -3.71
C ASN A 629 -10.59 20.03 -3.22
N ILE A 630 -10.25 18.85 -2.70
CA ILE A 630 -11.29 17.90 -2.39
C ILE A 630 -11.34 17.73 -0.90
N MET A 631 -10.22 17.39 -0.30
CA MET A 631 -10.08 17.26 1.11
C MET A 631 -10.61 18.50 1.79
N SER A 632 -11.41 18.27 2.86
CA SER A 632 -11.96 19.34 3.65
C SER A 632 -12.72 20.33 2.79
N GLY A 633 -13.34 19.86 1.71
CA GLY A 633 -14.14 20.72 0.86
C GLY A 633 -13.30 21.81 0.22
N GLY A 634 -12.00 21.61 0.15
CA GLY A 634 -11.10 22.58 -0.44
C GLY A 634 -10.73 23.70 0.47
N LYS A 635 -10.93 23.48 1.77
CA LYS A 635 -10.57 24.48 2.76
C LYS A 635 -9.12 24.88 2.66
N TRP A 636 -8.25 23.91 2.37
CA TRP A 636 -6.82 24.16 2.30
C TRP A 636 -6.31 24.45 0.90
N LYS A 637 -7.18 24.90 -0.03
CA LYS A 637 -6.74 25.24 -1.39
C LYS A 637 -5.53 26.14 -1.35
N ASN A 638 -4.49 25.70 -2.07
CA ASN A 638 -3.22 26.42 -2.19
C ASN A 638 -2.22 26.18 -1.10
N MET A 639 -2.58 25.44 -0.06
CA MET A 639 -1.62 25.10 0.96
C MET A 639 -0.65 24.02 0.44
N MET A 640 -0.96 23.35 -0.66
CA MET A 640 -0.14 22.27 -1.12
C MET A 640 0.14 22.40 -2.60
N ILE A 641 0.78 23.50 -2.95
CA ILE A 641 1.16 23.76 -4.33
C ILE A 641 2.68 23.95 -4.48
N GLN A 642 3.48 23.71 -3.44
CA GLN A 642 4.91 23.92 -3.55
C GLN A 642 5.54 23.05 -4.64
N LYS A 643 6.35 23.69 -5.48
CA LYS A 643 7.13 22.95 -6.47
C LYS A 643 8.19 22.09 -5.78
N HIS A 644 8.31 20.85 -6.22
CA HIS A 644 9.23 19.92 -5.54
C HIS A 644 9.85 18.90 -6.46
N ILE A 645 9.46 18.91 -7.72
CA ILE A 645 10.02 18.02 -8.71
C ILE A 645 10.61 18.84 -9.88
N GLY A 646 11.95 18.95 -9.92
CA GLY A 646 12.59 19.82 -10.90
C GLY A 646 13.75 20.65 -10.40
N TYR A 647 14.00 20.62 -9.09
CA TYR A 647 15.13 21.31 -8.54
C TYR A 647 16.37 20.86 -9.27
N THR A 648 17.14 21.83 -9.71
CA THR A 648 18.49 21.48 -10.17
C THR A 648 19.50 22.17 -9.29
N SER A 649 19.00 23.08 -8.45
CA SER A 649 19.81 23.93 -7.63
C SER A 649 19.13 24.08 -6.25
N TRP A 650 19.53 25.07 -5.45
CA TRP A 650 18.97 25.19 -4.11
C TRP A 650 17.52 25.73 -4.09
N ASN A 651 17.20 26.66 -4.99
CA ASN A 651 15.89 27.37 -4.98
C ASN A 651 14.94 26.79 -6.00
N ASP A 652 13.66 27.05 -5.80
CA ASP A 652 12.66 26.54 -6.73
C ASP A 652 12.44 27.54 -7.87
N ASN A 653 13.53 27.90 -8.52
CA ASN A 653 13.52 28.85 -9.64
C ASN A 653 13.45 28.09 -10.97
N PHE A 654 12.42 27.27 -11.12
CA PHE A 654 12.13 26.55 -12.35
C PHE A 654 10.63 26.66 -12.43
N PRO A 655 10.08 26.69 -13.66
CA PRO A 655 8.66 27.11 -13.81
C PRO A 655 7.61 26.27 -13.05
N ALA A 656 7.84 24.97 -12.94
CA ALA A 656 6.80 24.04 -12.56
C ALA A 656 7.36 22.66 -12.25
N ASP A 657 6.63 21.86 -11.50
CA ASP A 657 7.00 20.47 -11.30
C ASP A 657 7.13 19.87 -12.66
N THR A 658 8.20 19.16 -12.90
CA THR A 658 8.45 18.69 -14.24
C THR A 658 8.91 17.24 -14.24
N LEU A 659 8.42 16.54 -15.25
CA LEU A 659 8.72 15.13 -15.43
C LEU A 659 10.19 14.85 -15.32
N PRO A 660 10.60 13.95 -14.40
CA PRO A 660 12.01 13.60 -14.41
C PRO A 660 12.36 12.94 -15.71
N LYS A 661 13.58 13.11 -16.18
CA LYS A 661 14.01 12.55 -17.47
C LYS A 661 13.94 11.06 -17.54
N ILE A 662 13.30 10.56 -18.56
CA ILE A 662 13.24 9.18 -18.81
C ILE A 662 13.60 8.91 -20.23
N TYR A 663 13.99 7.69 -20.51
CA TYR A 663 14.38 7.30 -21.84
C TYR A 663 13.60 6.09 -22.24
N ARG A 664 13.24 6.03 -23.51
CA ARG A 664 12.50 4.88 -24.01
C ARG A 664 13.22 4.20 -25.12
N ILE A 665 13.24 2.90 -25.05
CA ILE A 665 13.71 2.12 -26.17
C ILE A 665 12.63 2.20 -27.28
N GLU A 666 12.98 2.80 -28.41
CA GLU A 666 12.13 2.78 -29.61
C GLU A 666 12.01 1.33 -30.11
N ASN A 667 10.85 1.01 -30.68
CA ASN A 667 10.66 -0.31 -31.29
C ASN A 667 11.03 -1.46 -30.35
N PRO A 668 10.47 -1.47 -29.15
CA PRO A 668 10.87 -2.43 -28.14
C PRO A 668 10.57 -3.87 -28.52
N GLU A 669 9.62 -4.07 -29.44
CA GLU A 669 9.32 -5.41 -29.94
C GLU A 669 10.50 -5.97 -30.74
N LYS A 670 11.32 -5.08 -31.28
CA LYS A 670 12.54 -5.50 -31.96
C LYS A 670 13.69 -5.57 -30.99
N ALA A 671 13.58 -5.02 -29.79
CA ALA A 671 14.72 -5.01 -28.87
C ALA A 671 14.78 -6.29 -28.05
N VAL A 672 15.04 -7.41 -28.73
CA VAL A 672 14.98 -8.75 -28.17
C VAL A 672 16.25 -9.47 -28.57
N GLY A 673 16.72 -10.38 -27.75
CA GLY A 673 17.97 -11.06 -28.02
C GLY A 673 19.15 -10.11 -27.77
N GLY A 674 20.37 -10.64 -27.90
CA GLY A 674 21.57 -9.88 -27.74
C GLY A 674 21.95 -9.70 -26.27
N TYR A 675 21.28 -10.38 -25.35
CA TYR A 675 21.62 -10.28 -23.93
C TYR A 675 22.87 -11.02 -23.57
N VAL A 676 23.72 -10.35 -22.82
CA VAL A 676 24.94 -10.94 -22.31
C VAL A 676 24.98 -10.65 -20.84
N PHE A 677 25.26 -11.69 -20.07
CA PHE A 677 25.20 -11.66 -18.62
C PHE A 677 26.58 -11.76 -18.05
N THR A 678 26.76 -11.07 -16.94
CA THR A 678 28.04 -11.13 -16.23
C THR A 678 27.78 -11.72 -14.87
N GLY A 679 28.42 -12.84 -14.60
CA GLY A 679 28.26 -13.48 -13.32
C GLY A 679 28.80 -12.58 -12.23
N GLN A 680 28.08 -12.49 -11.14
CA GLN A 680 28.58 -11.88 -9.92
C GLN A 680 28.11 -12.79 -8.79
N ASP A 681 28.87 -12.80 -7.71
CA ASP A 681 28.49 -13.49 -6.51
C ASP A 681 28.32 -15.01 -6.68
N GLY A 682 28.97 -15.60 -7.68
CA GLY A 682 28.98 -17.05 -7.76
C GLY A 682 27.80 -17.66 -8.48
N TYR A 683 27.01 -16.85 -9.18
CA TYR A 683 25.91 -17.42 -9.93
C TYR A 683 25.53 -16.51 -11.02
N ILE A 684 24.76 -17.06 -11.95
CA ILE A 684 24.13 -16.25 -12.98
C ILE A 684 22.69 -16.65 -13.12
N ALA A 685 21.82 -15.78 -12.69
CA ALA A 685 20.41 -16.05 -12.77
C ALA A 685 19.94 -15.34 -14.01
N ILE A 686 19.28 -16.07 -14.87
CA ILE A 686 18.88 -15.57 -16.15
C ILE A 686 17.37 -15.79 -16.38
N GLU A 687 16.65 -14.68 -16.60
CA GLU A 687 15.30 -14.77 -17.01
C GLU A 687 15.29 -15.17 -18.48
N ALA A 688 14.47 -16.14 -18.83
CA ALA A 688 14.58 -16.80 -20.14
C ALA A 688 14.38 -15.89 -21.32
N GLU A 689 13.60 -14.85 -21.11
CA GLU A 689 13.39 -13.87 -22.13
C GLU A 689 14.72 -13.16 -22.53
N HIS A 690 15.73 -13.23 -21.68
CA HIS A 690 16.96 -12.47 -21.89
C HIS A 690 17.99 -13.31 -22.58
N TYR A 691 17.59 -13.80 -23.75
CA TYR A 691 18.44 -14.70 -24.50
C TYR A 691 19.37 -13.86 -25.35
N TYR A 692 20.45 -14.49 -25.77
CA TYR A 692 21.38 -13.86 -26.67
C TYR A 692 20.85 -14.06 -28.07
N SER A 693 20.62 -15.28 -28.46
CA SER A 693 20.04 -15.54 -29.76
C SER A 693 19.13 -16.75 -29.68
N ALA A 694 18.32 -16.91 -30.69
CA ALA A 694 17.40 -18.07 -30.69
C ALA A 694 17.19 -18.48 -32.12
N LYS A 695 16.99 -19.78 -32.34
CA LYS A 695 16.55 -20.23 -33.64
C LYS A 695 15.32 -21.14 -33.44
N ALA A 696 14.27 -20.78 -34.16
CA ALA A 696 13.02 -21.46 -34.11
C ALA A 696 13.09 -22.63 -35.06
N ALA A 697 12.23 -23.62 -34.81
CA ALA A 697 12.02 -24.70 -35.74
C ALA A 697 11.14 -24.13 -36.85
N PRO A 698 11.06 -24.82 -37.97
CA PRO A 698 10.14 -24.36 -39.03
C PRO A 698 8.69 -24.26 -38.55
N ASP A 699 7.99 -23.25 -39.03
CA ASP A 699 6.59 -23.04 -38.70
C ASP A 699 6.38 -22.83 -37.19
N THR A 700 7.39 -22.28 -36.52
CA THR A 700 7.29 -21.90 -35.13
C THR A 700 8.06 -20.61 -34.92
N GLU A 701 7.80 -19.97 -33.80
CA GLU A 701 8.37 -18.72 -33.44
C GLU A 701 8.62 -18.85 -31.93
N TRP A 702 9.83 -18.50 -31.50
CA TRP A 702 10.10 -18.32 -30.10
C TRP A 702 9.24 -17.18 -29.62
N THR A 703 8.47 -17.46 -28.56
CA THR A 703 7.42 -16.57 -28.13
C THR A 703 7.60 -16.30 -26.66
N VAL A 704 7.60 -15.03 -26.34
CA VAL A 704 7.64 -14.56 -24.99
C VAL A 704 6.22 -14.65 -24.45
N ILE A 705 6.03 -15.32 -23.32
CA ILE A 705 4.75 -15.26 -22.61
C ILE A 705 4.94 -14.38 -21.41
N PRO A 706 4.62 -13.10 -21.54
CA PRO A 706 4.90 -12.19 -20.42
C PRO A 706 4.25 -12.68 -19.14
N TYR A 707 4.94 -12.48 -18.04
CA TYR A 707 4.49 -12.81 -16.69
C TYR A 707 4.51 -14.29 -16.38
N MET A 708 4.71 -15.13 -17.39
CA MET A 708 4.61 -16.53 -17.21
C MET A 708 5.70 -17.03 -16.25
N GLY A 709 5.29 -17.79 -15.24
CA GLY A 709 6.22 -18.40 -14.32
C GLY A 709 6.30 -17.60 -13.04
N ARG A 710 7.33 -17.86 -12.25
CA ARG A 710 7.43 -17.26 -10.93
C ARG A 710 8.07 -15.87 -10.97
N THR A 711 8.86 -15.62 -12.02
CA THR A 711 9.52 -14.36 -12.23
C THR A 711 9.15 -13.72 -13.60
N LEU A 712 10.12 -13.35 -14.42
CA LEU A 712 9.82 -12.40 -15.49
C LEU A 712 8.80 -12.91 -16.51
N SER A 713 9.12 -14.01 -17.17
CA SER A 713 8.30 -14.47 -18.25
C SER A 713 8.74 -15.84 -18.66
N GLY A 714 8.06 -16.37 -19.67
CA GLY A 714 8.44 -17.67 -20.20
C GLY A 714 8.75 -17.57 -21.66
N MET A 715 9.62 -18.42 -22.16
CA MET A 715 9.89 -18.46 -23.59
C MET A 715 9.45 -19.82 -24.05
N ALA A 716 8.68 -19.85 -25.12
CA ALA A 716 8.21 -21.12 -25.64
C ALA A 716 8.12 -21.02 -27.14
N LEU A 717 8.41 -22.13 -27.75
CA LEU A 717 8.35 -22.27 -29.17
C LEU A 717 6.87 -22.52 -29.50
N MET A 718 6.28 -21.64 -30.31
CA MET A 718 4.87 -21.76 -30.60
C MET A 718 4.64 -21.75 -32.08
N PRO A 719 3.56 -22.41 -32.51
CA PRO A 719 2.63 -23.15 -31.67
C PRO A 719 3.18 -24.53 -31.33
N TYR A 720 2.52 -25.19 -30.38
CA TYR A 720 2.93 -26.47 -29.86
C TYR A 720 2.54 -27.61 -30.77
N THR A 721 1.91 -27.32 -31.91
CA THR A 721 1.48 -28.37 -32.84
C THR A 721 2.59 -28.79 -33.78
N GLN A 722 3.74 -28.14 -33.66
CA GLN A 722 4.85 -28.36 -34.56
C GLN A 722 5.99 -29.04 -33.87
N PRO A 723 6.69 -29.93 -34.59
CA PRO A 723 7.87 -30.51 -33.96
C PRO A 723 8.94 -29.43 -33.74
N THR A 724 9.81 -29.64 -32.80
CA THR A 724 10.71 -28.56 -32.40
C THR A 724 12.06 -28.70 -33.02
N ASP A 725 12.20 -29.75 -33.84
CA ASP A 725 13.44 -30.14 -34.52
C ASP A 725 14.28 -28.92 -34.92
N GLY A 726 15.47 -28.83 -34.32
CA GLY A 726 16.45 -27.80 -34.66
C GLY A 726 16.27 -26.45 -33.93
N ALA A 727 15.26 -26.33 -33.08
CA ALA A 727 15.07 -25.07 -32.35
C ALA A 727 16.06 -25.00 -31.22
N SER A 728 16.48 -23.79 -30.91
CA SER A 728 17.33 -23.62 -29.76
C SER A 728 17.22 -22.18 -29.32
N ILE A 729 17.66 -21.93 -28.11
CA ILE A 729 17.69 -20.58 -27.58
C ILE A 729 18.91 -20.54 -26.71
N SER A 730 19.68 -19.50 -26.91
CA SER A 730 21.04 -19.44 -26.40
C SER A 730 21.25 -18.20 -25.55
N TYR A 731 22.00 -18.37 -24.49
CA TYR A 731 22.29 -17.34 -23.53
C TYR A 731 23.80 -17.22 -23.43
N LYS A 732 24.27 -15.99 -23.46
CA LYS A 732 25.68 -15.66 -23.41
C LYS A 732 26.02 -15.11 -22.04
N ILE A 733 27.03 -15.67 -21.42
CA ILE A 733 27.40 -15.34 -20.07
C ILE A 733 28.91 -15.14 -19.97
N LYS A 734 29.32 -14.39 -18.96
CA LYS A 734 30.71 -14.20 -18.65
C LYS A 734 30.97 -14.85 -17.29
N LEU A 735 31.62 -16.01 -17.30
CA LEU A 735 32.07 -16.65 -16.09
C LEU A 735 33.49 -16.20 -15.80
N PRO A 736 33.87 -16.17 -14.55
CA PRO A 736 35.29 -16.03 -14.26
C PRO A 736 36.02 -17.21 -14.89
N LYS A 737 37.16 -16.94 -15.54
CA LYS A 737 37.85 -17.94 -16.40
C LYS A 737 38.28 -19.17 -15.59
N GLY A 738 38.49 -19.01 -14.30
CA GLY A 738 38.89 -20.11 -13.44
C GLY A 738 37.86 -21.20 -13.26
N ILE A 739 36.62 -20.93 -13.64
CA ILE A 739 35.53 -21.87 -13.37
C ILE A 739 35.43 -22.99 -14.42
N ASP A 740 35.45 -24.24 -13.99
CA ASP A 740 35.48 -25.38 -14.94
C ASP A 740 34.20 -26.24 -14.91
N LYS A 741 33.36 -26.05 -13.89
CA LYS A 741 32.14 -26.83 -13.75
C LYS A 741 31.06 -25.86 -13.22
N VAL A 742 29.84 -26.03 -13.67
CA VAL A 742 28.71 -25.24 -13.16
C VAL A 742 27.58 -26.21 -12.99
N THR A 743 26.65 -25.91 -12.09
CA THR A 743 25.40 -26.61 -12.09
C THR A 743 24.40 -25.63 -12.65
N VAL A 744 23.77 -26.01 -13.77
CA VAL A 744 22.78 -25.15 -14.34
C VAL A 744 21.43 -25.64 -13.90
N HIS A 745 20.67 -24.74 -13.28
CA HIS A 745 19.30 -25.01 -12.95
C HIS A 745 18.46 -24.53 -14.12
N VAL A 746 17.60 -25.39 -14.63
CA VAL A 746 16.76 -25.05 -15.74
C VAL A 746 15.37 -25.09 -15.21
N ILE A 747 14.67 -23.96 -15.33
CA ILE A 747 13.31 -23.83 -14.82
C ILE A 747 12.35 -23.74 -15.97
N VAL A 748 11.54 -24.79 -16.11
CA VAL A 748 10.51 -24.78 -17.09
C VAL A 748 9.17 -24.91 -16.41
N LYS A 749 8.11 -24.46 -17.08
CA LYS A 749 6.75 -24.70 -16.63
C LYS A 749 6.57 -26.25 -16.49
N SER A 750 5.79 -26.64 -15.48
CA SER A 750 5.54 -28.07 -15.23
C SER A 750 4.61 -28.67 -16.28
N THR A 751 5.01 -28.57 -17.55
CA THR A 751 4.29 -29.18 -18.65
C THR A 751 4.43 -30.69 -18.50
N LEU A 752 3.34 -31.41 -18.74
CA LEU A 752 3.38 -32.87 -18.57
C LEU A 752 3.47 -33.58 -19.89
N ALA A 753 3.66 -34.90 -19.84
CA ALA A 753 3.90 -35.74 -21.03
C ALA A 753 2.64 -35.93 -21.88
N PHE A 754 2.15 -34.86 -22.45
CA PHE A 754 0.89 -34.89 -23.14
C PHE A 754 0.92 -35.48 -24.56
N HIS A 755 2.06 -35.40 -25.22
CA HIS A 755 2.15 -35.80 -26.65
C HIS A 755 2.70 -37.21 -26.81
N ASP A 756 3.51 -37.65 -25.87
CA ASP A 756 4.38 -38.83 -26.03
C ASP A 756 4.60 -39.35 -24.61
N ARG A 757 4.25 -40.61 -24.40
CA ARG A 757 4.39 -41.28 -23.09
C ARG A 757 5.83 -41.17 -22.52
N LYS A 758 6.85 -40.98 -23.38
CA LYS A 758 8.25 -40.81 -23.00
C LYS A 758 8.48 -39.50 -22.22
N GLY A 759 7.65 -38.50 -22.50
CA GLY A 759 7.76 -37.22 -21.82
C GLY A 759 8.56 -36.23 -22.60
N HIS A 760 8.74 -35.07 -22.03
CA HIS A 760 9.40 -33.97 -22.70
C HIS A 760 10.87 -33.93 -22.37
N GLU A 761 11.66 -33.65 -23.39
CA GLU A 761 13.07 -33.48 -23.18
C GLU A 761 13.51 -32.16 -23.74
N TYR A 762 14.53 -31.64 -23.12
CA TYR A 762 15.30 -30.61 -23.76
C TYR A 762 16.73 -30.93 -23.53
N SER A 763 17.60 -30.32 -24.30
CA SER A 763 18.99 -30.42 -23.97
C SER A 763 19.48 -29.03 -23.55
N ILE A 764 20.49 -29.04 -22.69
CA ILE A 764 21.12 -27.85 -22.23
C ILE A 764 22.62 -28.16 -22.29
N GLY A 765 23.42 -27.21 -22.77
CA GLY A 765 24.84 -27.38 -22.76
C GLY A 765 25.53 -26.16 -23.31
N PHE A 766 26.83 -26.09 -23.03
CA PHE A 766 27.64 -25.02 -23.55
C PHE A 766 28.06 -25.25 -24.95
N GLU A 767 28.07 -24.18 -25.77
CA GLU A 767 28.65 -24.23 -27.10
C GLU A 767 30.09 -24.63 -26.85
N GLY A 768 30.57 -25.64 -27.55
CA GLY A 768 31.93 -26.14 -27.35
C GLY A 768 32.00 -27.28 -26.35
N GLY A 769 30.84 -27.68 -25.84
CA GLY A 769 30.77 -28.77 -24.86
C GLY A 769 29.66 -29.70 -25.34
N LYS A 770 29.33 -30.72 -24.57
CA LYS A 770 28.30 -31.67 -24.98
C LYS A 770 26.97 -31.16 -24.45
N ASP A 771 25.92 -31.33 -25.23
CA ASP A 771 24.61 -30.95 -24.81
C ASP A 771 24.06 -32.07 -23.96
N GLN A 772 23.60 -31.74 -22.75
CA GLN A 772 22.99 -32.70 -21.83
C GLN A 772 21.49 -32.77 -22.03
N THR A 773 20.97 -33.95 -22.19
CA THR A 773 19.56 -34.08 -22.47
C THR A 773 18.92 -34.35 -21.15
N ILE A 774 17.85 -33.62 -20.89
CA ILE A 774 17.09 -33.80 -19.68
C ILE A 774 15.64 -34.05 -20.02
N ASN A 775 15.15 -35.15 -19.49
CA ASN A 775 13.76 -35.44 -19.56
C ASN A 775 13.15 -34.91 -18.29
N PHE A 776 12.35 -33.87 -18.42
CA PHE A 776 11.95 -33.16 -17.19
C PHE A 776 10.64 -33.62 -16.60
N ASN A 777 9.90 -34.45 -17.31
CA ASN A 777 8.59 -34.81 -16.83
C ASN A 777 8.21 -36.26 -17.02
N HIS A 778 9.14 -37.13 -17.39
CA HIS A 778 8.78 -38.54 -17.60
C HIS A 778 8.24 -39.14 -16.31
N ASN A 779 8.80 -38.74 -15.20
CA ASN A 779 8.33 -39.18 -13.90
C ASN A 779 7.11 -38.38 -13.35
N LEU A 780 6.54 -37.46 -14.13
CA LEU A 780 5.43 -36.64 -13.62
C LEU A 780 4.14 -37.30 -14.08
N ASN A 781 3.78 -38.37 -13.36
CA ASN A 781 2.56 -39.15 -13.66
C ASN A 781 2.07 -39.82 -12.39
N GLU A 782 0.99 -40.59 -12.53
CA GLU A 782 0.26 -41.19 -11.42
C GLU A 782 0.82 -42.58 -11.08
N LEU A 783 1.92 -43.00 -11.70
CA LEU A 783 2.54 -44.27 -11.33
C LEU A 783 2.99 -44.25 -9.85
N PRO A 784 2.78 -45.37 -9.14
CA PRO A 784 3.01 -45.41 -7.70
C PRO A 784 4.34 -44.79 -7.29
N GLU A 785 5.41 -45.11 -8.02
CA GLU A 785 6.77 -44.59 -7.74
C GLU A 785 6.81 -43.07 -7.76
N ASN A 786 5.91 -42.49 -8.56
CA ASN A 786 5.97 -41.07 -8.90
C ASN A 786 4.92 -40.17 -8.27
N VAL A 787 3.71 -40.69 -8.15
CA VAL A 787 2.54 -39.87 -7.88
C VAL A 787 2.68 -38.92 -6.68
N TYR A 788 3.16 -39.44 -5.55
CA TYR A 788 3.30 -38.62 -4.34
C TYR A 788 4.70 -38.18 -4.11
N SER A 789 5.68 -38.96 -4.58
CA SER A 789 7.08 -38.60 -4.34
C SER A 789 7.49 -37.34 -5.13
N ILE A 790 6.99 -37.20 -6.36
CA ILE A 790 7.51 -36.17 -7.25
C ILE A 790 6.39 -35.50 -8.03
N TYR A 791 5.41 -36.28 -8.50
CA TYR A 791 4.41 -35.78 -9.42
C TYR A 791 3.61 -34.61 -8.82
N TYR A 792 2.81 -34.91 -7.80
CA TYR A 792 1.98 -33.88 -7.19
C TYR A 792 2.77 -32.75 -6.53
N PRO A 793 3.90 -33.08 -5.86
CA PRO A 793 4.73 -32.02 -5.25
C PRO A 793 5.26 -31.02 -6.29
N THR A 794 5.53 -31.53 -7.48
CA THR A 794 6.03 -30.71 -8.55
C THR A 794 4.93 -29.86 -9.17
N VAL A 795 3.86 -30.52 -9.63
CA VAL A 795 2.89 -29.82 -10.46
C VAL A 795 2.16 -28.69 -9.73
N ALA A 796 1.90 -28.88 -8.44
CA ALA A 796 1.32 -27.84 -7.59
C ALA A 796 2.16 -26.60 -7.54
N ARG A 797 3.48 -26.77 -7.70
CA ARG A 797 4.42 -25.64 -7.68
C ARG A 797 4.71 -25.15 -9.07
N ARG A 798 4.01 -25.72 -10.07
CA ARG A 798 3.88 -25.17 -11.42
C ARG A 798 5.15 -25.13 -12.25
N ILE A 799 6.25 -25.55 -11.67
CA ILE A 799 7.51 -25.48 -12.38
C ILE A 799 8.22 -26.81 -12.29
N VAL A 800 9.20 -26.99 -13.15
CA VAL A 800 10.12 -28.09 -12.98
C VAL A 800 11.50 -27.51 -13.06
N GLU A 801 12.22 -27.73 -11.97
CA GLU A 801 13.59 -27.38 -11.86
C GLU A 801 14.43 -28.65 -12.03
N LYS A 802 15.32 -28.63 -13.01
CA LYS A 802 16.27 -29.71 -13.19
C LYS A 802 17.62 -29.07 -13.16
N LYS A 803 18.54 -29.77 -12.51
CA LYS A 803 19.91 -29.30 -12.41
C LYS A 803 20.75 -30.08 -13.44
N ALA A 804 21.63 -29.41 -14.15
CA ALA A 804 22.59 -30.12 -15.00
C ALA A 804 24.00 -29.67 -14.65
N LYS A 805 24.84 -30.59 -14.16
CA LYS A 805 26.26 -30.31 -13.97
C LYS A 805 26.85 -30.24 -15.38
N LEU A 806 27.49 -29.14 -15.70
CA LEU A 806 28.08 -28.96 -17.01
C LEU A 806 29.53 -28.62 -16.83
N ASN A 807 30.37 -29.13 -17.71
CA ASN A 807 31.76 -28.70 -17.78
C ASN A 807 31.82 -27.45 -18.61
N VAL A 808 32.64 -26.50 -18.17
CA VAL A 808 32.82 -25.30 -18.90
C VAL A 808 33.91 -25.45 -19.90
N PRO A 809 33.58 -25.33 -21.19
CA PRO A 809 34.63 -25.45 -22.18
C PRO A 809 35.51 -24.22 -22.11
N ASN A 810 36.77 -24.34 -22.52
CA ASN A 810 37.68 -23.22 -22.47
C ASN A 810 37.48 -22.44 -23.73
N THR A 811 37.07 -21.19 -23.56
CA THR A 811 36.94 -20.20 -24.63
C THR A 811 38.00 -19.13 -24.47
N SER A 812 38.38 -18.56 -25.60
CA SER A 812 39.42 -17.53 -25.66
C SER A 812 38.85 -16.19 -25.28
N ASP A 813 37.53 -16.03 -25.42
CA ASP A 813 36.82 -14.80 -25.10
C ASP A 813 36.47 -14.72 -23.59
N GLY A 814 36.52 -15.82 -22.83
CA GLY A 814 35.98 -15.82 -21.43
C GLY A 814 34.45 -15.91 -21.40
N MET A 815 33.82 -15.77 -22.57
CA MET A 815 32.38 -15.87 -22.74
C MET A 815 31.99 -17.31 -22.92
N GLN A 816 30.79 -17.65 -22.49
CA GLN A 816 30.18 -18.90 -22.78
C GLN A 816 28.80 -18.67 -23.32
N THR A 817 28.37 -19.59 -24.16
CA THR A 817 27.07 -19.62 -24.68
C THR A 817 26.43 -20.90 -24.25
N ILE A 818 25.32 -20.77 -23.54
CA ILE A 818 24.57 -21.90 -23.02
C ILE A 818 23.31 -21.97 -23.83
N THR A 819 23.05 -23.17 -24.30
CA THR A 819 22.04 -23.36 -25.31
C THR A 819 21.01 -24.38 -24.84
N PHE A 820 19.76 -23.97 -24.98
CA PHE A 820 18.65 -24.78 -24.56
C PHE A 820 17.94 -25.21 -25.83
N LYS A 821 17.71 -26.50 -25.93
CA LYS A 821 17.12 -27.07 -27.13
C LYS A 821 15.91 -27.90 -26.70
N PRO A 822 14.70 -27.38 -26.91
CA PRO A 822 13.51 -28.17 -26.65
C PRO A 822 13.35 -29.21 -27.72
N LEU A 823 13.24 -30.46 -27.31
CA LEU A 823 13.14 -31.58 -28.24
C LEU A 823 11.71 -32.07 -28.37
N ASP A 824 10.82 -31.46 -27.61
CA ASP A 824 9.43 -31.80 -27.61
C ASP A 824 8.60 -30.54 -27.47
N PRO A 825 7.39 -30.56 -28.05
CA PRO A 825 6.63 -29.33 -28.12
C PRO A 825 6.05 -28.99 -26.77
N GLY A 826 5.81 -27.71 -26.55
CA GLY A 826 5.09 -27.26 -25.36
C GLY A 826 5.96 -26.95 -24.18
N ILE A 827 7.27 -26.85 -24.39
CA ILE A 827 8.20 -26.53 -23.30
C ILE A 827 8.32 -25.02 -23.16
N VAL A 828 8.11 -24.57 -21.94
CA VAL A 828 8.17 -23.15 -21.61
C VAL A 828 9.32 -22.92 -20.70
N LEU A 829 10.36 -22.33 -21.24
CA LEU A 829 11.56 -22.03 -20.47
C LEU A 829 11.30 -20.70 -19.76
N GLU A 830 11.49 -20.71 -18.45
CA GLU A 830 11.28 -19.57 -17.62
C GLU A 830 12.53 -18.95 -17.07
N LYS A 831 13.46 -19.78 -16.59
CA LYS A 831 14.66 -19.28 -15.97
C LYS A 831 15.78 -20.31 -15.99
N LEU A 832 16.98 -19.79 -16.02
CA LEU A 832 18.21 -20.53 -15.87
C LEU A 832 19.02 -19.91 -14.80
N VAL A 833 19.65 -20.75 -14.02
CA VAL A 833 20.62 -20.27 -13.09
C VAL A 833 21.85 -21.08 -13.35
N VAL A 834 22.95 -20.37 -13.57
CA VAL A 834 24.21 -21.01 -13.71
C VAL A 834 24.95 -20.81 -12.44
N ASP A 835 25.08 -21.89 -11.69
CA ASP A 835 25.60 -21.84 -10.38
C ASP A 835 27.05 -22.27 -10.41
N TYR A 836 27.93 -21.40 -9.95
CA TYR A 836 29.31 -21.77 -9.77
C TYR A 836 29.82 -21.48 -8.37
N GLY A 837 28.94 -21.70 -7.40
CA GLY A 837 29.31 -21.62 -5.99
C GLY A 837 28.42 -20.67 -5.23
N GLY A 838 27.79 -19.71 -5.91
CA GLY A 838 27.04 -18.66 -5.20
C GLY A 838 25.53 -18.88 -5.13
N TYR A 839 24.98 -19.86 -5.85
CA TYR A 839 23.55 -19.98 -5.91
C TYR A 839 23.04 -20.32 -4.55
N LYS A 840 21.99 -19.65 -4.12
CA LYS A 840 21.34 -20.00 -2.87
C LYS A 840 19.92 -20.38 -3.20
N LYS A 841 19.49 -21.52 -2.67
CA LYS A 841 18.19 -22.09 -3.07
C LYS A 841 17.14 -21.03 -2.76
N SER A 842 16.41 -20.63 -3.80
CA SER A 842 15.49 -19.54 -3.68
C SER A 842 14.24 -19.85 -4.48
N TYR A 843 13.08 -19.50 -3.96
CA TYR A 843 11.85 -19.84 -4.62
C TYR A 843 11.74 -19.13 -5.94
N LEU A 844 12.34 -17.94 -6.03
CA LEU A 844 12.35 -17.20 -7.29
C LEU A 844 13.66 -17.34 -8.05
N PHE A 845 14.51 -18.25 -7.59
CA PHE A 845 15.80 -18.59 -8.19
C PHE A 845 16.77 -17.42 -8.32
N MET A 846 16.65 -16.49 -7.36
CA MET A 846 17.56 -15.37 -7.13
C MET A 846 17.36 -14.25 -8.15
N ASN A 847 17.67 -13.04 -7.70
CA ASN A 847 17.54 -11.87 -8.53
C ASN A 847 18.30 -12.07 -9.84
N GLU A 848 17.73 -11.60 -10.94
CA GLU A 848 18.39 -11.74 -12.20
C GLU A 848 19.76 -11.06 -12.18
N SER A 849 20.72 -11.71 -12.80
CA SER A 849 22.07 -11.21 -12.82
C SER A 849 22.16 -10.05 -13.79
N LYS A 850 23.29 -9.35 -13.71
CA LYS A 850 23.54 -8.20 -14.51
C LYS A 850 23.60 -8.61 -15.96
N SER A 851 22.96 -7.83 -16.82
CA SER A 851 23.05 -8.06 -18.22
C SER A 851 22.97 -6.77 -18.96
N LYS A 852 23.31 -6.85 -20.23
CA LYS A 852 22.96 -5.82 -21.18
C LYS A 852 22.80 -6.47 -22.50
N ARG A 853 22.08 -5.84 -23.41
CA ARG A 853 22.04 -6.37 -24.75
C ARG A 853 22.54 -5.44 -25.83
N GLU A 854 22.89 -6.11 -26.93
CA GLU A 854 23.22 -5.54 -28.22
C GLU A 854 24.68 -5.11 -28.24
N GLU B 32 -17.89 -6.06 -32.57
CA GLU B 32 -18.17 -6.58 -31.18
C GLU B 32 -19.16 -5.62 -30.55
N GLN B 33 -18.72 -4.42 -30.21
CA GLN B 33 -19.58 -3.56 -29.40
C GLN B 33 -20.68 -2.89 -30.20
N PHE B 34 -21.91 -3.27 -29.94
CA PHE B 34 -23.03 -2.75 -30.73
C PHE B 34 -23.92 -1.81 -29.94
N VAL B 35 -23.76 -1.80 -28.62
CA VAL B 35 -24.53 -0.89 -27.79
C VAL B 35 -23.70 0.37 -27.56
N ILE B 36 -24.32 1.52 -27.66
CA ILE B 36 -23.68 2.77 -27.23
C ILE B 36 -24.65 3.40 -26.29
N PHE B 37 -24.19 4.39 -25.55
CA PHE B 37 -25.01 4.94 -24.48
C PHE B 37 -25.35 6.41 -24.68
N THR B 38 -25.32 6.83 -25.93
CA THR B 38 -25.91 8.11 -26.29
C THR B 38 -26.82 7.93 -27.49
N PRO B 39 -27.81 8.82 -27.61
CA PRO B 39 -28.63 8.80 -28.82
C PRO B 39 -27.83 9.23 -30.02
N ALA B 40 -28.21 8.71 -31.17
CA ALA B 40 -27.52 8.93 -32.41
C ALA B 40 -28.50 8.46 -33.49
N GLY B 41 -28.55 9.16 -34.61
CA GLY B 41 -29.42 8.75 -35.70
C GLY B 41 -28.95 7.49 -36.38
N ASN B 42 -29.88 6.86 -37.09
CA ASN B 42 -29.75 5.51 -37.67
C ASN B 42 -29.16 4.48 -36.66
N HIS B 43 -29.37 4.78 -35.37
CA HIS B 43 -29.07 3.88 -34.24
C HIS B 43 -30.42 3.61 -33.61
N PHE B 44 -30.65 2.36 -33.28
CA PHE B 44 -31.93 1.96 -32.74
C PHE B 44 -32.04 2.41 -31.29
N PRO B 45 -33.13 3.11 -30.95
CA PRO B 45 -33.32 3.56 -29.57
C PRO B 45 -33.93 2.45 -28.69
N LEU B 46 -33.06 1.67 -28.04
CA LEU B 46 -33.49 0.58 -27.20
C LEU B 46 -33.99 1.17 -25.92
N VAL B 47 -33.21 2.09 -25.36
CA VAL B 47 -33.72 3.01 -24.37
C VAL B 47 -33.49 4.44 -24.84
N ALA B 48 -34.51 5.27 -24.80
CA ALA B 48 -34.36 6.69 -25.15
C ALA B 48 -35.03 7.50 -24.10
N ASN B 49 -34.34 8.53 -23.59
CA ASN B 49 -34.88 9.41 -22.54
C ASN B 49 -35.41 8.60 -21.35
N GLY B 50 -34.74 7.49 -21.04
CA GLY B 50 -35.16 6.66 -19.90
C GLY B 50 -36.27 5.66 -20.21
N VAL B 51 -36.74 5.64 -21.45
CA VAL B 51 -37.88 4.85 -21.82
C VAL B 51 -37.45 3.69 -22.70
N PRO B 52 -37.69 2.46 -22.24
CA PRO B 52 -37.18 1.32 -23.00
C PRO B 52 -38.18 0.90 -24.03
N CYS B 53 -37.71 0.40 -25.15
CA CYS B 53 -38.64 -0.14 -26.12
C CYS B 53 -39.12 -1.47 -25.58
N PRO B 54 -40.24 -1.97 -26.13
CA PRO B 54 -40.71 -3.23 -25.63
C PRO B 54 -40.00 -4.44 -26.25
N ILE B 55 -40.33 -5.63 -25.76
CA ILE B 55 -39.73 -6.88 -26.25
C ILE B 55 -40.82 -7.78 -26.84
N TYR B 56 -40.59 -8.26 -28.05
CA TYR B 56 -41.46 -9.23 -28.65
C TYR B 56 -40.72 -10.54 -28.74
N ILE B 57 -41.24 -11.55 -28.06
CA ILE B 57 -40.81 -12.92 -28.30
C ILE B 57 -42.02 -13.67 -28.79
N ASP B 58 -41.85 -14.41 -29.88
CA ASP B 58 -42.93 -15.20 -30.36
C ASP B 58 -43.23 -16.26 -29.34
N SER B 59 -44.52 -16.55 -29.15
CA SER B 59 -44.94 -17.42 -28.08
C SER B 59 -44.54 -18.89 -28.33
N SER B 60 -44.17 -19.24 -29.55
CA SER B 60 -43.64 -20.57 -29.84
C SER B 60 -42.22 -20.84 -29.27
N GLU B 61 -41.49 -19.79 -28.90
CA GLU B 61 -40.11 -19.91 -28.43
C GLU B 61 -40.00 -20.79 -27.17
N ASP B 62 -38.92 -21.54 -27.08
CA ASP B 62 -38.58 -22.32 -25.91
C ASP B 62 -38.61 -21.44 -24.65
N LYS B 63 -39.02 -22.06 -23.56
CA LYS B 63 -39.01 -21.46 -22.25
C LYS B 63 -37.61 -20.87 -21.87
N GLY B 64 -36.53 -21.47 -22.35
CA GLY B 64 -35.21 -20.97 -22.14
C GLY B 64 -35.03 -19.58 -22.70
N VAL B 65 -35.56 -19.37 -23.90
CA VAL B 65 -35.53 -18.07 -24.51
C VAL B 65 -36.38 -17.12 -23.68
N MET B 66 -37.51 -17.62 -23.23
CA MET B 66 -38.41 -16.80 -22.46
C MET B 66 -37.75 -16.38 -21.15
N ILE B 67 -37.03 -17.31 -20.55
CA ILE B 67 -36.37 -17.03 -19.29
C ILE B 67 -35.36 -15.96 -19.55
N ALA B 68 -34.59 -16.14 -20.62
CA ALA B 68 -33.59 -15.16 -20.98
C ALA B 68 -34.21 -13.81 -21.29
N ALA B 69 -35.32 -13.79 -22.01
CA ALA B 69 -36.02 -12.54 -22.30
C ALA B 69 -36.51 -11.87 -21.04
N GLY B 70 -36.93 -12.70 -20.10
CA GLY B 70 -37.40 -12.16 -18.83
C GLY B 70 -36.27 -11.51 -18.06
N ASN B 71 -35.10 -12.12 -18.12
CA ASN B 71 -33.94 -11.55 -17.46
C ASN B 71 -33.55 -10.27 -18.23
N LEU B 72 -33.66 -10.29 -19.56
CA LEU B 72 -33.42 -9.10 -20.33
C LEU B 72 -34.31 -7.97 -19.84
N GLN B 73 -35.58 -8.27 -19.65
CA GLN B 73 -36.54 -7.24 -19.25
C GLN B 73 -36.06 -6.62 -17.95
N GLN B 74 -35.68 -7.47 -17.03
CA GLN B 74 -35.27 -7.06 -15.75
C GLN B 74 -33.95 -6.27 -15.83
N ASP B 75 -33.04 -6.73 -16.68
CA ASP B 75 -31.77 -6.07 -16.86
C ASP B 75 -32.01 -4.65 -17.38
N ILE B 76 -32.90 -4.51 -18.38
CA ILE B 76 -33.24 -3.21 -18.88
C ILE B 76 -33.84 -2.35 -17.79
N LEU B 77 -34.66 -2.95 -16.96
CA LEU B 77 -35.22 -2.21 -15.87
C LEU B 77 -34.10 -1.70 -14.97
N GLN B 78 -33.07 -2.51 -14.74
CA GLN B 78 -31.95 -2.11 -13.88
C GLN B 78 -31.19 -1.04 -14.53
N VAL B 79 -31.09 -1.10 -15.84
CA VAL B 79 -30.29 -0.13 -16.56
C VAL B 79 -30.98 1.24 -16.60
N CYS B 80 -32.24 1.29 -17.02
CA CYS B 80 -32.90 2.58 -17.31
C CYS B 80 -33.94 2.97 -16.31
N GLY B 81 -34.29 2.08 -15.39
CA GLY B 81 -35.27 2.39 -14.39
C GLY B 81 -36.70 2.11 -14.79
N LYS B 82 -36.95 1.67 -16.03
CA LYS B 82 -38.31 1.30 -16.41
C LYS B 82 -38.29 -0.07 -17.05
N LYS B 83 -39.32 -0.88 -16.76
CA LYS B 83 -39.39 -2.25 -17.23
C LYS B 83 -39.99 -2.25 -18.64
N PRO B 84 -39.27 -2.72 -19.65
CA PRO B 84 -39.91 -2.86 -20.96
C PRO B 84 -41.17 -3.75 -20.95
N GLU B 85 -42.15 -3.44 -21.78
CA GLU B 85 -43.31 -4.30 -21.93
C GLU B 85 -42.94 -5.55 -22.74
N LEU B 86 -43.45 -6.71 -22.32
CA LEU B 86 -43.29 -7.97 -23.08
C LEU B 86 -44.52 -8.07 -23.98
N LEU B 87 -44.36 -7.73 -25.27
CA LEU B 87 -45.47 -7.62 -26.20
C LEU B 87 -46.19 -8.94 -26.47
N THR B 88 -47.52 -8.89 -26.41
CA THR B 88 -48.36 -10.03 -26.83
C THR B 88 -48.35 -10.26 -28.32
N SER B 89 -48.10 -9.20 -29.11
CA SER B 89 -48.16 -9.30 -30.57
C SER B 89 -47.25 -8.28 -31.27
N THR B 90 -47.08 -8.50 -32.56
CA THR B 90 -46.20 -7.75 -33.41
C THR B 90 -46.72 -6.34 -33.69
N SER B 91 -46.81 -5.53 -32.63
CA SER B 91 -47.40 -4.21 -32.76
C SER B 91 -46.70 -3.19 -31.88
N SER B 92 -45.70 -2.53 -32.46
CA SER B 92 -45.08 -1.33 -31.87
C SER B 92 -44.10 -0.78 -32.91
N LYS B 93 -43.86 0.52 -32.86
CA LYS B 93 -42.98 1.16 -33.85
C LYS B 93 -41.56 0.58 -33.76
N ARG B 94 -40.97 0.62 -32.56
CA ARG B 94 -39.63 0.10 -32.29
C ARG B 94 -39.72 -0.96 -31.20
N CYS B 95 -39.14 -2.13 -31.38
CA CYS B 95 -39.05 -3.08 -30.27
C CYS B 95 -37.84 -4.01 -30.38
N ILE B 96 -37.65 -4.82 -29.37
CA ILE B 96 -36.65 -5.89 -29.45
C ILE B 96 -37.37 -7.15 -29.86
N ILE B 97 -36.82 -7.87 -30.84
CA ILE B 97 -37.40 -9.14 -31.23
C ILE B 97 -36.30 -10.16 -31.08
N ALA B 98 -36.59 -11.20 -30.32
CA ALA B 98 -35.68 -12.32 -30.26
C ALA B 98 -36.41 -13.58 -30.61
N GLY B 99 -35.77 -14.43 -31.42
CA GLY B 99 -36.29 -15.77 -31.57
C GLY B 99 -35.25 -16.65 -32.19
N THR B 100 -35.67 -17.87 -32.48
CA THR B 100 -34.79 -18.97 -32.81
C THR B 100 -35.11 -19.48 -34.20
N TYR B 101 -34.11 -19.54 -35.04
CA TYR B 101 -34.21 -20.15 -36.36
C TYR B 101 -35.12 -21.37 -36.38
N GLY B 102 -35.90 -21.49 -37.45
CA GLY B 102 -36.66 -22.71 -37.73
C GLY B 102 -38.13 -22.47 -37.81
N THR B 103 -38.50 -21.22 -37.78
CA THR B 103 -39.88 -20.79 -37.71
C THR B 103 -40.18 -19.93 -38.94
N PRO B 104 -41.41 -20.02 -39.48
CA PRO B 104 -41.72 -19.10 -40.56
C PRO B 104 -41.68 -17.64 -40.05
N PHE B 105 -42.22 -17.36 -38.86
CA PHE B 105 -42.06 -16.02 -38.27
C PHE B 105 -40.62 -15.51 -38.37
N ILE B 106 -39.66 -16.35 -38.02
CA ILE B 106 -38.26 -16.00 -38.08
C ILE B 106 -37.75 -15.97 -39.52
N LYS B 107 -38.26 -16.84 -40.39
CA LYS B 107 -37.91 -16.78 -41.83
C LYS B 107 -38.32 -15.42 -42.44
N LYS B 108 -39.57 -15.03 -42.26
CA LYS B 108 -40.05 -13.70 -42.69
C LYS B 108 -39.11 -12.63 -42.18
N LEU B 109 -38.70 -12.79 -40.95
CA LEU B 109 -37.88 -11.81 -40.28
C LEU B 109 -36.47 -11.79 -40.87
N MET B 110 -35.98 -12.95 -41.27
CA MET B 110 -34.63 -13.02 -41.82
C MET B 110 -34.54 -12.44 -43.23
N SER B 111 -35.59 -12.68 -44.00
CA SER B 111 -35.82 -11.97 -45.25
C SER B 111 -36.56 -10.65 -45.00
N ALA B 112 -36.38 -10.08 -43.82
CA ALA B 112 -36.89 -8.76 -43.48
C ALA B 112 -35.89 -8.29 -42.41
N GLY B 113 -34.63 -8.11 -42.77
CA GLY B 113 -34.21 -8.20 -44.15
C GLY B 113 -32.84 -8.79 -44.36
N LYS B 114 -32.77 -9.68 -45.35
CA LYS B 114 -31.54 -9.92 -46.09
C LYS B 114 -30.53 -10.74 -45.33
N ILE B 115 -31.02 -11.45 -44.31
CA ILE B 115 -30.20 -12.38 -43.56
C ILE B 115 -30.28 -13.74 -44.25
N ASP B 116 -29.14 -14.23 -44.69
CA ASP B 116 -29.12 -15.47 -45.40
C ASP B 116 -29.40 -16.64 -44.43
N LYS B 117 -30.29 -17.54 -44.80
CA LYS B 117 -30.53 -18.79 -44.04
C LYS B 117 -29.22 -19.47 -43.64
N LYS B 118 -28.25 -19.45 -44.54
CA LYS B 118 -27.01 -20.18 -44.32
C LYS B 118 -26.16 -19.60 -43.18
N GLU B 119 -26.47 -18.37 -42.77
CA GLU B 119 -25.85 -17.77 -41.59
C GLU B 119 -26.20 -18.50 -40.27
N LEU B 120 -27.38 -19.09 -40.20
CA LEU B 120 -27.79 -19.82 -39.02
C LEU B 120 -28.17 -21.28 -39.24
N ASP B 121 -28.53 -21.66 -40.46
CA ASP B 121 -29.04 -23.01 -40.72
C ASP B 121 -27.99 -24.03 -40.35
N GLY B 122 -28.36 -24.93 -39.45
CA GLY B 122 -27.46 -25.96 -38.96
C GLY B 122 -26.32 -25.46 -38.08
N LYS B 123 -26.25 -24.17 -37.77
CA LYS B 123 -25.16 -23.67 -36.91
C LYS B 123 -25.43 -23.96 -35.43
N ASN B 124 -24.36 -24.12 -34.68
CA ASN B 124 -24.48 -24.38 -33.28
C ASN B 124 -24.34 -23.12 -32.41
N GLU B 125 -25.34 -22.85 -31.58
CA GLU B 125 -25.26 -21.84 -30.50
C GLU B 125 -24.79 -20.49 -30.98
N LYS B 126 -25.32 -20.08 -32.12
CA LYS B 126 -24.96 -18.86 -32.80
C LYS B 126 -26.14 -17.94 -32.76
N TYR B 127 -25.87 -16.66 -32.59
CA TYR B 127 -26.90 -15.70 -32.82
C TYR B 127 -26.44 -14.71 -33.86
N ILE B 128 -27.43 -14.06 -34.45
CA ILE B 128 -27.24 -12.85 -35.18
C ILE B 128 -28.07 -11.80 -34.51
N LEU B 129 -27.44 -10.66 -34.27
CA LEU B 129 -28.12 -9.53 -33.72
C LEU B 129 -27.99 -8.42 -34.74
N GLN B 130 -29.13 -7.84 -35.11
CA GLN B 130 -29.17 -6.86 -36.18
C GLN B 130 -30.39 -5.95 -36.08
N VAL B 131 -30.16 -4.64 -36.17
CA VAL B 131 -31.23 -3.66 -36.36
C VAL B 131 -31.79 -3.87 -37.75
N ILE B 132 -33.10 -4.06 -37.79
CA ILE B 132 -33.80 -4.37 -39.01
C ILE B 132 -35.02 -3.49 -39.10
N ALA B 133 -35.15 -2.86 -40.26
CA ALA B 133 -36.23 -1.93 -40.51
C ALA B 133 -37.39 -2.74 -41.09
N ASN B 134 -38.60 -2.37 -40.69
CA ASN B 134 -39.82 -3.12 -41.06
C ASN B 134 -39.62 -4.63 -41.02
N PRO B 135 -39.29 -5.17 -39.83
CA PRO B 135 -39.02 -6.60 -39.72
C PRO B 135 -40.24 -7.43 -40.05
N CYS B 136 -41.41 -6.92 -39.69
CA CYS B 136 -42.65 -7.60 -39.92
C CYS B 136 -43.78 -6.57 -39.86
N GLU B 137 -44.90 -6.87 -40.50
CA GLU B 137 -45.96 -5.88 -40.75
C GLU B 137 -46.02 -4.76 -39.72
N GLY B 138 -46.44 -5.10 -38.50
CA GLY B 138 -46.81 -4.10 -37.48
C GLY B 138 -45.67 -3.48 -36.66
N ILE B 139 -44.44 -3.61 -37.15
CA ILE B 139 -43.25 -3.14 -36.44
C ILE B 139 -42.40 -2.34 -37.41
N ASP B 140 -42.17 -1.07 -37.10
CA ASP B 140 -41.44 -0.18 -38.00
C ASP B 140 -39.95 -0.54 -38.00
N GLU B 141 -39.42 -0.84 -36.83
CA GLU B 141 -37.99 -1.08 -36.66
C GLU B 141 -37.74 -1.94 -35.42
N ALA B 142 -36.81 -2.88 -35.51
CA ALA B 142 -36.51 -3.69 -34.34
C ALA B 142 -35.04 -4.06 -34.27
N VAL B 143 -34.55 -4.20 -33.06
CA VAL B 143 -33.29 -4.91 -32.90
C VAL B 143 -33.67 -6.37 -32.81
N VAL B 144 -33.06 -7.15 -33.69
CA VAL B 144 -33.46 -8.48 -33.86
C VAL B 144 -32.36 -9.41 -33.48
N ILE B 145 -32.68 -10.40 -32.65
CA ILE B 145 -31.75 -11.41 -32.22
C ILE B 145 -32.29 -12.74 -32.68
N ILE B 146 -31.52 -13.43 -33.51
CA ILE B 146 -31.92 -14.71 -33.98
C ILE B 146 -30.84 -15.73 -33.70
N GLY B 147 -31.21 -16.75 -32.93
CA GLY B 147 -30.29 -17.82 -32.63
C GLY B 147 -30.49 -18.98 -33.58
N SER B 148 -29.41 -19.74 -33.81
CA SER B 148 -29.45 -20.88 -34.68
C SER B 148 -30.19 -22.00 -33.98
N ASP B 149 -30.32 -21.84 -32.66
CA ASP B 149 -31.03 -22.76 -31.77
C ASP B 149 -31.28 -21.96 -30.51
N ARG B 150 -31.90 -22.58 -29.52
CA ARG B 150 -32.39 -21.78 -28.42
C ARG B 150 -31.24 -21.17 -27.61
N ARG B 151 -30.13 -21.88 -27.46
CA ARG B 151 -28.99 -21.34 -26.71
C ARG B 151 -28.36 -20.17 -27.44
N GLY B 152 -28.33 -20.26 -28.77
CA GLY B 152 -27.89 -19.14 -29.59
C GLY B 152 -28.73 -17.93 -29.26
N THR B 153 -30.05 -18.11 -29.28
CA THR B 153 -30.95 -17.02 -29.00
C THR B 153 -30.68 -16.47 -27.60
N ILE B 154 -30.52 -17.37 -26.65
CA ILE B 154 -30.23 -16.97 -25.29
C ILE B 154 -28.93 -16.15 -25.23
N TYR B 155 -27.90 -16.65 -25.90
CA TYR B 155 -26.62 -16.00 -25.89
C TYR B 155 -26.68 -14.63 -26.53
N GLY B 156 -27.52 -14.50 -27.56
CA GLY B 156 -27.80 -13.21 -28.19
C GLY B 156 -28.38 -12.29 -27.17
N ILE B 157 -29.39 -12.78 -26.49
CA ILE B 157 -30.10 -11.96 -25.52
C ILE B 157 -29.11 -11.48 -24.46
N TYR B 158 -28.25 -12.41 -24.01
CA TYR B 158 -27.39 -12.07 -22.94
C TYR B 158 -26.24 -11.25 -23.43
N GLU B 159 -25.92 -11.36 -24.71
CA GLU B 159 -24.95 -10.44 -25.30
C GLU B 159 -25.47 -9.01 -25.22
N LEU B 160 -26.72 -8.82 -25.61
CA LEU B 160 -27.34 -7.52 -25.50
C LEU B 160 -27.36 -7.04 -24.06
N SER B 161 -27.78 -7.91 -23.15
CA SER B 161 -27.78 -7.61 -21.72
C SER B 161 -26.37 -7.15 -21.25
N GLU B 162 -25.37 -7.90 -21.69
CA GLU B 162 -24.01 -7.66 -21.29
C GLU B 162 -23.52 -6.34 -21.86
N GLN B 163 -23.77 -6.09 -23.13
CA GLN B 163 -23.28 -4.86 -23.76
C GLN B 163 -24.02 -3.65 -23.26
N MET B 164 -25.18 -3.87 -22.71
CA MET B 164 -25.90 -2.76 -22.10
C MET B 164 -25.41 -2.50 -20.67
N GLY B 165 -24.53 -3.36 -20.16
CA GLY B 165 -23.82 -3.11 -18.89
C GLY B 165 -24.20 -4.04 -17.77
N VAL B 166 -24.88 -5.14 -18.12
CA VAL B 166 -25.18 -6.19 -17.15
C VAL B 166 -24.16 -7.30 -17.32
N SER B 167 -23.20 -7.30 -16.43
CA SER B 167 -22.19 -8.28 -16.42
C SER B 167 -22.81 -9.61 -16.03
N PRO B 168 -22.25 -10.69 -16.56
CA PRO B 168 -22.59 -12.04 -16.06
C PRO B 168 -22.51 -12.10 -14.57
N TRP B 169 -21.63 -11.25 -14.02
CA TRP B 169 -21.34 -11.22 -12.60
C TRP B 169 -22.14 -10.20 -11.83
N TYR B 170 -23.23 -9.69 -12.42
CA TYR B 170 -24.07 -8.70 -11.75
C TYR B 170 -24.57 -9.28 -10.44
N TRP B 171 -24.85 -10.57 -10.40
CA TRP B 171 -25.31 -11.15 -9.17
C TRP B 171 -24.19 -11.82 -8.44
N TRP B 172 -23.45 -12.64 -9.15
CA TRP B 172 -22.45 -13.49 -8.52
C TRP B 172 -21.22 -12.75 -8.00
N ALA B 173 -20.99 -11.53 -8.45
CA ALA B 173 -19.96 -10.70 -7.82
C ALA B 173 -20.40 -9.28 -7.64
N ASP B 174 -21.72 -9.10 -7.54
CA ASP B 174 -22.32 -7.81 -7.23
C ASP B 174 -21.80 -6.70 -8.11
N VAL B 175 -21.59 -6.99 -9.39
CA VAL B 175 -21.12 -5.99 -10.29
C VAL B 175 -22.28 -5.12 -10.67
N PRO B 176 -22.10 -3.81 -10.48
CA PRO B 176 -23.23 -2.96 -10.65
C PRO B 176 -23.64 -2.81 -12.10
N VAL B 177 -24.91 -2.52 -12.27
CA VAL B 177 -25.42 -2.12 -13.54
C VAL B 177 -25.45 -0.61 -13.54
N MET B 178 -24.60 0.00 -14.36
CA MET B 178 -24.59 1.45 -14.49
C MET B 178 -25.88 1.92 -15.15
N LYS B 179 -26.57 2.83 -14.48
CA LYS B 179 -27.81 3.41 -14.98
C LYS B 179 -27.55 4.16 -16.27
N GLN B 180 -28.49 4.08 -17.21
CA GLN B 180 -28.41 4.77 -18.51
C GLN B 180 -29.76 5.29 -18.90
N ALA B 181 -29.81 6.55 -19.33
CA ALA B 181 -31.01 7.17 -19.89
C ALA B 181 -31.19 6.74 -21.33
N ASN B 182 -30.07 6.50 -22.01
CA ASN B 182 -30.11 6.17 -23.41
C ASN B 182 -29.23 5.01 -23.74
N VAL B 183 -29.78 4.13 -24.56
CA VAL B 183 -29.10 2.91 -24.96
C VAL B 183 -29.49 2.69 -26.38
N TYR B 184 -28.50 2.76 -27.24
CA TYR B 184 -28.77 2.74 -28.67
C TYR B 184 -27.97 1.65 -29.24
N ILE B 185 -28.47 1.07 -30.33
CA ILE B 185 -27.80 -0.05 -30.94
C ILE B 185 -27.28 0.37 -32.29
N LYS B 186 -26.01 0.06 -32.51
CA LYS B 186 -25.35 0.36 -33.76
C LYS B 186 -25.99 -0.49 -34.84
N PRO B 187 -26.10 0.06 -36.06
CA PRO B 187 -26.53 -0.75 -37.18
C PRO B 187 -25.43 -1.74 -37.48
N GLY B 188 -25.73 -2.76 -38.26
CA GLY B 188 -24.72 -3.77 -38.55
C GLY B 188 -25.20 -5.10 -37.99
N GLN B 189 -24.49 -6.16 -38.32
CA GLN B 189 -24.90 -7.49 -37.97
C GLN B 189 -23.85 -8.04 -37.02
N TYR B 190 -24.29 -8.59 -35.90
CA TYR B 190 -23.44 -8.92 -34.80
C TYR B 190 -23.68 -10.37 -34.43
N SER B 191 -22.58 -11.09 -34.20
CA SER B 191 -22.61 -12.49 -33.89
C SER B 191 -21.34 -12.85 -33.10
N ASP B 192 -21.37 -13.87 -32.26
CA ASP B 192 -20.14 -14.46 -31.76
C ASP B 192 -19.84 -15.70 -32.52
N GLY B 193 -20.57 -15.96 -33.58
CA GLY B 193 -20.33 -17.16 -34.33
C GLY B 193 -20.75 -18.38 -33.52
N GLU B 194 -20.12 -19.51 -33.83
CA GLU B 194 -20.31 -20.73 -33.13
C GLU B 194 -19.18 -20.96 -32.14
N PRO B 195 -19.45 -21.55 -31.01
CA PRO B 195 -18.45 -21.82 -30.02
C PRO B 195 -17.54 -22.89 -30.52
N ALA B 196 -16.25 -22.72 -30.28
CA ALA B 196 -15.25 -23.65 -30.70
C ALA B 196 -15.39 -24.98 -29.98
N VAL B 197 -15.80 -24.92 -28.74
CA VAL B 197 -15.87 -26.08 -27.90
C VAL B 197 -17.33 -26.37 -27.63
N THR B 198 -17.74 -27.62 -27.86
CA THR B 198 -19.16 -27.90 -27.91
C THR B 198 -19.88 -27.71 -26.58
N TYR B 199 -19.29 -28.25 -25.53
CA TYR B 199 -19.85 -28.22 -24.17
C TYR B 199 -18.83 -27.51 -23.30
N ARG B 200 -19.27 -26.49 -22.62
CA ARG B 200 -18.42 -25.57 -21.92
C ARG B 200 -19.05 -25.34 -20.56
N GLY B 201 -18.40 -25.87 -19.55
CA GLY B 201 -19.02 -26.02 -18.28
C GLY B 201 -18.14 -25.77 -17.07
N ILE B 202 -18.83 -25.62 -15.94
CA ILE B 202 -18.16 -25.62 -14.68
C ILE B 202 -18.59 -26.80 -13.84
N PHE B 203 -17.70 -27.18 -12.93
CA PHE B 203 -17.96 -28.20 -11.92
C PHE B 203 -17.85 -27.54 -10.55
N LEU B 204 -18.98 -27.46 -9.87
CA LEU B 204 -19.03 -27.05 -8.47
C LEU B 204 -18.50 -28.20 -7.63
N ASN B 205 -17.41 -27.96 -6.96
CA ASN B 205 -16.70 -29.03 -6.27
C ASN B 205 -15.91 -28.51 -5.07
N ASP B 206 -15.45 -29.41 -4.20
CA ASP B 206 -14.73 -28.94 -3.00
C ASP B 206 -15.63 -27.92 -2.29
N GLU B 207 -16.94 -28.17 -2.40
CA GLU B 207 -17.93 -27.15 -2.15
C GLU B 207 -18.24 -26.91 -0.66
N ALA B 208 -17.82 -27.84 0.19
CA ALA B 208 -17.91 -27.66 1.64
C ALA B 208 -16.55 -27.19 2.12
N PRO B 209 -16.54 -26.29 3.11
CA PRO B 209 -17.74 -25.81 3.78
C PRO B 209 -18.32 -24.55 3.16
N CYS B 210 -17.65 -23.95 2.20
CA CYS B 210 -18.03 -22.59 1.84
C CYS B 210 -19.36 -22.51 1.08
N LEU B 211 -19.41 -23.13 -0.09
CA LEU B 211 -20.62 -23.10 -0.90
C LEU B 211 -21.76 -23.73 -0.14
N THR B 212 -21.49 -24.83 0.53
CA THR B 212 -22.59 -25.54 1.23
C THR B 212 -23.16 -24.68 2.36
N ARG B 213 -22.30 -24.04 3.15
CA ARG B 213 -22.83 -23.20 4.22
C ARG B 213 -23.41 -21.91 3.68
N TRP B 214 -22.86 -21.45 2.57
CA TRP B 214 -23.44 -20.28 1.97
C TRP B 214 -24.85 -20.56 1.44
N VAL B 215 -24.98 -21.69 0.74
CA VAL B 215 -26.26 -22.12 0.22
C VAL B 215 -27.27 -22.28 1.36
N LYS B 216 -26.86 -22.96 2.41
CA LYS B 216 -27.67 -23.10 3.61
C LYS B 216 -28.12 -21.74 4.13
N HIS B 217 -27.16 -20.84 4.21
CA HIS B 217 -27.44 -19.53 4.73
C HIS B 217 -28.35 -18.78 3.80
N THR B 218 -28.16 -18.90 2.49
CA THR B 218 -28.91 -18.08 1.55
C THR B 218 -30.29 -18.68 1.26
N TYR B 219 -30.35 -20.00 1.06
CA TYR B 219 -31.54 -20.70 0.60
C TYR B 219 -32.23 -21.52 1.67
N GLY B 220 -31.59 -21.69 2.82
CA GLY B 220 -32.14 -22.47 3.89
C GLY B 220 -32.04 -23.98 3.73
N THR B 221 -31.39 -24.43 2.67
CA THR B 221 -31.41 -25.81 2.26
C THR B 221 -30.06 -26.43 2.54
N ASN B 222 -30.08 -27.67 2.98
CA ASN B 222 -28.87 -28.46 3.22
C ASN B 222 -28.45 -29.13 1.92
N TYR B 223 -28.94 -28.61 0.79
CA TYR B 223 -28.56 -29.07 -0.52
C TYR B 223 -28.70 -27.89 -1.49
N GLY B 224 -28.15 -28.07 -2.68
CA GLY B 224 -28.40 -27.17 -3.78
C GLY B 224 -29.73 -27.41 -4.44
N ASP B 225 -30.65 -26.49 -4.27
CA ASP B 225 -31.99 -26.61 -4.82
C ASP B 225 -32.08 -25.83 -6.10
N HIS B 226 -33.24 -25.84 -6.71
CA HIS B 226 -33.34 -25.26 -8.04
C HIS B 226 -33.20 -23.74 -7.99
N ARG B 227 -33.41 -23.11 -6.84
CA ARG B 227 -33.23 -21.67 -6.78
C ARG B 227 -31.78 -21.34 -6.85
N PHE B 228 -30.97 -22.16 -6.20
CA PHE B 228 -29.56 -22.04 -6.30
C PHE B 228 -29.09 -22.35 -7.71
N TYR B 229 -29.54 -23.46 -8.27
CA TYR B 229 -29.07 -23.84 -9.57
C TYR B 229 -29.56 -22.93 -10.66
N ALA B 230 -30.63 -22.19 -10.39
CA ALA B 230 -31.11 -21.19 -11.34
C ALA B 230 -30.10 -20.05 -11.41
N ARG B 231 -29.49 -19.68 -10.30
CA ARG B 231 -28.47 -18.65 -10.36
C ARG B 231 -27.25 -19.13 -11.08
N VAL B 232 -26.87 -20.39 -10.81
CA VAL B 232 -25.68 -20.97 -11.41
C VAL B 232 -25.88 -21.02 -12.90
N CYS B 233 -27.03 -21.54 -13.31
CA CYS B 233 -27.34 -21.70 -14.71
C CYS B 233 -27.44 -20.38 -15.45
N GLU B 234 -28.00 -19.37 -14.77
CA GLU B 234 -28.07 -18.05 -15.36
C GLU B 234 -26.62 -17.57 -15.58
N LEU B 235 -25.75 -17.78 -14.60
CA LEU B 235 -24.38 -17.36 -14.75
C LEU B 235 -23.76 -18.09 -15.92
N ILE B 236 -23.93 -19.42 -15.97
CA ILE B 236 -23.27 -20.18 -17.03
C ILE B 236 -23.71 -19.65 -18.40
N LEU B 237 -25.00 -19.45 -18.57
CA LEU B 237 -25.52 -18.97 -19.82
C LEU B 237 -25.07 -17.54 -20.16
N ARG B 238 -25.04 -16.67 -19.17
CA ARG B 238 -24.57 -15.33 -19.40
C ARG B 238 -23.12 -15.29 -19.79
N LEU B 239 -22.36 -16.27 -19.30
CA LEU B 239 -20.96 -16.45 -19.67
C LEU B 239 -20.84 -17.16 -20.98
N LYS B 240 -21.97 -17.59 -21.53
CA LYS B 240 -22.03 -18.29 -22.82
C LYS B 240 -21.53 -19.72 -22.69
N GLY B 241 -21.54 -20.26 -21.47
CA GLY B 241 -21.35 -21.69 -21.26
C GLY B 241 -22.68 -22.38 -21.45
N ASN B 242 -22.67 -23.70 -21.40
CA ASN B 242 -23.87 -24.46 -21.55
C ASN B 242 -23.88 -25.76 -20.73
N PHE B 243 -22.94 -25.91 -19.79
CA PHE B 243 -22.67 -27.22 -19.19
C PHE B 243 -22.34 -27.08 -17.71
N LEU B 244 -22.81 -28.03 -16.94
CA LEU B 244 -22.66 -28.01 -15.50
C LEU B 244 -22.51 -29.41 -14.93
N TRP B 245 -21.47 -29.63 -14.13
CA TRP B 245 -21.43 -30.78 -13.21
C TRP B 245 -21.77 -30.21 -11.85
N PRO B 246 -22.91 -30.62 -11.31
CA PRO B 246 -23.34 -30.01 -10.08
C PRO B 246 -22.54 -30.51 -8.93
N ALA B 247 -22.71 -29.83 -7.81
CA ALA B 247 -22.03 -30.22 -6.56
C ALA B 247 -22.47 -31.64 -6.22
N MET B 248 -21.53 -32.47 -5.79
CA MET B 248 -21.79 -33.92 -5.59
C MET B 248 -21.17 -34.52 -4.33
N TRP B 249 -20.55 -33.69 -3.47
CA TRP B 249 -19.90 -34.18 -2.25
C TRP B 249 -20.96 -34.72 -1.30
N SER B 250 -21.95 -33.90 -0.98
CA SER B 250 -23.02 -34.32 -0.08
C SER B 250 -24.37 -34.07 -0.68
N TRP B 251 -24.40 -33.50 -1.86
CA TRP B 251 -25.62 -33.25 -2.55
C TRP B 251 -25.78 -34.22 -3.73
N ALA B 252 -27.02 -34.31 -4.21
CA ALA B 252 -27.36 -35.12 -5.39
C ALA B 252 -28.32 -34.32 -6.26
N PHE B 253 -27.73 -33.61 -7.23
CA PHE B 253 -28.47 -32.68 -8.06
C PHE B 253 -29.82 -33.19 -8.57
N TYR B 254 -29.83 -34.39 -9.13
CA TYR B 254 -31.08 -34.92 -9.62
C TYR B 254 -32.06 -35.24 -8.53
N ALA B 255 -31.58 -35.70 -7.40
CA ALA B 255 -32.51 -36.25 -6.39
C ALA B 255 -32.95 -35.22 -5.35
N ASP B 256 -32.11 -34.26 -5.01
CA ASP B 256 -32.41 -33.38 -3.87
C ASP B 256 -33.59 -32.47 -4.15
N ASP B 257 -33.71 -32.04 -5.38
CA ASP B 257 -34.82 -31.21 -5.75
C ASP B 257 -35.23 -31.66 -7.15
N PRO B 258 -36.47 -32.16 -7.29
CA PRO B 258 -36.90 -32.65 -8.60
C PRO B 258 -36.95 -31.50 -9.59
N GLN B 259 -36.90 -30.26 -9.13
CA GLN B 259 -36.87 -29.09 -10.03
C GLN B 259 -35.49 -28.79 -10.56
N ASN B 260 -34.46 -29.39 -9.99
CA ASN B 260 -33.11 -29.08 -10.40
C ASN B 260 -32.88 -29.29 -11.88
N SER B 261 -33.19 -30.49 -12.35
CA SER B 261 -33.01 -30.86 -13.70
C SER B 261 -33.83 -30.03 -14.64
N LYS B 262 -35.09 -29.81 -14.25
CA LYS B 262 -36.04 -29.10 -15.05
C LYS B 262 -35.60 -27.67 -15.19
N THR B 263 -35.10 -27.10 -14.10
CA THR B 263 -34.63 -25.75 -14.13
C THR B 263 -33.47 -25.62 -15.08
N ALA B 264 -32.47 -26.46 -14.93
CA ALA B 264 -31.33 -26.39 -15.85
C ALA B 264 -31.80 -26.59 -17.27
N SER B 265 -32.61 -27.59 -17.44
CA SER B 265 -32.98 -28.08 -18.76
C SER B 265 -33.82 -27.05 -19.52
N GLU B 266 -34.73 -26.43 -18.80
CA GLU B 266 -35.52 -25.43 -19.44
C GLU B 266 -34.73 -24.14 -19.69
N MET B 267 -33.83 -23.76 -18.78
CA MET B 267 -32.95 -22.64 -19.03
C MET B 267 -32.00 -22.89 -20.19
N GLY B 268 -31.64 -24.15 -20.40
CA GLY B 268 -30.78 -24.50 -21.49
C GLY B 268 -29.38 -24.92 -21.07
N VAL B 269 -29.18 -25.22 -19.78
CA VAL B 269 -27.91 -25.73 -19.34
C VAL B 269 -27.95 -27.24 -19.40
N ILE B 270 -26.95 -27.80 -20.04
CA ILE B 270 -26.75 -29.24 -20.08
C ILE B 270 -26.12 -29.71 -18.81
N ILE B 271 -26.67 -30.78 -18.25
CA ILE B 271 -26.15 -31.31 -17.01
C ILE B 271 -25.37 -32.56 -17.28
N GLY B 272 -24.29 -32.72 -16.57
CA GLY B 272 -23.52 -33.92 -16.57
C GLY B 272 -23.20 -34.33 -15.12
N THR B 273 -22.51 -35.44 -14.98
CA THR B 273 -21.97 -35.80 -13.69
C THR B 273 -20.47 -35.94 -13.82
N SER B 274 -19.80 -35.95 -12.68
CA SER B 274 -18.38 -36.01 -12.66
C SER B 274 -17.99 -37.41 -13.12
N HIS B 275 -16.71 -37.56 -13.35
CA HIS B 275 -16.20 -38.71 -14.03
C HIS B 275 -16.37 -40.00 -13.30
N HIS B 276 -16.55 -39.95 -12.01
CA HIS B 276 -16.80 -41.18 -11.29
C HIS B 276 -18.26 -41.33 -10.83
N GLU B 277 -19.16 -40.68 -11.56
CA GLU B 277 -20.59 -40.76 -11.31
C GLU B 277 -21.27 -41.28 -12.57
N PRO B 278 -21.21 -42.58 -12.81
CA PRO B 278 -21.78 -42.99 -14.09
C PRO B 278 -23.30 -42.95 -14.17
N MET B 279 -23.78 -42.78 -15.39
CA MET B 279 -25.12 -43.11 -15.80
C MET B 279 -26.13 -42.20 -15.16
N ALA B 280 -25.75 -40.94 -15.04
CA ALA B 280 -26.67 -39.89 -14.66
C ALA B 280 -27.25 -40.12 -13.29
N ARG B 281 -26.45 -40.71 -12.42
CA ARG B 281 -26.77 -40.78 -11.01
C ARG B 281 -25.72 -39.99 -10.27
N ASN B 282 -26.15 -39.32 -9.24
CA ASN B 282 -25.22 -38.59 -8.41
C ASN B 282 -24.67 -39.57 -7.40
N HIS B 283 -23.38 -39.39 -7.11
CA HIS B 283 -22.67 -40.27 -6.19
C HIS B 283 -23.47 -40.49 -4.89
N GLN B 284 -24.00 -39.41 -4.33
CA GLN B 284 -24.67 -39.49 -3.08
C GLN B 284 -25.94 -40.27 -3.11
N GLU B 285 -26.56 -40.44 -4.27
CA GLU B 285 -27.75 -41.31 -4.35
C GLU B 285 -27.39 -42.73 -3.96
N TRP B 286 -26.18 -43.14 -4.28
CA TRP B 286 -25.73 -44.48 -3.90
C TRP B 286 -25.35 -44.48 -2.41
N SER B 287 -24.49 -43.52 -2.02
CA SER B 287 -23.95 -43.47 -0.64
C SER B 287 -25.05 -43.42 0.36
N ARG B 288 -26.06 -42.61 0.10
CA ARG B 288 -27.14 -42.50 1.04
C ARG B 288 -27.89 -43.81 1.25
N LYS B 289 -27.79 -44.75 0.32
CA LYS B 289 -28.56 -45.97 0.45
C LYS B 289 -27.60 -47.16 0.35
N ARG B 290 -26.36 -46.94 0.82
CA ARG B 290 -25.30 -47.90 0.69
C ARG B 290 -25.58 -49.22 1.40
N LYS B 291 -26.17 -49.13 2.60
CA LYS B 291 -26.54 -50.34 3.32
C LYS B 291 -27.59 -51.12 2.52
N GLU B 292 -28.52 -50.43 1.86
CA GLU B 292 -29.51 -51.10 1.01
C GLU B 292 -28.91 -51.55 -0.32
N TYR B 293 -28.16 -50.67 -0.96
CA TYR B 293 -27.67 -50.98 -2.30
C TYR B 293 -26.59 -52.02 -2.24
N GLY B 294 -25.84 -51.95 -1.17
CA GLY B 294 -24.71 -52.81 -0.98
C GLY B 294 -23.55 -52.32 -1.79
N ALA B 295 -22.87 -53.28 -2.40
CA ALA B 295 -21.51 -53.06 -2.79
C ALA B 295 -21.43 -52.45 -4.14
N TRP B 296 -20.60 -51.42 -4.27
CA TRP B 296 -20.33 -50.79 -5.55
C TRP B 296 -19.33 -51.64 -6.33
N ASP B 297 -19.81 -52.80 -6.77
CA ASP B 297 -18.96 -53.83 -7.35
C ASP B 297 -19.74 -54.49 -8.44
N TYR B 298 -19.31 -54.28 -9.67
CA TYR B 298 -20.07 -54.74 -10.78
C TYR B 298 -20.09 -56.24 -10.89
N THR B 299 -19.01 -56.87 -10.42
CA THR B 299 -18.86 -58.31 -10.55
C THR B 299 -19.82 -59.04 -9.63
N THR B 300 -20.12 -58.45 -8.48
CA THR B 300 -20.97 -59.09 -7.46
C THR B 300 -22.33 -58.45 -7.28
N ASN B 301 -22.52 -57.19 -7.65
CA ASN B 301 -23.78 -56.49 -7.40
C ASN B 301 -24.40 -55.91 -8.67
N GLN B 302 -24.27 -56.65 -9.77
CA GLN B 302 -24.55 -56.12 -11.07
C GLN B 302 -26.01 -55.76 -11.32
N LYS B 303 -26.93 -56.61 -10.87
CA LYS B 303 -28.32 -56.41 -11.07
C LYS B 303 -28.76 -55.07 -10.44
N VAL B 304 -28.30 -54.77 -9.25
CA VAL B 304 -28.72 -53.58 -8.53
C VAL B 304 -28.09 -52.38 -9.19
N ILE B 305 -26.83 -52.50 -9.58
CA ILE B 305 -26.06 -51.42 -10.19
C ILE B 305 -26.60 -51.11 -11.57
N ASP B 306 -26.84 -52.14 -12.38
CA ASP B 306 -27.53 -51.94 -13.63
C ASP B 306 -28.85 -51.21 -13.48
N GLN B 307 -29.60 -51.53 -12.45
CA GLN B 307 -30.88 -50.91 -12.27
C GLN B 307 -30.73 -49.47 -11.80
N PHE B 308 -29.74 -49.26 -10.94
CA PHE B 308 -29.34 -47.93 -10.51
C PHE B 308 -28.99 -47.07 -11.76
N PHE B 309 -28.26 -47.67 -12.66
CA PHE B 309 -27.88 -47.05 -13.91
C PHE B 309 -29.08 -46.77 -14.77
N ARG B 310 -29.94 -47.77 -14.93
CA ARG B 310 -31.10 -47.66 -15.77
C ARG B 310 -31.94 -46.49 -15.34
N GLU B 311 -32.13 -46.36 -14.03
CA GLU B 311 -32.96 -45.29 -13.51
C GLU B 311 -32.39 -43.93 -13.81
N GLY B 312 -31.06 -43.81 -13.81
CA GLY B 312 -30.40 -42.56 -14.19
C GLY B 312 -30.73 -42.16 -15.61
N ILE B 313 -30.66 -43.10 -16.50
CA ILE B 313 -30.92 -42.84 -17.91
C ILE B 313 -32.39 -42.51 -18.11
N GLU B 314 -33.26 -43.26 -17.46
CA GLU B 314 -34.71 -42.97 -17.52
C GLU B 314 -34.94 -41.54 -17.07
N ARG B 315 -34.31 -41.19 -15.98
CA ARG B 315 -34.55 -39.85 -15.40
C ARG B 315 -34.01 -38.72 -16.29
N MET B 316 -32.95 -38.95 -17.06
CA MET B 316 -32.42 -37.84 -17.87
C MET B 316 -32.99 -37.82 -19.28
N GLN B 317 -33.78 -38.81 -19.66
CA GLN B 317 -34.53 -38.73 -20.93
C GLN B 317 -35.33 -37.47 -20.99
N GLY B 318 -35.41 -36.87 -22.16
CA GLY B 318 -36.13 -35.65 -22.30
C GLY B 318 -35.21 -34.46 -22.14
N THR B 319 -33.95 -34.70 -21.72
CA THR B 319 -32.96 -33.64 -21.49
C THR B 319 -31.79 -33.81 -22.40
N GLU B 320 -30.91 -32.83 -22.35
CA GLU B 320 -29.72 -32.86 -23.19
C GLU B 320 -28.54 -33.35 -22.43
N ASP B 321 -28.80 -33.93 -21.27
CA ASP B 321 -27.74 -34.23 -20.35
C ASP B 321 -26.80 -35.27 -20.93
N ILE B 322 -25.55 -35.19 -20.52
CA ILE B 322 -24.51 -36.04 -21.00
C ILE B 322 -24.31 -37.09 -19.93
N VAL B 323 -24.14 -38.31 -20.41
CA VAL B 323 -24.16 -39.48 -19.57
C VAL B 323 -22.74 -39.94 -19.39
N THR B 324 -22.32 -39.96 -18.14
CA THR B 324 -21.02 -40.45 -17.82
C THR B 324 -21.09 -41.98 -17.90
N ILE B 325 -20.08 -42.58 -18.52
CA ILE B 325 -20.01 -44.02 -18.58
C ILE B 325 -18.75 -44.48 -17.95
N GLY B 326 -18.59 -45.80 -17.90
CA GLY B 326 -17.48 -46.40 -17.21
C GLY B 326 -17.86 -46.57 -15.77
N MET B 327 -16.88 -46.92 -14.96
CA MET B 327 -17.11 -47.23 -13.57
C MET B 327 -15.79 -47.63 -12.93
N ARG B 328 -15.50 -47.20 -11.72
CA ARG B 328 -14.47 -47.86 -10.93
C ARG B 328 -15.14 -48.59 -9.77
N GLY B 329 -15.01 -49.92 -9.74
CA GLY B 329 -15.41 -50.71 -8.56
C GLY B 329 -14.33 -50.80 -7.48
N VAL B 341 -9.89 -54.99 -17.07
CA VAL B 341 -10.04 -54.30 -18.36
C VAL B 341 -11.17 -54.87 -19.20
N LYS B 342 -11.19 -56.20 -19.30
CA LYS B 342 -12.37 -56.92 -19.78
C LYS B 342 -13.58 -56.54 -18.92
N LEU B 343 -13.41 -56.37 -17.61
CA LEU B 343 -14.53 -55.92 -16.74
C LEU B 343 -15.06 -54.55 -17.20
N LEU B 344 -14.14 -53.63 -17.42
CA LEU B 344 -14.54 -52.28 -17.68
C LEU B 344 -15.21 -52.19 -19.00
N GLU B 345 -14.73 -52.98 -19.97
CA GLU B 345 -15.40 -53.04 -21.24
C GLU B 345 -16.80 -53.64 -21.11
N ASN B 346 -16.94 -54.64 -20.27
CA ASN B 346 -18.23 -55.25 -20.05
C ASN B 346 -19.20 -54.28 -19.39
N VAL B 347 -18.70 -53.51 -18.44
CA VAL B 347 -19.49 -52.42 -17.84
C VAL B 347 -19.96 -51.47 -18.90
N VAL B 348 -19.03 -51.02 -19.73
CA VAL B 348 -19.39 -50.06 -20.71
C VAL B 348 -20.38 -50.67 -21.70
N LYS B 349 -20.09 -51.88 -22.18
CA LYS B 349 -21.04 -52.62 -23.04
C LYS B 349 -22.43 -52.62 -22.38
N ASN B 350 -22.47 -52.96 -21.10
CA ASN B 350 -23.74 -53.07 -20.40
C ASN B 350 -24.43 -51.74 -20.21
N GLN B 351 -23.64 -50.73 -19.86
CA GLN B 351 -24.19 -49.38 -19.75
C GLN B 351 -24.81 -48.93 -21.06
N ARG B 352 -24.16 -49.26 -22.17
CA ARG B 352 -24.70 -48.86 -23.45
C ARG B 352 -25.90 -49.67 -23.86
N LYS B 353 -25.98 -50.93 -23.46
CA LYS B 353 -27.20 -51.70 -23.65
C LYS B 353 -28.33 -51.03 -22.91
N ILE B 354 -28.05 -50.66 -21.67
CA ILE B 354 -29.04 -50.04 -20.81
C ILE B 354 -29.54 -48.78 -21.44
N ILE B 355 -28.62 -48.01 -22.01
CA ILE B 355 -29.01 -46.77 -22.68
C ILE B 355 -29.93 -47.11 -23.84
N GLU B 356 -29.59 -48.14 -24.59
CA GLU B 356 -30.45 -48.53 -25.70
C GLU B 356 -31.81 -49.05 -25.23
N GLU B 357 -31.83 -49.91 -24.24
CA GLU B 357 -33.08 -50.38 -23.68
C GLU B 357 -33.97 -49.24 -23.21
N VAL B 358 -33.39 -48.29 -22.49
CA VAL B 358 -34.15 -47.19 -21.96
C VAL B 358 -34.59 -46.28 -23.09
N THR B 359 -33.69 -45.95 -23.99
CA THR B 359 -34.03 -44.92 -24.97
C THR B 359 -34.75 -45.50 -26.19
N LYS B 360 -34.69 -46.82 -26.37
CA LYS B 360 -35.15 -47.48 -27.59
C LYS B 360 -34.42 -46.87 -28.79
N ARG B 361 -33.19 -46.40 -28.55
CA ARG B 361 -32.37 -45.83 -29.60
C ARG B 361 -31.01 -46.41 -29.51
N PRO B 362 -30.26 -46.36 -30.61
CA PRO B 362 -28.86 -46.70 -30.49
C PRO B 362 -28.18 -45.81 -29.43
N ALA B 363 -27.24 -46.44 -28.74
CA ALA B 363 -26.45 -45.84 -27.70
C ALA B 363 -25.79 -44.58 -28.19
N LYS B 364 -25.39 -44.57 -29.47
CA LYS B 364 -24.63 -43.44 -30.03
C LYS B 364 -25.41 -42.16 -29.96
N GLU B 365 -26.71 -42.25 -29.84
CA GLU B 365 -27.54 -41.06 -29.84
C GLU B 365 -27.65 -40.46 -28.47
N THR B 366 -27.15 -41.15 -27.45
CA THR B 366 -27.12 -40.56 -26.13
C THR B 366 -25.73 -40.06 -25.88
N PRO B 367 -25.58 -38.76 -25.66
CA PRO B 367 -24.26 -38.19 -25.43
C PRO B 367 -23.61 -38.83 -24.21
N GLN B 368 -22.37 -39.28 -24.37
CA GLN B 368 -21.68 -39.97 -23.33
C GLN B 368 -20.27 -39.46 -23.17
N VAL B 369 -19.78 -39.55 -21.96
CA VAL B 369 -18.43 -39.21 -21.66
C VAL B 369 -17.79 -40.31 -20.87
N TRP B 370 -16.57 -40.65 -21.22
CA TRP B 370 -15.79 -41.61 -20.49
C TRP B 370 -14.56 -40.85 -20.13
N ALA B 371 -14.32 -40.68 -18.83
CA ALA B 371 -13.19 -39.89 -18.34
C ALA B 371 -11.97 -40.74 -18.27
N LEU B 372 -10.88 -40.27 -18.86
CA LEU B 372 -9.61 -40.99 -18.71
C LEU B 372 -8.84 -40.39 -17.50
N TYR B 373 -9.31 -40.75 -16.29
CA TYR B 373 -8.99 -40.08 -15.00
C TYR B 373 -7.76 -40.63 -14.32
N LYS B 374 -7.57 -41.95 -14.33
CA LYS B 374 -6.39 -42.53 -13.67
C LYS B 374 -5.95 -43.86 -14.27
N GLU B 375 -6.40 -44.97 -13.71
CA GLU B 375 -6.02 -46.31 -14.22
C GLU B 375 -6.56 -46.43 -15.64
N VAL B 376 -7.77 -45.92 -15.79
CA VAL B 376 -8.49 -45.91 -17.05
C VAL B 376 -7.62 -45.40 -18.19
N LEU B 377 -6.87 -44.32 -17.96
CA LEU B 377 -5.94 -43.81 -18.97
C LEU B 377 -4.92 -44.89 -19.34
N ASP B 378 -4.34 -45.51 -18.31
CA ASP B 378 -3.48 -46.67 -18.55
C ASP B 378 -4.24 -47.73 -19.38
N TYR B 379 -5.50 -48.02 -19.03
CA TYR B 379 -6.28 -49.02 -19.76
C TYR B 379 -6.40 -48.63 -21.21
N TYR B 380 -6.73 -47.37 -21.43
CA TYR B 380 -6.82 -46.84 -22.78
C TYR B 380 -5.50 -47.04 -23.54
N ASP B 381 -4.38 -46.69 -22.91
CA ASP B 381 -3.06 -47.12 -23.41
C ASP B 381 -2.93 -48.64 -23.29
N MET B 384 -7.61 -50.44 -24.75
CA MET B 384 -8.95 -50.87 -24.43
C MET B 384 -9.96 -50.29 -25.42
N ARG B 385 -11.03 -51.04 -25.65
CA ARG B 385 -12.08 -50.65 -26.61
C ARG B 385 -12.98 -49.53 -26.04
N VAL B 386 -13.05 -48.41 -26.75
CA VAL B 386 -13.96 -47.33 -26.39
C VAL B 386 -14.83 -47.03 -27.63
N PRO B 387 -16.18 -47.01 -27.50
CA PRO B 387 -16.94 -46.82 -28.73
C PRO B 387 -16.68 -45.44 -29.31
N ASP B 388 -16.95 -45.31 -30.61
CA ASP B 388 -16.56 -44.15 -31.41
C ASP B 388 -17.25 -42.87 -31.03
N ASP B 389 -18.50 -43.00 -30.57
CA ASP B 389 -19.32 -41.85 -30.32
C ASP B 389 -19.08 -41.19 -28.97
N VAL B 390 -18.24 -41.78 -28.15
CA VAL B 390 -18.14 -41.34 -26.77
C VAL B 390 -17.15 -40.20 -26.65
N ILE B 391 -17.46 -39.20 -25.85
CA ILE B 391 -16.50 -38.13 -25.61
C ILE B 391 -15.48 -38.68 -24.68
N MET B 392 -14.23 -38.62 -25.06
CA MET B 392 -13.17 -39.07 -24.20
C MET B 392 -12.69 -37.86 -23.43
N LEU B 393 -12.95 -37.82 -22.13
CA LEU B 393 -12.63 -36.64 -21.33
C LEU B 393 -11.28 -36.82 -20.69
N LEU B 394 -10.31 -36.06 -21.17
CA LEU B 394 -8.96 -36.06 -20.58
C LEU B 394 -8.96 -35.10 -19.42
N CYS B 395 -7.99 -35.28 -18.52
CA CYS B 395 -7.90 -34.55 -17.29
C CYS B 395 -6.58 -33.78 -17.19
N ASP B 396 -6.63 -32.60 -16.56
CA ASP B 396 -5.40 -31.95 -16.18
C ASP B 396 -4.88 -32.67 -14.96
N ASP B 397 -3.73 -32.26 -14.48
CA ASP B 397 -3.13 -32.88 -13.31
C ASP B 397 -3.69 -32.35 -12.00
N ASN B 398 -4.88 -31.75 -12.06
CA ASN B 398 -5.46 -31.01 -10.94
C ASN B 398 -4.82 -29.67 -10.60
N TRP B 399 -3.80 -29.28 -11.35
CA TRP B 399 -3.06 -28.04 -11.10
C TRP B 399 -2.88 -27.24 -12.37
N GLY B 400 -3.70 -27.51 -13.36
CA GLY B 400 -3.82 -26.68 -14.55
C GLY B 400 -2.94 -27.12 -15.68
N ASN B 401 -2.22 -28.24 -15.49
CA ASN B 401 -1.40 -28.81 -16.55
C ASN B 401 -2.05 -30.02 -17.17
N VAL B 402 -2.21 -30.02 -18.48
CA VAL B 402 -2.79 -31.17 -19.17
C VAL B 402 -1.81 -32.34 -19.15
N CYS B 403 -2.36 -33.51 -18.89
CA CYS B 403 -1.60 -34.74 -18.71
C CYS B 403 -1.43 -35.44 -19.99
N ARG B 404 -2.44 -35.35 -20.83
CA ARG B 404 -2.52 -36.17 -21.99
C ARG B 404 -3.37 -35.43 -23.00
N LEU B 405 -2.90 -35.44 -24.23
CA LEU B 405 -3.63 -34.86 -25.31
C LEU B 405 -3.61 -35.88 -26.42
N PRO B 406 -4.63 -35.86 -27.26
CA PRO B 406 -4.68 -36.88 -28.26
C PRO B 406 -3.66 -36.63 -29.34
N ASN B 407 -3.13 -37.72 -29.90
CA ASN B 407 -2.27 -37.66 -31.06
C ASN B 407 -3.12 -37.64 -32.31
N ALA B 408 -2.49 -37.60 -33.46
CA ALA B 408 -3.21 -37.35 -34.71
C ALA B 408 -4.24 -38.46 -35.00
N LYS B 409 -3.92 -39.73 -34.70
CA LYS B 409 -4.90 -40.84 -34.86
C LYS B 409 -6.04 -40.67 -33.86
N GLU B 410 -5.64 -40.45 -32.61
CA GLU B 410 -6.61 -40.29 -31.53
C GLU B 410 -7.60 -39.16 -31.79
N ARG B 411 -7.13 -38.12 -32.44
CA ARG B 411 -7.90 -36.94 -32.72
C ARG B 411 -9.01 -37.22 -33.72
N LYS B 412 -8.88 -38.33 -34.44
CA LYS B 412 -9.88 -38.75 -35.39
C LYS B 412 -11.08 -39.42 -34.67
N HIS B 413 -10.93 -39.73 -33.37
CA HIS B 413 -12.03 -40.21 -32.54
C HIS B 413 -13.35 -39.44 -32.80
N PRO B 414 -14.36 -40.10 -33.38
CA PRO B 414 -15.50 -39.27 -33.76
C PRO B 414 -16.22 -38.58 -32.60
N GLY B 415 -16.29 -39.22 -31.44
CA GLY B 415 -16.91 -38.60 -30.27
C GLY B 415 -16.22 -37.35 -29.75
N GLY B 416 -14.99 -37.14 -30.16
CA GLY B 416 -14.25 -36.01 -29.68
C GLY B 416 -13.59 -36.27 -28.35
N TRP B 417 -12.99 -35.19 -27.85
CA TRP B 417 -12.15 -35.23 -26.68
C TRP B 417 -12.56 -34.13 -25.74
N GLY B 418 -12.34 -34.36 -24.47
CA GLY B 418 -12.70 -33.39 -23.47
C GLY B 418 -11.55 -33.03 -22.60
N MET B 419 -11.64 -31.87 -21.94
CA MET B 419 -10.63 -31.54 -20.94
C MET B 419 -11.33 -31.14 -19.68
N TYR B 420 -10.93 -31.77 -18.59
CA TYR B 420 -11.40 -31.42 -17.29
C TYR B 420 -10.26 -30.71 -16.61
N TYR B 421 -10.47 -29.43 -16.32
CA TYR B 421 -9.41 -28.53 -15.90
C TYR B 421 -9.69 -28.06 -14.50
N HIS B 422 -8.65 -27.84 -13.69
CA HIS B 422 -8.79 -27.37 -12.32
C HIS B 422 -8.25 -25.95 -12.08
N VAL B 423 -9.02 -25.13 -11.40
CA VAL B 423 -8.51 -23.93 -10.74
C VAL B 423 -8.76 -23.98 -9.23
N ASP B 424 -9.14 -25.15 -8.77
CA ASP B 424 -9.43 -25.44 -7.38
C ASP B 424 -9.25 -26.94 -7.28
N TYR B 425 -8.65 -27.39 -6.18
CA TYR B 425 -8.39 -28.80 -6.03
C TYR B 425 -8.30 -29.19 -4.56
N VAL B 426 -8.89 -30.35 -4.27
CA VAL B 426 -8.68 -31.00 -3.00
C VAL B 426 -7.95 -32.33 -3.24
N GLY B 427 -6.72 -32.39 -2.81
CA GLY B 427 -5.88 -33.57 -3.03
C GLY B 427 -4.40 -33.23 -2.86
N ALA B 428 -3.58 -34.16 -3.34
CA ALA B 428 -2.14 -34.01 -3.34
C ALA B 428 -1.67 -32.83 -4.24
N PRO B 429 -0.55 -32.18 -3.88
CA PRO B 429 0.23 -32.41 -2.66
C PRO B 429 -0.47 -31.71 -1.50
N ARG B 430 -1.32 -30.72 -1.84
CA ARG B 430 -2.12 -30.02 -0.86
C ARG B 430 -3.30 -29.31 -1.51
N ASN B 431 -4.43 -29.28 -0.81
CA ASN B 431 -5.59 -28.57 -1.29
C ASN B 431 -5.28 -27.12 -1.64
N SER B 432 -5.85 -26.70 -2.74
CA SER B 432 -5.90 -25.32 -3.09
C SER B 432 -7.37 -25.02 -3.20
N LYS B 433 -7.97 -24.49 -2.13
CA LYS B 433 -9.43 -24.20 -2.13
C LYS B 433 -9.75 -22.82 -1.63
N TRP B 434 -8.71 -22.04 -1.41
CA TRP B 434 -8.88 -20.79 -0.70
C TRP B 434 -9.12 -19.70 -1.75
N LEU B 435 -8.06 -19.15 -2.31
CA LEU B 435 -8.16 -18.09 -3.30
C LEU B 435 -7.87 -18.63 -4.68
N ASN B 436 -8.15 -17.81 -5.66
CA ASN B 436 -7.67 -18.09 -7.01
C ASN B 436 -6.16 -18.06 -6.96
N VAL B 437 -5.56 -19.10 -7.53
CA VAL B 437 -4.14 -19.25 -7.57
C VAL B 437 -3.69 -19.57 -8.96
N THR B 438 -4.55 -19.36 -9.96
CA THR B 438 -4.21 -19.70 -11.31
C THR B 438 -3.74 -18.45 -12.08
N PRO B 439 -2.48 -18.45 -12.46
CA PRO B 439 -2.02 -17.35 -13.25
C PRO B 439 -2.78 -17.29 -14.53
N ILE B 440 -3.10 -16.09 -14.94
CA ILE B 440 -3.87 -15.90 -16.17
C ILE B 440 -3.12 -16.60 -17.32
N GLN B 441 -1.79 -16.50 -17.32
CA GLN B 441 -0.96 -17.05 -18.39
C GLN B 441 -1.06 -18.55 -18.45
N ASN B 442 -1.21 -19.18 -17.31
CA ASN B 442 -1.14 -20.62 -17.24
C ASN B 442 -2.43 -21.23 -17.74
N MET B 443 -3.56 -20.61 -17.39
CA MET B 443 -4.77 -21.09 -17.95
C MET B 443 -4.76 -20.96 -19.46
N TRP B 444 -4.35 -19.80 -19.93
CA TRP B 444 -4.32 -19.55 -21.36
C TRP B 444 -3.42 -20.55 -22.04
N GLU B 445 -2.26 -20.75 -21.47
CA GLU B 445 -1.21 -21.43 -22.17
C GLU B 445 -1.59 -22.90 -22.38
N GLN B 446 -2.25 -23.47 -21.40
CA GLN B 446 -2.63 -24.88 -21.47
C GLN B 446 -3.95 -25.07 -22.22
N LEU B 447 -4.84 -24.10 -22.14
CA LEU B 447 -6.04 -24.19 -22.90
C LEU B 447 -5.80 -23.95 -24.37
N GLN B 448 -4.92 -23.01 -24.74
CA GLN B 448 -4.59 -22.88 -26.16
C GLN B 448 -4.01 -24.20 -26.66
N LEU B 449 -3.15 -24.81 -25.87
CA LEU B 449 -2.55 -26.08 -26.22
C LEU B 449 -3.61 -27.15 -26.37
N THR B 450 -4.51 -27.19 -25.39
CA THR B 450 -5.61 -28.13 -25.39
C THR B 450 -6.40 -28.02 -26.69
N TYR B 451 -6.73 -26.80 -27.08
CA TYR B 451 -7.54 -26.64 -28.24
C TYR B 451 -6.73 -27.02 -29.48
N ASP B 452 -5.48 -26.58 -29.53
CA ASP B 452 -4.62 -26.86 -30.69
C ASP B 452 -4.44 -28.34 -30.91
N TYR B 453 -4.52 -29.17 -29.87
CA TYR B 453 -4.45 -30.61 -30.04
C TYR B 453 -5.84 -31.24 -30.27
N GLY B 454 -6.82 -30.43 -30.67
CA GLY B 454 -8.11 -30.97 -31.13
C GLY B 454 -9.06 -31.38 -30.00
N VAL B 455 -8.87 -30.85 -28.80
CA VAL B 455 -9.74 -31.18 -27.69
C VAL B 455 -10.79 -30.08 -27.67
N GLU B 456 -11.91 -30.39 -28.27
CA GLU B 456 -12.91 -29.38 -28.47
C GLU B 456 -14.34 -29.81 -28.25
N LYS B 457 -14.57 -30.99 -27.70
CA LYS B 457 -15.93 -31.41 -27.53
C LYS B 457 -16.44 -30.88 -26.18
N LEU B 458 -15.63 -30.98 -25.16
CA LEU B 458 -16.07 -30.72 -23.81
C LEU B 458 -14.94 -30.12 -22.99
N TRP B 459 -15.16 -28.91 -22.47
CA TRP B 459 -14.26 -28.31 -21.45
C TRP B 459 -15.07 -28.07 -20.21
N ILE B 460 -14.57 -28.57 -19.09
CA ILE B 460 -15.26 -28.51 -17.83
C ILE B 460 -14.20 -28.06 -16.82
N LEU B 461 -14.52 -27.01 -16.09
CA LEU B 461 -13.65 -26.39 -15.12
C LEU B 461 -14.11 -26.65 -13.71
N ASN B 462 -13.23 -27.27 -12.92
CA ASN B 462 -13.48 -27.36 -11.52
C ASN B 462 -13.30 -25.99 -10.89
N VAL B 463 -14.37 -25.45 -10.37
CA VAL B 463 -14.35 -24.11 -9.90
C VAL B 463 -14.48 -24.02 -8.42
N GLY B 464 -14.38 -25.15 -7.73
CA GLY B 464 -14.57 -25.16 -6.33
C GLY B 464 -15.94 -24.62 -5.99
N ASP B 465 -15.93 -23.59 -5.13
CA ASP B 465 -17.11 -22.89 -4.64
C ASP B 465 -17.60 -21.81 -5.58
N LEU B 466 -17.04 -21.80 -6.78
CA LEU B 466 -17.36 -20.82 -7.80
C LEU B 466 -16.66 -19.49 -7.47
N LYS B 467 -17.04 -18.84 -6.39
CA LYS B 467 -16.26 -17.72 -5.91
C LYS B 467 -15.13 -18.33 -5.13
N PRO B 468 -13.92 -17.71 -5.16
CA PRO B 468 -13.51 -16.51 -5.86
C PRO B 468 -12.77 -16.85 -7.14
N MET B 469 -13.36 -17.68 -7.99
CA MET B 469 -12.76 -18.06 -9.28
C MET B 469 -13.48 -17.34 -10.40
N GLU B 470 -14.04 -16.19 -10.09
CA GLU B 470 -14.86 -15.50 -11.05
C GLU B 470 -14.07 -15.18 -12.30
N TYR B 471 -12.82 -14.75 -12.15
CA TYR B 471 -12.09 -14.39 -13.35
C TYR B 471 -11.68 -15.63 -14.18
N PRO B 472 -11.03 -16.60 -13.55
CA PRO B 472 -10.63 -17.77 -14.34
C PRO B 472 -11.79 -18.46 -15.05
N ILE B 473 -12.92 -18.50 -14.37
CA ILE B 473 -14.13 -19.01 -14.97
C ILE B 473 -14.44 -18.26 -16.26
N THR B 474 -14.39 -16.93 -16.20
CA THR B 474 -14.66 -16.10 -17.37
C THR B 474 -13.66 -16.36 -18.47
N LEU B 475 -12.38 -16.35 -18.12
CA LEU B 475 -11.34 -16.69 -19.10
C LEU B 475 -11.60 -18.05 -19.71
N PHE B 476 -11.90 -19.01 -18.86
CA PHE B 476 -12.12 -20.35 -19.29
C PHE B 476 -13.24 -20.36 -20.31
N MET B 477 -14.36 -19.75 -19.97
CA MET B 477 -15.52 -19.74 -20.82
C MET B 477 -15.28 -19.02 -22.12
N ASP B 478 -14.58 -17.88 -22.05
CA ASP B 478 -14.27 -17.12 -23.25
C ASP B 478 -13.31 -17.90 -24.14
N MET B 479 -12.35 -18.58 -23.53
CA MET B 479 -11.46 -19.38 -24.31
C MET B 479 -12.18 -20.56 -24.94
N ALA B 480 -13.07 -21.21 -24.22
CA ALA B 480 -13.84 -22.32 -24.82
C ALA B 480 -14.67 -21.83 -25.95
N TRP B 481 -15.12 -20.59 -25.86
CA TRP B 481 -15.93 -20.07 -26.92
C TRP B 481 -15.08 -19.94 -28.15
N ASN B 482 -13.94 -19.30 -28.00
CA ASN B 482 -13.05 -19.04 -29.13
C ASN B 482 -11.59 -18.91 -28.75
N PRO B 483 -10.89 -20.04 -28.65
CA PRO B 483 -9.52 -20.06 -28.20
C PRO B 483 -8.56 -19.32 -29.16
N LYS B 484 -8.91 -19.27 -30.43
CA LYS B 484 -8.00 -18.69 -31.44
C LYS B 484 -8.04 -17.18 -31.39
N GLN B 485 -9.03 -16.58 -30.72
CA GLN B 485 -9.07 -15.10 -30.59
C GLN B 485 -8.05 -14.65 -29.52
N PHE B 486 -7.32 -15.58 -28.93
CA PHE B 486 -6.41 -15.27 -27.87
C PHE B 486 -4.98 -15.59 -28.28
N ASN B 487 -4.07 -14.67 -28.11
CA ASN B 487 -2.68 -14.97 -28.29
C ASN B 487 -1.95 -14.24 -27.23
N VAL B 488 -0.63 -14.43 -27.14
CA VAL B 488 0.17 -13.76 -26.08
C VAL B 488 0.11 -12.25 -26.18
N SER B 489 -0.06 -11.70 -27.39
CA SER B 489 -0.01 -10.24 -27.52
C SER B 489 -1.24 -9.70 -26.89
N ASN B 490 -2.37 -10.34 -27.10
CA ASN B 490 -3.61 -9.76 -26.64
C ASN B 490 -4.19 -10.36 -25.38
N LEU B 491 -3.53 -11.36 -24.80
CA LEU B 491 -4.07 -12.03 -23.66
C LEU B 491 -4.58 -11.08 -22.59
N LEU B 492 -3.77 -10.10 -22.24
CA LEU B 492 -4.15 -9.26 -21.13
C LEU B 492 -5.28 -8.35 -21.44
N ASP B 493 -5.64 -8.23 -22.71
CA ASP B 493 -6.87 -7.55 -23.05
C ASP B 493 -8.07 -8.26 -22.47
N HIS B 494 -7.96 -9.56 -22.25
CA HIS B 494 -9.06 -10.23 -21.67
C HIS B 494 -9.36 -9.77 -20.24
N PRO B 495 -8.38 -9.84 -19.35
CA PRO B 495 -8.68 -9.33 -18.02
C PRO B 495 -8.94 -7.82 -18.00
N ARG B 496 -8.37 -7.13 -18.98
CA ARG B 496 -8.67 -5.75 -19.17
C ARG B 496 -10.16 -5.57 -19.44
N ARG B 497 -10.70 -6.29 -20.43
CA ARG B 497 -12.14 -6.16 -20.75
C ARG B 497 -12.97 -6.58 -19.56
N PHE B 498 -12.51 -7.61 -18.87
CA PHE B 498 -13.22 -8.09 -17.68
C PHE B 498 -13.25 -7.03 -16.61
N CYS B 499 -12.13 -6.34 -16.47
CA CYS B 499 -12.06 -5.33 -15.44
C CYS B 499 -12.82 -4.10 -15.87
N ALA B 500 -12.79 -3.79 -17.15
CA ALA B 500 -13.66 -2.69 -17.67
C ALA B 500 -15.12 -2.95 -17.34
N GLN B 501 -15.51 -4.18 -17.58
CA GLN B 501 -16.87 -4.62 -17.38
C GLN B 501 -17.27 -4.56 -15.93
N GLN B 502 -16.40 -5.03 -15.05
CA GLN B 502 -16.73 -5.11 -13.64
C GLN B 502 -16.58 -3.75 -12.92
N PHE B 503 -15.60 -2.95 -13.32
CA PHE B 503 -15.27 -1.78 -12.53
C PHE B 503 -15.32 -0.51 -13.31
N GLY B 504 -15.64 -0.60 -14.60
CA GLY B 504 -15.67 0.59 -15.49
C GLY B 504 -14.38 0.77 -16.24
N GLU B 505 -14.48 1.45 -17.38
CA GLU B 505 -13.36 1.65 -18.33
C GLU B 505 -12.21 2.34 -17.67
N ASP B 506 -12.53 3.32 -16.84
CA ASP B 506 -11.49 4.16 -16.23
C ASP B 506 -10.72 3.38 -15.18
N GLN B 507 -11.25 2.23 -14.73
CA GLN B 507 -10.57 1.40 -13.74
C GLN B 507 -9.91 0.14 -14.34
N ALA B 508 -10.10 -0.09 -15.63
CA ALA B 508 -9.85 -1.42 -16.23
C ALA B 508 -8.39 -1.72 -16.24
N ASP B 509 -7.59 -0.77 -16.71
CA ASP B 509 -6.17 -1.00 -16.85
C ASP B 509 -5.50 -1.36 -15.56
N GLU B 510 -5.72 -0.54 -14.56
CA GLU B 510 -5.12 -0.71 -13.26
C GLU B 510 -5.67 -1.91 -12.53
N ALA B 511 -6.95 -2.21 -12.72
CA ALA B 511 -7.53 -3.38 -12.07
C ALA B 511 -6.97 -4.60 -12.73
N MET B 512 -6.88 -4.54 -14.05
CA MET B 512 -6.32 -5.64 -14.78
C MET B 512 -4.89 -5.88 -14.33
N ARG B 513 -4.11 -4.81 -14.15
CA ARG B 513 -2.71 -4.95 -13.76
C ARG B 513 -2.61 -5.72 -12.45
N ILE B 514 -3.47 -5.39 -11.52
CA ILE B 514 -3.47 -5.98 -10.22
C ILE B 514 -4.00 -7.39 -10.27
N LEU B 515 -5.03 -7.60 -11.05
CA LEU B 515 -5.61 -8.91 -11.21
C LEU B 515 -4.56 -9.85 -11.79
N ASN B 516 -3.84 -9.34 -12.77
CA ASN B 516 -2.81 -10.15 -13.40
C ASN B 516 -1.72 -10.47 -12.42
N LEU B 517 -1.35 -9.47 -11.62
CA LEU B 517 -0.24 -9.69 -10.70
C LEU B 517 -0.63 -10.57 -9.56
N TYR B 518 -1.80 -10.40 -8.98
CA TYR B 518 -2.13 -11.20 -7.81
C TYR B 518 -2.25 -12.65 -8.30
N SER B 519 -2.80 -12.85 -9.50
CA SER B 519 -2.95 -14.18 -10.02
C SER B 519 -1.61 -14.82 -10.17
N LYS B 520 -0.65 -14.05 -10.68
CA LYS B 520 0.72 -14.52 -10.80
C LYS B 520 1.34 -14.82 -9.46
N TYR B 521 1.26 -13.88 -8.55
CA TYR B 521 1.84 -14.07 -7.26
C TYR B 521 1.26 -15.30 -6.62
N ASN B 522 -0.04 -15.46 -6.72
CA ASN B 522 -0.71 -16.60 -6.09
C ASN B 522 -0.33 -17.87 -6.79
N GLY B 523 0.01 -17.79 -8.07
CA GLY B 523 0.47 -18.95 -8.78
C GLY B 523 1.75 -19.53 -8.22
N ARG B 524 2.54 -18.70 -7.56
CA ARG B 524 3.85 -19.11 -7.07
C ARG B 524 3.74 -20.21 -6.08
N VAL B 525 2.83 -19.98 -5.16
CA VAL B 525 2.62 -20.87 -4.06
C VAL B 525 1.23 -20.56 -3.50
N THR B 526 0.47 -21.62 -3.32
CA THR B 526 -0.88 -21.48 -2.80
C THR B 526 -0.77 -21.00 -1.37
N GLY B 527 -1.80 -20.33 -0.88
CA GLY B 527 -1.80 -19.92 0.51
C GLY B 527 -1.58 -21.13 1.42
N GLU B 528 -2.18 -22.26 1.06
CA GLU B 528 -2.14 -23.45 1.92
C GLU B 528 -0.72 -24.03 2.00
N MET B 529 0.01 -23.91 0.91
CA MET B 529 1.35 -24.42 0.86
C MET B 529 2.34 -23.37 1.31
N LEU B 530 1.94 -22.11 1.38
CA LEU B 530 2.84 -21.07 1.86
C LEU B 530 3.16 -21.23 3.33
N ASP B 531 4.42 -21.10 3.70
CA ASP B 531 4.79 -20.97 5.08
C ASP B 531 6.12 -20.20 5.25
N ARG B 532 6.65 -20.16 6.46
CA ARG B 532 7.84 -19.37 6.74
C ARG B 532 9.06 -19.77 5.94
N ASN B 533 9.08 -20.98 5.39
CA ASN B 533 10.23 -21.45 4.63
C ASN B 533 10.05 -21.40 3.14
N THR B 534 8.89 -20.99 2.63
CA THR B 534 8.70 -21.01 1.19
C THR B 534 9.79 -20.17 0.53
N TYR B 535 10.11 -19.03 1.12
CA TYR B 535 10.97 -18.06 0.45
C TYR B 535 12.23 -17.99 1.21
N ASN B 536 13.28 -17.52 0.55
CA ASN B 536 14.56 -17.42 1.21
C ASN B 536 14.67 -16.14 2.02
N LEU B 537 14.93 -16.29 3.28
CA LEU B 537 15.02 -15.14 4.18
C LEU B 537 16.34 -14.38 4.03
N GLU B 538 17.43 -15.13 4.04
CA GLU B 538 18.77 -14.56 4.11
C GLU B 538 19.12 -13.77 2.84
N THR B 539 18.60 -14.17 1.69
CA THR B 539 18.92 -13.44 0.50
C THR B 539 18.08 -12.17 0.34
N GLY B 540 17.10 -11.91 1.21
CA GLY B 540 16.18 -10.81 0.99
C GLY B 540 14.98 -11.24 0.15
N GLU B 541 14.91 -12.50 -0.28
CA GLU B 541 13.81 -12.90 -1.17
C GLU B 541 12.44 -12.79 -0.47
N TRP B 542 12.41 -13.14 0.80
CA TRP B 542 11.20 -13.11 1.56
C TRP B 542 10.72 -11.67 1.70
N LYS B 543 11.62 -10.80 2.13
CA LYS B 543 11.28 -9.40 2.27
C LYS B 543 10.81 -8.88 0.95
N GLN B 544 11.45 -9.28 -0.12
CA GLN B 544 11.09 -8.80 -1.42
C GLN B 544 9.63 -9.19 -1.72
N VAL B 545 9.32 -10.47 -1.61
CA VAL B 545 7.99 -10.89 -2.00
C VAL B 545 6.97 -10.36 -1.01
N SER B 546 7.36 -10.22 0.23
CA SER B 546 6.41 -9.66 1.19
C SER B 546 6.18 -8.19 0.89
N ASP B 547 7.24 -7.41 0.78
CA ASP B 547 7.09 -6.02 0.38
C ASP B 547 6.34 -5.83 -0.94
N GLU B 548 6.59 -6.67 -1.91
CA GLU B 548 5.96 -6.54 -3.16
C GLU B 548 4.46 -6.75 -3.07
N TYR B 549 4.03 -7.68 -2.21
CA TYR B 549 2.62 -7.94 -2.14
C TYR B 549 1.92 -6.78 -1.45
N LEU B 550 2.59 -6.23 -0.47
CA LEU B 550 2.08 -5.08 0.25
C LEU B 550 2.02 -3.86 -0.64
N LYS B 551 2.98 -3.71 -1.53
CA LYS B 551 2.92 -2.67 -2.51
C LYS B 551 1.67 -2.87 -3.38
N LEU B 552 1.42 -4.14 -3.78
CA LEU B 552 0.27 -4.43 -4.59
C LEU B 552 -0.99 -4.10 -3.82
N GLU B 553 -0.97 -4.29 -2.51
CA GLU B 553 -2.12 -3.93 -1.67
C GLU B 553 -2.31 -2.42 -1.60
N ALA B 554 -1.22 -1.70 -1.47
CA ALA B 554 -1.29 -0.25 -1.44
C ALA B 554 -1.98 0.20 -2.73
N GLU B 555 -1.59 -0.41 -3.81
CA GLU B 555 -2.14 -0.02 -5.09
C GLU B 555 -3.59 -0.38 -5.24
N ALA B 556 -3.93 -1.54 -4.73
CA ALA B 556 -5.29 -2.00 -4.77
C ALA B 556 -6.16 -1.14 -3.87
N LEU B 557 -5.63 -0.74 -2.74
CA LEU B 557 -6.31 0.19 -1.87
C LEU B 557 -6.50 1.58 -2.49
N ARG B 558 -5.49 2.10 -3.22
CA ARG B 558 -5.68 3.37 -3.92
C ARG B 558 -6.84 3.23 -4.88
N GLN B 559 -6.85 2.12 -5.59
CA GLN B 559 -7.84 1.91 -6.64
C GLN B 559 -9.19 1.81 -5.99
N TYR B 560 -9.26 1.00 -4.95
CA TYR B 560 -10.46 0.82 -4.18
C TYR B 560 -11.04 2.11 -3.72
N ILE B 561 -10.24 2.96 -3.08
CA ILE B 561 -10.83 4.18 -2.55
C ILE B 561 -11.20 5.15 -3.68
N SER B 562 -10.61 4.99 -4.87
CA SER B 562 -10.98 5.80 -6.03
C SER B 562 -12.32 5.38 -6.65
N LEU B 563 -12.82 4.21 -6.32
CA LEU B 563 -14.02 3.69 -6.98
C LEU B 563 -15.25 4.49 -6.64
N LYS B 564 -16.14 4.66 -7.61
CA LYS B 564 -17.55 4.93 -7.31
C LYS B 564 -18.09 3.85 -6.37
N PRO B 565 -18.91 4.27 -5.41
CA PRO B 565 -19.24 3.40 -4.31
C PRO B 565 -19.90 2.08 -4.72
N GLU B 566 -20.61 2.10 -5.82
CA GLU B 566 -21.31 0.91 -6.24
C GLU B 566 -20.39 -0.20 -6.78
N TYR B 567 -19.10 0.08 -6.93
CA TYR B 567 -18.11 -0.89 -7.43
C TYR B 567 -17.30 -1.54 -6.32
N LYS B 568 -17.40 -0.98 -5.12
CA LYS B 568 -16.57 -1.36 -4.03
C LYS B 568 -16.74 -2.85 -3.65
N ASP B 569 -17.97 -3.33 -3.57
CA ASP B 569 -18.17 -4.74 -3.26
C ASP B 569 -17.62 -5.67 -4.31
N ALA B 570 -17.83 -5.36 -5.58
CA ALA B 570 -17.29 -6.20 -6.64
C ALA B 570 -15.77 -6.18 -6.64
N TYR B 571 -15.19 -5.00 -6.41
CA TYR B 571 -13.74 -4.85 -6.44
C TYR B 571 -13.17 -5.56 -5.24
N LYS B 572 -13.82 -5.42 -4.11
CA LYS B 572 -13.36 -6.16 -2.97
C LYS B 572 -13.33 -7.66 -3.24
N GLN B 573 -14.35 -8.20 -3.88
CA GLN B 573 -14.47 -9.64 -4.10
C GLN B 573 -13.47 -10.12 -5.09
N LEU B 574 -13.19 -9.29 -6.09
CA LEU B 574 -12.50 -9.69 -7.29
C LEU B 574 -11.04 -9.31 -7.30
N ILE B 575 -10.67 -8.36 -6.45
CA ILE B 575 -9.32 -7.78 -6.49
C ILE B 575 -8.78 -7.52 -5.10
N LEU B 576 -9.44 -6.65 -4.37
CA LEU B 576 -8.89 -6.21 -3.11
C LEU B 576 -8.83 -7.30 -2.10
N PHE B 577 -9.84 -8.17 -1.99
CA PHE B 577 -9.79 -9.13 -0.93
C PHE B 577 -8.68 -10.16 -1.21
N PRO B 578 -8.64 -10.68 -2.42
CA PRO B 578 -7.58 -11.64 -2.62
C PRO B 578 -6.20 -11.00 -2.41
N VAL B 579 -6.02 -9.78 -2.91
CA VAL B 579 -4.74 -9.10 -2.72
C VAL B 579 -4.44 -8.91 -1.25
N GLN B 580 -5.35 -8.39 -0.50
CA GLN B 580 -5.06 -8.15 0.91
C GLN B 580 -4.88 -9.41 1.70
N ALA B 581 -5.68 -10.42 1.39
CA ALA B 581 -5.61 -11.68 2.10
C ALA B 581 -4.26 -12.33 1.86
N MET B 582 -3.81 -12.37 0.62
CA MET B 582 -2.54 -12.96 0.37
C MET B 582 -1.38 -12.08 0.83
N ALA B 583 -1.42 -10.77 0.59
CA ALA B 583 -0.34 -9.89 1.06
C ALA B 583 -0.15 -10.02 2.54
N ASN B 584 -1.25 -10.07 3.28
CA ASN B 584 -1.17 -10.20 4.71
C ASN B 584 -0.65 -11.58 5.12
N LEU B 585 -1.05 -12.60 4.40
CA LEU B 585 -0.58 -13.94 4.71
C LEU B 585 0.93 -13.96 4.49
N TYR B 586 1.37 -13.40 3.39
CA TYR B 586 2.82 -13.29 3.15
C TYR B 586 3.52 -12.66 4.29
N GLU B 587 2.99 -11.55 4.80
CA GLU B 587 3.66 -10.82 5.82
C GLU B 587 3.68 -11.60 7.09
N MET B 588 2.61 -12.35 7.35
CA MET B 588 2.56 -13.18 8.53
C MET B 588 3.73 -14.14 8.52
N TYR B 589 3.89 -14.87 7.41
CA TYR B 589 4.92 -15.89 7.34
C TYR B 589 6.31 -15.30 7.23
N TYR B 590 6.41 -14.17 6.56
CA TYR B 590 7.64 -13.43 6.52
C TYR B 590 8.03 -13.04 7.93
N ALA B 591 7.13 -12.43 8.65
CA ALA B 591 7.38 -11.98 10.00
C ALA B 591 7.71 -13.16 10.91
N GLN B 592 7.09 -14.29 10.64
CA GLN B 592 7.41 -15.48 11.37
C GLN B 592 8.85 -15.92 11.12
N ALA B 593 9.26 -15.96 9.85
CA ALA B 593 10.62 -16.35 9.52
C ALA B 593 11.61 -15.38 10.20
N MET B 594 11.33 -14.08 10.15
CA MET B 594 12.18 -13.12 10.86
C MET B 594 12.20 -13.41 12.36
N ASN B 595 11.03 -13.74 12.89
CA ASN B 595 10.92 -13.99 14.30
C ASN B 595 11.83 -15.11 14.73
N HIS B 596 11.79 -16.21 13.97
CA HIS B 596 12.61 -17.35 14.24
C HIS B 596 14.06 -16.97 14.07
N LYS B 597 14.41 -16.29 13.00
CA LYS B 597 15.83 -15.92 12.76
C LYS B 597 16.34 -15.11 13.93
N LEU B 598 15.61 -14.07 14.27
CA LEU B 598 16.09 -13.17 15.28
C LEU B 598 16.05 -13.78 16.68
N TYR B 599 15.05 -14.61 16.91
CA TYR B 599 15.00 -15.34 18.18
C TYR B 599 16.25 -16.21 18.34
N LYS B 600 16.63 -16.99 17.33
CA LYS B 600 17.84 -17.79 17.39
C LYS B 600 19.05 -16.93 17.64
N GLU B 601 19.07 -15.72 17.05
CA GLU B 601 20.12 -14.76 17.34
C GLU B 601 20.06 -14.11 18.74
N ASN B 602 19.07 -14.46 19.53
CA ASN B 602 18.81 -13.77 20.83
C ASN B 602 18.67 -12.29 20.73
N ASN B 603 18.05 -11.87 19.67
CA ASN B 603 17.90 -10.47 19.37
C ASN B 603 16.45 -10.09 19.68
N PRO B 604 16.26 -9.12 20.60
CA PRO B 604 14.91 -8.80 21.07
C PRO B 604 14.02 -8.20 19.97
N GLN B 605 14.60 -7.81 18.83
CA GLN B 605 13.81 -7.51 17.65
C GLN B 605 12.87 -8.66 17.29
N ALA B 606 13.18 -9.88 17.69
CA ALA B 606 12.30 -11.01 17.41
C ALA B 606 10.89 -10.73 17.92
N ASN B 607 10.78 -9.92 18.98
CA ASN B 607 9.50 -9.68 19.59
C ASN B 607 8.58 -8.84 18.72
N GLU B 608 9.17 -7.89 18.03
CA GLU B 608 8.41 -7.08 17.08
C GLU B 608 7.86 -7.95 15.98
N TRP B 609 8.66 -8.88 15.52
CA TRP B 609 8.22 -9.73 14.45
C TRP B 609 7.13 -10.67 14.93
N ALA B 610 7.25 -11.11 16.18
CA ALA B 610 6.18 -11.90 16.79
C ALA B 610 4.89 -11.10 16.81
N ASP B 611 4.97 -9.83 17.24
CA ASP B 611 3.80 -8.98 17.21
C ASP B 611 3.19 -8.95 15.82
N LYS B 612 4.05 -8.86 14.80
CA LYS B 612 3.56 -8.76 13.47
C LYS B 612 2.85 -10.06 13.06
N VAL B 613 3.37 -11.22 13.48
CA VAL B 613 2.70 -12.48 13.18
C VAL B 613 1.32 -12.47 13.79
N GLU B 614 1.22 -12.11 15.06
CA GLU B 614 -0.08 -12.01 15.71
C GLU B 614 -1.01 -11.05 14.99
N GLN B 615 -0.48 -9.89 14.63
CA GLN B 615 -1.29 -8.86 13.95
C GLN B 615 -1.79 -9.37 12.59
N ALA B 616 -0.89 -9.94 11.79
CA ALA B 616 -1.30 -10.46 10.53
C ALA B 616 -2.29 -11.62 10.71
N PHE B 617 -2.12 -12.42 11.73
CA PHE B 617 -3.02 -13.53 11.91
C PHE B 617 -4.44 -13.00 12.18
N ALA B 618 -4.50 -12.00 13.03
CA ALA B 618 -5.75 -11.31 13.35
C ALA B 618 -6.32 -10.61 12.13
N ARG B 619 -5.43 -9.97 11.35
CA ARG B 619 -5.85 -9.36 10.11
C ARG B 619 -6.44 -10.39 9.17
N ASP B 620 -5.86 -11.57 9.09
CA ASP B 620 -6.42 -12.57 8.20
C ASP B 620 -7.91 -12.84 8.52
N LYS B 621 -8.17 -12.91 9.81
CA LYS B 621 -9.51 -13.15 10.29
C LYS B 621 -10.41 -11.94 9.98
N ALA B 622 -9.91 -10.74 10.18
CA ALA B 622 -10.71 -9.53 9.97
C ALA B 622 -11.07 -9.39 8.51
N LEU B 623 -10.12 -9.75 7.65
CA LEU B 623 -10.37 -9.65 6.22
C LEU B 623 -11.48 -10.61 5.82
N SER B 624 -11.40 -11.84 6.28
CA SER B 624 -12.46 -12.79 5.90
C SER B 624 -13.81 -12.41 6.57
N ASP B 625 -13.77 -11.91 7.79
CA ASP B 625 -15.01 -11.51 8.46
C ASP B 625 -15.72 -10.43 7.67
N ASP B 626 -14.93 -9.50 7.17
CA ASP B 626 -15.47 -8.47 6.36
C ASP B 626 -16.10 -9.02 5.09
N TYR B 627 -15.39 -9.90 4.37
CA TYR B 627 -15.96 -10.49 3.16
C TYR B 627 -17.28 -11.23 3.40
N ASN B 628 -17.27 -12.10 4.41
CA ASN B 628 -18.48 -12.82 4.81
C ASN B 628 -19.64 -11.96 5.33
N ASN B 629 -19.33 -10.92 6.11
CA ASN B 629 -20.37 -10.30 6.95
C ASN B 629 -20.67 -8.89 6.62
N ILE B 630 -19.75 -8.20 6.00
CA ILE B 630 -19.93 -6.74 5.87
C ILE B 630 -20.08 -6.38 4.44
N MET B 631 -19.12 -6.79 3.63
CA MET B 631 -19.17 -6.66 2.21
C MET B 631 -20.52 -7.18 1.69
N SER B 632 -21.10 -6.41 0.77
CA SER B 632 -22.33 -6.78 0.12
C SER B 632 -23.43 -7.09 1.15
N GLY B 633 -23.39 -6.41 2.30
CA GLY B 633 -24.42 -6.63 3.31
C GLY B 633 -24.43 -8.07 3.77
N GLY B 634 -23.30 -8.76 3.60
CA GLY B 634 -23.19 -10.12 4.08
C GLY B 634 -23.84 -11.09 3.14
N LYS B 635 -24.05 -10.67 1.90
CA LYS B 635 -24.59 -11.57 0.90
C LYS B 635 -23.79 -12.87 0.74
N TRP B 636 -22.47 -12.78 0.85
CA TRP B 636 -21.61 -13.94 0.64
C TRP B 636 -21.21 -14.64 1.92
N LYS B 637 -21.97 -14.48 3.00
CA LYS B 637 -21.63 -15.10 4.27
C LYS B 637 -21.35 -16.58 4.05
N ASN B 638 -20.18 -17.00 4.52
CA ASN B 638 -19.69 -18.40 4.45
C ASN B 638 -18.99 -18.78 3.21
N MET B 639 -18.97 -17.89 2.23
CA MET B 639 -18.19 -18.15 1.03
C MET B 639 -16.68 -18.04 1.28
N MET B 640 -16.28 -17.42 2.38
CA MET B 640 -14.86 -17.18 2.63
C MET B 640 -14.47 -17.61 4.02
N ILE B 641 -14.65 -18.89 4.27
CA ILE B 641 -14.35 -19.47 5.57
C ILE B 641 -13.36 -20.62 5.44
N GLN B 642 -12.90 -20.90 4.23
CA GLN B 642 -11.94 -21.99 4.05
C GLN B 642 -10.69 -21.84 4.96
N LYS B 643 -10.36 -22.91 5.67
CA LYS B 643 -9.18 -22.99 6.53
C LYS B 643 -7.98 -22.96 5.62
N HIS B 644 -7.01 -22.15 6.01
CA HIS B 644 -5.82 -22.01 5.17
C HIS B 644 -4.53 -21.79 5.94
N ILE B 645 -4.60 -21.62 7.27
CA ILE B 645 -3.42 -21.42 8.11
C ILE B 645 -3.36 -22.53 9.17
N GLY B 646 -2.50 -23.52 8.95
CA GLY B 646 -2.45 -24.69 9.82
C GLY B 646 -2.28 -26.04 9.10
N TYR B 647 -2.30 -26.05 7.77
CA TYR B 647 -2.06 -27.28 7.04
C TYR B 647 -0.76 -27.94 7.50
N THR B 648 -0.84 -29.22 7.86
CA THR B 648 0.32 -30.06 8.12
C THR B 648 0.20 -31.32 7.22
N SER B 649 -0.79 -31.29 6.34
CA SER B 649 -1.09 -32.41 5.47
C SER B 649 -1.62 -31.84 4.15
N TRP B 650 -1.94 -32.73 3.22
CA TRP B 650 -2.53 -32.32 1.97
C TRP B 650 -3.95 -31.81 2.20
N ASN B 651 -4.68 -32.46 3.10
CA ASN B 651 -6.07 -32.10 3.39
C ASN B 651 -6.16 -31.14 4.58
N ASP B 652 -7.23 -30.37 4.63
CA ASP B 652 -7.49 -29.46 5.75
C ASP B 652 -8.12 -30.27 6.91
N ASN B 653 -7.40 -31.26 7.42
CA ASN B 653 -7.95 -32.09 8.51
C ASN B 653 -8.16 -31.28 9.77
N PHE B 654 -7.11 -30.54 10.12
CA PHE B 654 -7.09 -29.66 11.32
C PHE B 654 -8.35 -28.78 11.54
N PRO B 655 -8.68 -28.49 12.81
CA PRO B 655 -9.98 -27.81 13.12
C PRO B 655 -10.17 -26.38 12.57
N ALA B 656 -9.10 -25.58 12.56
CA ALA B 656 -9.24 -24.13 12.39
C ALA B 656 -7.93 -23.44 12.07
N ASP B 657 -8.04 -22.23 11.50
CA ASP B 657 -6.83 -21.42 11.27
C ASP B 657 -6.13 -21.18 12.59
N THR B 658 -4.82 -21.40 12.63
CA THR B 658 -4.09 -21.37 13.90
C THR B 658 -2.75 -20.60 13.82
N LEU B 659 -2.47 -19.84 14.89
CA LEU B 659 -1.32 -18.91 14.97
C LEU B 659 -0.05 -19.63 14.63
N PRO B 660 0.71 -19.13 13.64
CA PRO B 660 1.97 -19.80 13.39
C PRO B 660 2.87 -19.64 14.61
N LYS B 661 3.67 -20.65 14.90
CA LYS B 661 4.56 -20.61 16.06
C LYS B 661 5.54 -19.42 16.01
N ILE B 662 5.58 -18.69 17.11
CA ILE B 662 6.52 -17.61 17.27
C ILE B 662 7.19 -17.68 18.63
N TYR B 663 8.35 -17.05 18.76
CA TYR B 663 9.09 -17.03 20.01
C TYR B 663 9.32 -15.63 20.47
N ARG B 664 9.33 -15.43 21.77
CA ARG B 664 9.69 -14.17 22.31
C ARG B 664 10.86 -14.24 23.22
N ILE B 665 11.73 -13.24 23.10
CA ILE B 665 12.78 -13.01 24.07
C ILE B 665 12.10 -12.43 25.32
N GLU B 666 12.13 -13.17 26.42
CA GLU B 666 11.76 -12.63 27.74
C GLU B 666 12.74 -11.50 28.13
N ASN B 667 12.23 -10.49 28.83
CA ASN B 667 13.06 -9.39 29.36
C ASN B 667 13.89 -8.69 28.30
N PRO B 668 13.25 -8.26 27.22
CA PRO B 668 13.99 -7.75 26.08
C PRO B 668 14.77 -6.49 26.40
N GLU B 669 14.36 -5.80 27.46
CA GLU B 669 15.03 -4.58 27.91
C GLU B 669 16.41 -4.89 28.43
N LYS B 670 16.58 -6.12 28.89
CA LYS B 670 17.88 -6.59 29.31
C LYS B 670 18.64 -7.25 28.14
N ALA B 671 17.97 -7.61 27.05
CA ALA B 671 18.66 -8.33 25.98
C ALA B 671 19.38 -7.31 25.07
N VAL B 672 20.36 -6.61 25.64
CA VAL B 672 21.09 -5.54 24.98
C VAL B 672 22.58 -5.85 25.12
N GLY B 673 23.40 -5.43 24.17
CA GLY B 673 24.83 -5.75 24.18
C GLY B 673 25.04 -7.21 23.78
N GLY B 674 26.29 -7.61 23.72
CA GLY B 674 26.64 -9.00 23.45
C GLY B 674 26.61 -9.31 21.98
N TYR B 675 26.43 -8.30 21.13
CA TYR B 675 26.30 -8.57 19.67
C TYR B 675 27.65 -8.85 19.05
N VAL B 676 27.72 -9.92 18.27
CA VAL B 676 28.89 -10.27 17.54
C VAL B 676 28.49 -10.44 16.12
N PHE B 677 29.26 -9.80 15.24
CA PHE B 677 28.95 -9.73 13.83
C PHE B 677 29.90 -10.57 13.03
N THR B 678 29.39 -11.15 11.97
CA THR B 678 30.20 -11.93 11.05
C THR B 678 30.23 -11.21 9.71
N GLY B 679 31.39 -10.80 9.29
CA GLY B 679 31.55 -10.19 8.03
C GLY B 679 31.20 -11.10 6.89
N GLN B 680 30.43 -10.58 5.93
CA GLN B 680 30.17 -11.26 4.70
C GLN B 680 30.30 -10.27 3.56
N ASP B 681 30.63 -10.78 2.39
CA ASP B 681 30.69 -10.01 1.18
C ASP B 681 31.56 -8.80 1.27
N GLY B 682 32.58 -8.86 2.10
CA GLY B 682 33.56 -7.82 2.11
C GLY B 682 33.22 -6.63 2.99
N TYR B 683 32.20 -6.75 3.84
CA TYR B 683 31.92 -5.61 4.74
C TYR B 683 31.21 -6.05 5.94
N ILE B 684 31.18 -5.16 6.92
CA ILE B 684 30.35 -5.36 8.08
C ILE B 684 29.62 -4.07 8.40
N ALA B 685 28.30 -4.08 8.19
CA ALA B 685 27.47 -2.94 8.48
C ALA B 685 26.84 -3.22 9.82
N ILE B 686 27.03 -2.28 10.73
CA ILE B 686 26.63 -2.48 12.07
C ILE B 686 25.74 -1.32 12.54
N GLU B 687 24.51 -1.65 12.93
CA GLU B 687 23.66 -0.65 13.56
C GLU B 687 24.18 -0.40 14.97
N ALA B 688 24.34 0.85 15.35
CA ALA B 688 25.07 1.20 16.57
C ALA B 688 24.50 0.61 17.86
N GLU B 689 23.21 0.40 17.87
CA GLU B 689 22.55 -0.23 18.98
C GLU B 689 23.04 -1.67 19.19
N HIS B 690 23.60 -2.30 18.15
CA HIS B 690 24.07 -3.68 18.25
C HIS B 690 25.53 -3.75 18.68
N TYR B 691 25.79 -3.16 19.83
CA TYR B 691 27.11 -3.12 20.38
C TYR B 691 27.33 -4.42 21.15
N TYR B 692 28.60 -4.70 21.40
CA TYR B 692 28.97 -5.84 22.17
C TYR B 692 28.96 -5.46 23.63
N SER B 693 29.68 -4.40 23.96
CA SER B 693 29.63 -3.83 25.29
C SER B 693 29.78 -2.31 25.22
N ALA B 694 29.51 -1.66 26.34
CA ALA B 694 29.63 -0.23 26.41
C ALA B 694 29.92 0.16 27.80
N LYS B 695 30.67 1.24 27.95
CA LYS B 695 30.97 1.77 29.24
C LYS B 695 30.73 3.25 29.21
N ALA B 696 29.87 3.68 30.11
CA ALA B 696 29.48 5.07 30.22
C ALA B 696 30.49 5.81 31.03
N ALA B 697 30.52 7.12 30.84
CA ALA B 697 31.24 8.04 31.71
C ALA B 697 30.42 8.25 32.96
N PRO B 698 31.04 8.80 34.01
CA PRO B 698 30.28 9.02 35.23
C PRO B 698 29.12 9.96 34.99
N ASP B 699 28.00 9.67 35.64
CA ASP B 699 26.80 10.48 35.57
C ASP B 699 26.20 10.50 34.16
N THR B 700 26.41 9.43 33.41
CA THR B 700 25.86 9.27 32.09
C THR B 700 25.50 7.83 31.90
N GLU B 701 24.66 7.58 30.91
CA GLU B 701 24.19 6.26 30.51
C GLU B 701 24.24 6.25 28.96
N TRP B 702 24.76 5.18 28.40
CA TRP B 702 24.62 4.96 26.97
C TRP B 702 23.15 4.73 26.77
N THR B 703 22.61 5.52 25.85
CA THR B 703 21.20 5.56 25.61
C THR B 703 20.92 5.27 24.12
N VAL B 704 20.01 4.36 23.89
CA VAL B 704 19.44 4.03 22.62
C VAL B 704 18.38 5.04 22.31
N ILE B 705 18.47 5.71 21.17
CA ILE B 705 17.42 6.61 20.70
C ILE B 705 16.76 5.87 19.56
N PRO B 706 15.68 5.13 19.83
CA PRO B 706 15.09 4.33 18.78
C PRO B 706 14.71 5.20 17.59
N TYR B 707 14.88 4.63 16.41
CA TYR B 707 14.56 5.27 15.15
C TYR B 707 15.50 6.37 14.73
N MET B 708 16.40 6.79 15.61
CA MET B 708 17.26 7.88 15.32
C MET B 708 18.18 7.56 14.15
N GLY B 709 18.26 8.49 13.21
CA GLY B 709 19.18 8.33 12.10
C GLY B 709 18.46 7.74 10.93
N ARG B 710 19.22 7.22 9.98
CA ARG B 710 18.66 6.78 8.70
C ARG B 710 18.15 5.38 8.80
N THR B 711 18.75 4.63 9.70
CA THR B 711 18.44 3.24 9.84
C THR B 711 17.98 2.97 11.30
N LEU B 712 18.53 1.99 12.00
CA LEU B 712 17.84 1.42 13.19
C LEU B 712 17.66 2.41 14.30
N SER B 713 18.76 2.98 14.78
CA SER B 713 18.69 3.85 15.94
C SER B 713 20.02 4.52 16.17
N GLY B 714 20.06 5.33 17.20
CA GLY B 714 21.30 6.02 17.54
C GLY B 714 21.67 5.64 18.94
N MET B 715 22.96 5.70 19.24
CA MET B 715 23.46 5.49 20.58
C MET B 715 24.15 6.76 20.97
N ALA B 716 23.83 7.23 22.17
CA ALA B 716 24.42 8.45 22.65
C ALA B 716 24.54 8.38 24.14
N LEU B 717 25.59 9.00 24.60
CA LEU B 717 25.87 9.08 25.98
C LEU B 717 25.06 10.24 26.51
N MET B 718 24.17 9.98 27.46
CA MET B 718 23.27 11.01 27.95
C MET B 718 23.35 11.08 29.45
N PRO B 719 23.13 12.27 30.00
CA PRO B 719 22.82 13.48 29.27
C PRO B 719 24.07 14.15 28.70
N TYR B 720 23.86 15.08 27.78
CA TYR B 720 24.94 15.82 27.13
C TYR B 720 25.59 16.92 27.99
N THR B 721 25.14 17.08 29.24
CA THR B 721 25.70 18.11 30.12
C THR B 721 26.94 17.64 30.82
N GLN B 722 27.33 16.38 30.57
CA GLN B 722 28.43 15.73 31.27
C GLN B 722 29.60 15.45 30.35
N PRO B 723 30.82 15.57 30.88
CA PRO B 723 31.96 15.17 30.03
C PRO B 723 31.90 13.67 29.77
N THR B 724 32.49 13.24 28.67
CA THR B 724 32.34 11.88 28.25
C THR B 724 33.53 11.04 28.64
N ASP B 725 34.50 11.66 29.33
CA ASP B 725 35.76 11.03 29.72
C ASP B 725 35.61 9.57 30.13
N GLY B 726 36.28 8.71 29.37
CA GLY B 726 36.31 7.28 29.65
C GLY B 726 35.14 6.49 29.10
N ALA B 727 34.20 7.12 28.43
CA ALA B 727 33.07 6.35 27.85
C ALA B 727 33.56 5.67 26.60
N SER B 728 33.00 4.52 26.32
CA SER B 728 33.29 3.87 25.07
C SER B 728 32.19 2.89 24.77
N ILE B 729 32.15 2.46 23.53
CA ILE B 729 31.14 1.53 23.09
C ILE B 729 31.81 0.71 22.04
N SER B 730 31.67 -0.59 22.19
CA SER B 730 32.53 -1.52 21.49
C SER B 730 31.69 -2.52 20.74
N TYR B 731 32.19 -2.87 19.56
CA TYR B 731 31.52 -3.78 18.65
C TYR B 731 32.49 -4.91 18.33
N LYS B 732 31.98 -6.14 18.35
CA LYS B 732 32.75 -7.34 18.12
C LYS B 732 32.39 -7.84 16.76
N ILE B 733 33.42 -8.14 15.98
CA ILE B 733 33.24 -8.59 14.62
C ILE B 733 34.14 -9.76 14.29
N LYS B 734 33.73 -10.53 13.32
CA LYS B 734 34.55 -11.62 12.84
C LYS B 734 34.92 -11.25 11.44
N LEU B 735 36.17 -10.89 11.24
CA LEU B 735 36.69 -10.74 9.89
C LEU B 735 37.19 -12.11 9.43
N PRO B 736 37.11 -12.37 8.12
CA PRO B 736 37.98 -13.41 7.65
C PRO B 736 39.41 -13.19 8.11
N LYS B 737 40.03 -14.29 8.55
CA LYS B 737 41.36 -14.22 9.07
C LYS B 737 42.27 -13.84 7.91
N GLY B 738 43.23 -13.00 8.19
CA GLY B 738 44.11 -12.48 7.17
C GLY B 738 43.83 -11.08 6.76
N ILE B 739 42.59 -10.65 6.86
CA ILE B 739 42.30 -9.24 6.53
C ILE B 739 43.12 -8.42 7.52
N ASP B 740 43.96 -7.54 7.02
CA ASP B 740 44.85 -6.77 7.88
C ASP B 740 44.55 -5.28 7.95
N LYS B 741 43.65 -4.80 7.11
CA LYS B 741 43.27 -3.38 7.06
C LYS B 741 41.78 -3.34 6.83
N VAL B 742 41.13 -2.32 7.40
CA VAL B 742 39.76 -2.07 7.11
C VAL B 742 39.58 -0.58 7.07
N THR B 743 38.58 -0.15 6.34
CA THR B 743 38.18 1.23 6.43
C THR B 743 36.89 1.20 7.18
N VAL B 744 36.89 1.83 8.34
CA VAL B 744 35.67 1.88 9.08
C VAL B 744 35.00 3.17 8.75
N HIS B 745 33.76 3.08 8.26
CA HIS B 745 32.88 4.26 8.14
C HIS B 745 32.13 4.43 9.44
N VAL B 746 32.20 5.61 10.00
CA VAL B 746 31.54 5.91 11.27
C VAL B 746 30.48 6.91 10.94
N ILE B 747 29.22 6.57 11.23
CA ILE B 747 28.10 7.40 10.94
C ILE B 747 27.54 7.94 12.23
N VAL B 748 27.69 9.25 12.39
CA VAL B 748 27.11 9.93 13.52
C VAL B 748 26.09 10.93 13.03
N LYS B 749 25.17 11.32 13.91
CA LYS B 749 24.30 12.45 13.63
C LYS B 749 25.15 13.68 13.31
N SER B 750 24.66 14.55 12.42
CA SER B 750 25.37 15.80 12.08
C SER B 750 25.30 16.84 13.18
N THR B 751 25.69 16.44 14.38
CA THR B 751 25.79 17.35 15.51
C THR B 751 26.87 18.37 15.21
N LEU B 752 26.60 19.63 15.53
CA LEU B 752 27.56 20.66 15.23
C LEU B 752 28.34 21.06 16.49
N ALA B 753 29.36 21.88 16.29
CA ALA B 753 30.27 22.29 17.35
C ALA B 753 29.60 23.28 18.32
N PHE B 754 28.65 22.77 19.08
CA PHE B 754 27.87 23.66 19.97
C PHE B 754 28.50 24.01 21.31
N HIS B 755 29.35 23.15 21.84
CA HIS B 755 29.95 23.38 23.16
C HIS B 755 31.27 24.08 23.12
N ASP B 756 31.99 23.90 22.03
CA ASP B 756 33.41 24.13 21.99
C ASP B 756 33.69 24.41 20.55
N ARG B 757 34.27 25.57 20.28
CA ARG B 757 34.54 25.98 18.90
C ARG B 757 35.42 24.99 18.12
N LYS B 758 36.20 24.15 18.81
CA LYS B 758 37.05 23.13 18.14
C LYS B 758 36.24 21.99 17.56
N GLY B 759 35.03 21.78 18.08
CA GLY B 759 34.17 20.77 17.51
C GLY B 759 34.23 19.47 18.26
N HIS B 760 33.51 18.49 17.75
CA HIS B 760 33.38 17.21 18.43
C HIS B 760 34.34 16.19 17.88
N GLU B 761 34.87 15.42 18.79
CA GLU B 761 35.76 14.34 18.43
C GLU B 761 35.31 13.07 19.04
N TYR B 762 35.63 12.01 18.32
CA TYR B 762 35.59 10.71 18.90
C TYR B 762 36.80 9.99 18.44
N SER B 763 37.15 8.93 19.13
CA SER B 763 38.19 8.06 18.61
C SER B 763 37.57 6.75 18.28
N ILE B 764 38.14 6.10 17.28
CA ILE B 764 37.69 4.81 16.81
C ILE B 764 38.98 4.01 16.60
N GLY B 765 38.97 2.75 17.02
CA GLY B 765 40.11 1.90 16.81
C GLY B 765 39.82 0.49 17.23
N PHE B 766 40.67 -0.44 16.82
CA PHE B 766 40.57 -1.83 17.30
C PHE B 766 41.15 -1.95 18.68
N GLU B 767 40.55 -2.79 19.52
CA GLU B 767 41.19 -3.18 20.76
C GLU B 767 42.47 -3.83 20.33
N GLY B 768 43.58 -3.42 20.94
CA GLY B 768 44.90 -3.94 20.57
C GLY B 768 45.60 -3.08 19.55
N GLY B 769 44.96 -2.00 19.13
CA GLY B 769 45.51 -1.16 18.07
C GLY B 769 45.52 0.27 18.44
N LYS B 770 45.93 1.11 17.50
CA LYS B 770 46.03 2.55 17.70
C LYS B 770 44.66 3.18 17.41
N ASP B 771 44.21 4.03 18.32
CA ASP B 771 42.95 4.70 18.17
C ASP B 771 43.15 5.90 17.32
N GLN B 772 42.26 6.09 16.35
CA GLN B 772 42.24 7.34 15.57
C GLN B 772 41.22 8.29 16.14
N THR B 773 41.63 9.53 16.29
CA THR B 773 40.76 10.54 16.78
C THR B 773 40.28 11.31 15.59
N ILE B 774 38.97 11.40 15.48
CA ILE B 774 38.35 12.06 14.36
C ILE B 774 37.54 13.19 14.89
N ASN B 775 37.81 14.35 14.35
CA ASN B 775 36.98 15.51 14.59
C ASN B 775 35.97 15.58 13.46
N PHE B 776 34.70 15.34 13.78
CA PHE B 776 33.74 15.13 12.70
C PHE B 776 32.96 16.35 12.30
N ASN B 777 33.15 17.47 12.98
CA ASN B 777 32.36 18.64 12.60
C ASN B 777 33.08 19.99 12.64
N HIS B 778 34.40 20.00 12.85
CA HIS B 778 35.13 21.26 12.98
C HIS B 778 34.95 22.10 11.71
N ASN B 779 34.76 21.49 10.54
CA ASN B 779 34.44 22.23 9.30
C ASN B 779 32.96 22.45 9.01
N LEU B 780 32.08 22.12 9.94
CA LEU B 780 30.66 22.25 9.64
C LEU B 780 30.23 23.57 10.15
N ASN B 781 30.51 24.59 9.35
CA ASN B 781 30.20 25.98 9.70
C ASN B 781 30.09 26.83 8.44
N GLU B 782 29.84 28.11 8.63
CA GLU B 782 29.50 29.04 7.58
C GLU B 782 30.75 29.71 7.02
N LEU B 783 31.93 29.29 7.47
CA LEU B 783 33.15 29.87 6.90
C LEU B 783 33.22 29.61 5.40
N PRO B 784 33.65 30.62 4.62
CA PRO B 784 33.62 30.54 3.17
C PRO B 784 34.15 29.22 2.62
N GLU B 785 35.27 28.75 3.13
CA GLU B 785 35.82 27.51 2.60
C GLU B 785 34.90 26.31 2.88
N ASN B 786 34.03 26.41 3.88
CA ASN B 786 33.23 25.26 4.36
C ASN B 786 31.78 25.26 3.97
N VAL B 787 31.19 26.46 3.94
CA VAL B 787 29.75 26.63 3.89
C VAL B 787 29.06 25.84 2.77
N TYR B 788 29.59 25.88 1.54
CA TYR B 788 29.00 25.14 0.44
C TYR B 788 29.73 23.86 0.12
N SER B 789 31.02 23.79 0.42
CA SER B 789 31.82 22.58 0.12
C SER B 789 31.49 21.37 1.00
N ILE B 790 31.09 21.63 2.23
CA ILE B 790 30.85 20.53 3.16
C ILE B 790 29.71 20.80 4.15
N TYR B 791 29.59 22.04 4.62
CA TYR B 791 28.65 22.35 5.68
C TYR B 791 27.19 22.06 5.27
N TYR B 792 26.66 22.84 4.32
CA TYR B 792 25.27 22.67 3.94
C TYR B 792 24.95 21.33 3.27
N PRO B 793 25.85 20.85 2.40
CA PRO B 793 25.66 19.47 1.90
C PRO B 793 25.49 18.45 3.00
N THR B 794 26.24 18.61 4.08
CA THR B 794 26.23 17.64 5.16
C THR B 794 24.96 17.78 6.00
N VAL B 795 24.73 18.96 6.51
CA VAL B 795 23.72 19.08 7.54
C VAL B 795 22.33 18.76 7.04
N ALA B 796 22.03 19.12 5.79
CA ALA B 796 20.74 18.78 5.19
C ALA B 796 20.49 17.27 5.14
N ARG B 797 21.57 16.51 5.14
CA ARG B 797 21.48 15.04 5.10
C ARG B 797 21.65 14.44 6.48
N ARG B 798 21.76 15.29 7.50
CA ARG B 798 21.56 14.94 8.91
C ARG B 798 22.60 14.00 9.53
N ILE B 799 23.58 13.56 8.75
CA ILE B 799 24.61 12.65 9.30
C ILE B 799 25.97 13.13 8.96
N VAL B 800 26.94 12.56 9.65
CA VAL B 800 28.32 12.77 9.27
C VAL B 800 28.96 11.43 9.18
N GLU B 801 29.48 11.14 8.00
CA GLU B 801 30.22 9.94 7.71
C GLU B 801 31.71 10.26 7.63
N LYS B 802 32.49 9.60 8.48
CA LYS B 802 33.94 9.73 8.47
C LYS B 802 34.48 8.31 8.30
N LYS B 803 35.55 8.21 7.52
CA LYS B 803 36.21 6.95 7.27
C LYS B 803 37.47 6.89 8.11
N ALA B 804 37.75 5.77 8.75
CA ALA B 804 39.05 5.59 9.39
C ALA B 804 39.70 4.30 8.92
N LYS B 805 40.86 4.41 8.28
CA LYS B 805 41.63 3.24 7.86
C LYS B 805 42.27 2.69 9.10
N LEU B 806 41.99 1.44 9.43
CA LEU B 806 42.50 0.85 10.66
C LEU B 806 43.24 -0.39 10.29
N ASN B 807 44.38 -0.63 10.94
CA ASN B 807 45.13 -1.85 10.75
C ASN B 807 44.59 -2.83 11.73
N VAL B 808 44.39 -4.06 11.28
CA VAL B 808 43.84 -5.11 12.13
C VAL B 808 45.04 -5.53 12.98
N PRO B 809 44.95 -5.44 14.31
CA PRO B 809 46.14 -5.72 15.13
C PRO B 809 46.75 -7.13 14.96
N ASN B 810 45.95 -8.15 15.21
CA ASN B 810 46.32 -9.51 14.89
C ASN B 810 45.25 -10.16 14.02
N THR B 811 45.63 -10.46 12.78
CA THR B 811 44.68 -10.86 11.73
C THR B 811 44.32 -12.34 11.94
N SER B 812 44.95 -12.93 12.95
CA SER B 812 44.73 -14.27 13.40
C SER B 812 43.64 -14.36 14.48
N ASP B 813 43.34 -13.25 15.14
CA ASP B 813 42.27 -13.28 16.11
C ASP B 813 40.95 -13.67 15.45
N GLY B 814 40.12 -14.44 16.16
CA GLY B 814 38.78 -14.80 15.66
C GLY B 814 37.91 -13.58 15.62
N MET B 815 37.82 -12.94 16.76
CA MET B 815 37.06 -11.70 16.79
C MET B 815 37.92 -10.49 17.00
N GLN B 816 37.51 -9.39 16.41
CA GLN B 816 38.09 -8.11 16.65
C GLN B 816 37.05 -7.29 17.33
N THR B 817 37.53 -6.33 18.11
CA THR B 817 36.68 -5.42 18.78
C THR B 817 37.02 -4.04 18.31
N ILE B 818 36.01 -3.35 17.80
CA ILE B 818 36.15 -1.97 17.41
C ILE B 818 35.50 -1.12 18.46
N THR B 819 36.25 -0.10 18.91
CA THR B 819 35.80 0.69 19.99
C THR B 819 35.68 2.16 19.61
N PHE B 820 34.52 2.70 19.94
CA PHE B 820 34.20 4.08 19.63
C PHE B 820 34.21 4.83 20.96
N LYS B 821 34.92 5.92 21.00
CA LYS B 821 35.04 6.71 22.23
C LYS B 821 34.65 8.15 21.93
N PRO B 822 33.47 8.59 22.38
CA PRO B 822 33.11 9.99 22.22
C PRO B 822 33.87 10.81 23.20
N LEU B 823 34.55 11.83 22.72
CA LEU B 823 35.36 12.68 23.54
C LEU B 823 34.66 14.02 23.85
N ASP B 824 33.50 14.23 23.25
CA ASP B 824 32.74 15.42 23.45
C ASP B 824 31.29 15.04 23.57
N PRO B 825 30.56 15.79 24.39
CA PRO B 825 29.17 15.46 24.61
C PRO B 825 28.29 15.70 23.38
N GLY B 826 27.23 14.93 23.30
CA GLY B 826 26.23 15.13 22.27
C GLY B 826 26.46 14.34 20.99
N ILE B 827 27.38 13.38 21.03
CA ILE B 827 27.63 12.55 19.87
C ILE B 827 26.64 11.41 19.84
N VAL B 828 25.97 11.29 18.71
CA VAL B 828 25.03 10.17 18.51
C VAL B 828 25.62 9.27 17.44
N LEU B 829 26.06 8.10 17.86
CA LEU B 829 26.55 7.08 16.94
C LEU B 829 25.37 6.31 16.39
N GLU B 830 25.30 6.21 15.09
CA GLU B 830 24.20 5.57 14.42
C GLU B 830 24.58 4.28 13.75
N LYS B 831 25.72 4.26 13.07
CA LYS B 831 26.13 3.10 12.32
C LYS B 831 27.62 3.11 12.09
N LEU B 832 28.13 1.90 11.93
CA LEU B 832 29.48 1.65 11.54
C LEU B 832 29.48 0.67 10.42
N VAL B 833 30.37 0.92 9.50
CA VAL B 833 30.61 -0.05 8.46
C VAL B 833 32.08 -0.31 8.43
N VAL B 834 32.40 -1.58 8.53
CA VAL B 834 33.75 -2.02 8.44
C VAL B 834 33.92 -2.58 7.09
N ASP B 835 34.65 -1.86 6.28
CA ASP B 835 34.80 -2.20 4.91
C ASP B 835 36.13 -2.86 4.74
N TYR B 836 36.11 -4.07 4.19
CA TYR B 836 37.35 -4.73 3.80
C TYR B 836 37.25 -5.22 2.36
N GLY B 837 36.59 -4.43 1.52
CA GLY B 837 36.58 -4.61 0.09
C GLY B 837 35.18 -4.65 -0.48
N GLY B 838 34.17 -4.93 0.35
CA GLY B 838 32.83 -5.15 -0.18
C GLY B 838 31.87 -4.00 -0.04
N TYR B 839 32.26 -2.93 0.67
CA TYR B 839 31.29 -1.90 0.98
C TYR B 839 30.89 -1.26 -0.33
N LYS B 840 29.60 -1.04 -0.52
CA LYS B 840 29.14 -0.28 -1.68
C LYS B 840 28.41 0.98 -1.15
N LYS B 841 28.77 2.14 -1.67
CA LYS B 841 28.31 3.42 -1.10
C LYS B 841 26.80 3.38 -1.15
N SER B 842 26.20 3.53 0.02
CA SER B 842 24.75 3.36 0.15
C SER B 842 24.23 4.40 1.10
N TYR B 843 23.08 4.97 0.77
CA TYR B 843 22.52 6.00 1.60
C TYR B 843 22.15 5.47 2.97
N LEU B 844 21.81 4.20 3.06
CA LEU B 844 21.53 3.59 4.36
C LEU B 844 22.72 2.79 4.92
N PHE B 845 23.87 2.89 4.26
CA PHE B 845 25.15 2.25 4.59
C PHE B 845 25.09 0.74 4.65
N MET B 846 24.19 0.22 3.83
CA MET B 846 24.03 -1.22 3.53
C MET B 846 23.28 -1.94 4.61
N ASN B 847 22.63 -3.00 4.20
CA ASN B 847 21.89 -3.87 5.10
C ASN B 847 22.78 -4.33 6.21
N GLU B 848 22.24 -4.34 7.41
CA GLU B 848 23.04 -4.75 8.54
C GLU B 848 23.61 -6.17 8.32
N SER B 849 24.83 -6.36 8.74
CA SER B 849 25.46 -7.62 8.58
C SER B 849 24.89 -8.60 9.55
N LYS B 850 25.23 -9.86 9.31
CA LYS B 850 24.80 -10.93 10.15
C LYS B 850 25.38 -10.78 11.57
N SER B 851 24.56 -11.05 12.57
CA SER B 851 24.98 -10.99 13.93
C SER B 851 24.20 -11.95 14.80
N LYS B 852 24.70 -12.16 15.99
CA LYS B 852 23.93 -12.79 17.04
C LYS B 852 24.44 -12.23 18.31
N ARG B 853 23.63 -12.23 19.35
CA ARG B 853 24.23 -11.88 20.66
C ARG B 853 24.31 -13.06 21.65
#